data_3Q61
# 
_entry.id   3Q61 
# 
_audit_conform.dict_name       mmcif_pdbx.dic 
_audit_conform.dict_version    5.379 
_audit_conform.dict_location   http://mmcif.pdb.org/dictionaries/ascii/mmcif_pdbx.dic 
# 
loop_
_database_2.database_id 
_database_2.database_code 
_database_2.pdbx_database_accession 
_database_2.pdbx_DOI 
PDB   3Q61         pdb_00003q61 10.2210/pdb3q61/pdb 
NDB   NA0887       ?            ?                   
RCSB  RCSB063238   ?            ?                   
WWPDB D_1000063238 ?            ?                   
# 
_pdbx_database_status.status_code                     REL 
_pdbx_database_status.entry_id                        3Q61 
_pdbx_database_status.recvd_initial_deposition_date   2010-12-30 
_pdbx_database_status.deposit_site                    RCSB 
_pdbx_database_status.process_site                    RCSB 
_pdbx_database_status.status_code_sf                  REL 
_pdbx_database_status.status_code_mr                  ? 
_pdbx_database_status.SG_entry                        ? 
_pdbx_database_status.status_code_cs                  ? 
_pdbx_database_status.methods_development_category    ? 
_pdbx_database_status.pdb_format_compatible           Y 
_pdbx_database_status.status_code_nmr_data            ? 
# 
loop_
_audit_author.name 
_audit_author.pdbx_ordinal 
'Seth, P.R.'     1  
'Allerson, C.R.' 2  
'Prakash, T.P.'  3  
'Siwkowski, A.'  4  
'Berdeja, A.'    5  
'Yu, J.'         6  
'Pallan, P.S.'   7  
'Watt, A.T.'     8  
'Gaus, H.'       9  
'Bhat, B.'       10 
'Egli, M.'       11 
'Swayze, E.E.'   12 
# 
_citation.id                        primary 
_citation.title                     
;Synthesis, improved antisense activity and structural rationale for the divergent RNA affinities of 3'-fluoro hexitol nucleic acid (FHNA and Ara-FHNA) modified oligonucleotides.
;
_citation.journal_abbrev            J.Am.Chem.Soc. 
_citation.journal_volume            133 
_citation.page_first                16642 
_citation.page_last                 16649 
_citation.year                      2011 
_citation.journal_id_ASTM           JACSAT 
_citation.country                   US 
_citation.journal_id_ISSN           0002-7863 
_citation.journal_id_CSD            0004 
_citation.book_publisher            ? 
_citation.pdbx_database_id_PubMed   21919455 
_citation.pdbx_database_id_DOI      10.1021/ja207086x 
# 
loop_
_citation_author.citation_id 
_citation_author.name 
_citation_author.ordinal 
_citation_author.identifier_ORCID 
primary 'Egli, M.'       1  ? 
primary 'Pallan, P.S.'   2  ? 
primary 'Allerson, C.R.' 3  ? 
primary 'Prakash, T.P.'  4  ? 
primary 'Berdeja, A.'    5  ? 
primary 'Yu, J.'         6  ? 
primary 'Lee, S.'        7  ? 
primary 'Watt, A.'       8  ? 
primary 'Gaus, H.'       9  ? 
primary 'Bhat, B.'       10 ? 
primary 'Swayze, E.E.'   11 ? 
primary 'Seth, P.P.'     12 ? 
# 
_cell.entry_id           3Q61 
_cell.length_a           28.014 
_cell.length_b           43.134 
_cell.length_c           45.507 
_cell.angle_alpha        90.00 
_cell.angle_beta         90.00 
_cell.angle_gamma        90.00 
_cell.Z_PDB              8 
_cell.pdbx_unique_axis   ? 
_cell.length_a_esd       ? 
_cell.length_b_esd       ? 
_cell.length_c_esd       ? 
_cell.angle_alpha_esd    ? 
_cell.angle_beta_esd     ? 
_cell.angle_gamma_esd    ? 
# 
_symmetry.entry_id                         3Q61 
_symmetry.space_group_name_H-M             'P 21 21 21' 
_symmetry.pdbx_full_space_group_name_H-M   ? 
_symmetry.cell_setting                     ? 
_symmetry.Int_Tables_number                19 
_symmetry.space_group_name_Hall            ? 
# 
loop_
_entity.id 
_entity.type 
_entity.src_method 
_entity.pdbx_description 
_entity.formula_weight 
_entity.pdbx_number_of_molecules 
_entity.pdbx_ec 
_entity.pdbx_mutation 
_entity.pdbx_fragment 
_entity.details 
1 polymer syn 
;DNA (5'-D(*GP*CP*GP*TP*AP*(F3H)P*AP*CP*GP*C)-3')
;
3077.023 2  ? ? ? ? 
2 water   nat water                                              18.015   76 ? ? ? ? 
# 
_entity_poly.entity_id                      1 
_entity_poly.type                           polydeoxyribonucleotide 
_entity_poly.nstd_linkage                   no 
_entity_poly.nstd_monomer                   yes 
_entity_poly.pdbx_seq_one_letter_code       '(DG)(DC)(DG)(DT)(DA)(F3H)(DA)(DC)(DG)(DC)' 
_entity_poly.pdbx_seq_one_letter_code_can   GCGTAXACGC 
_entity_poly.pdbx_strand_id                 A,B 
_entity_poly.pdbx_target_identifier         ? 
# 
loop_
_entity_poly_seq.entity_id 
_entity_poly_seq.num 
_entity_poly_seq.mon_id 
_entity_poly_seq.hetero 
1 1  DG  n 
1 2  DC  n 
1 3  DG  n 
1 4  DT  n 
1 5  DA  n 
1 6  F3H n 
1 7  DA  n 
1 8  DC  n 
1 9  DG  n 
1 10 DC  n 
# 
_pdbx_entity_src_syn.entity_id              1 
_pdbx_entity_src_syn.pdbx_src_id            1 
_pdbx_entity_src_syn.pdbx_alt_source_flag   sample 
_pdbx_entity_src_syn.pdbx_beg_seq_num       ? 
_pdbx_entity_src_syn.pdbx_end_seq_num       ? 
_pdbx_entity_src_syn.organism_scientific    ? 
_pdbx_entity_src_syn.organism_common_name   ? 
_pdbx_entity_src_syn.ncbi_taxonomy_id       ? 
_pdbx_entity_src_syn.details                'Chemically synthesized oligonucleotide' 
# 
_struct_ref.id                         1 
_struct_ref.db_name                    PDB 
_struct_ref.db_code                    3Q61 
_struct_ref.pdbx_db_accession          3Q61 
_struct_ref.entity_id                  1 
_struct_ref.pdbx_align_begin           1 
_struct_ref.pdbx_seq_one_letter_code   GCGTAXACGC 
_struct_ref.pdbx_db_isoform            ? 
# 
loop_
_struct_ref_seq.align_id 
_struct_ref_seq.ref_id 
_struct_ref_seq.pdbx_PDB_id_code 
_struct_ref_seq.pdbx_strand_id 
_struct_ref_seq.seq_align_beg 
_struct_ref_seq.pdbx_seq_align_beg_ins_code 
_struct_ref_seq.seq_align_end 
_struct_ref_seq.pdbx_seq_align_end_ins_code 
_struct_ref_seq.pdbx_db_accession 
_struct_ref_seq.db_align_beg 
_struct_ref_seq.pdbx_db_align_beg_ins_code 
_struct_ref_seq.db_align_end 
_struct_ref_seq.pdbx_db_align_end_ins_code 
_struct_ref_seq.pdbx_auth_seq_align_beg 
_struct_ref_seq.pdbx_auth_seq_align_end 
1 1 3Q61 A 1 ? 10 ? 3Q61 101 ? 110 ? 101 110 
2 1 3Q61 B 1 ? 10 ? 3Q61 201 ? 210 ? 201 210 
# 
loop_
_chem_comp.id 
_chem_comp.type 
_chem_comp.mon_nstd_flag 
_chem_comp.name 
_chem_comp.pdbx_synonyms 
_chem_comp.formula 
_chem_comp.formula_weight 
DA  'DNA linking' y "2'-DEOXYADENOSINE-5'-MONOPHOSPHATE" ? 'C10 H14 N5 O6 P'   331.222 
DC  'DNA linking' y "2'-DEOXYCYTIDINE-5'-MONOPHOSPHATE" ? 'C9 H14 N3 O7 P'    307.197 
DG  'DNA linking' y "2'-DEOXYGUANOSINE-5'-MONOPHOSPHATE" ? 'C10 H14 N5 O7 P'   347.221 
DT  'DNA linking' y "THYMIDINE-5'-MONOPHOSPHATE" ? 'C10 H15 N2 O8 P'   322.208 
F3H 'DNA linking' n 
'1,5-anhydro-2,3-dideoxy-3-fluoro-2-(5-methyl-2,4-dioxo-3,4-dihydropyrimidin-1(2H)-yl)-6-O-phosphono-D-altritol' 
'1,5-anhydro-2,3-dideoxy-3-fluoro-2-(thymin-1-yl)-D-altritol-5-dihydrogenphosphate' 'C11 H16 F N2 O8 P' 354.226 
HOH non-polymer   . WATER ?                                                                                   'H2 O'              
18.015  
# 
_exptl.entry_id          3Q61 
_exptl.method            'X-RAY DIFFRACTION' 
_exptl.crystals_number   1 
# 
_exptl_crystal.id                    1 
_exptl_crystal.density_meas          ? 
_exptl_crystal.density_Matthews      2.23 
_exptl_crystal.density_percent_sol   44.94 
_exptl_crystal.description           ? 
_exptl_crystal.F_000                 ? 
_exptl_crystal.preparation           ? 
# 
_exptl_crystal_grow.crystal_id      1 
_exptl_crystal_grow.method          'VAPOR DIFFUSION, HANGING DROP' 
_exptl_crystal_grow.temp            291 
_exptl_crystal_grow.temp_details    ? 
_exptl_crystal_grow.pH              7.0 
_exptl_crystal_grow.pdbx_details    
;20 mM sodium cacodylate, 6 mM sodium chloride, 40 mM potassium chloride, 6 mM spermine tetrahydrochloride, 5% v/v MPD, pH 7.0, VAPOR DIFFUSION, HANGING DROP, temperature 291K
;
_exptl_crystal_grow.pdbx_pH_range   ? 
# 
_diffrn.id                     1 
_diffrn.ambient_temp           100 
_diffrn.ambient_temp_details   ? 
_diffrn.crystal_id             1 
# 
_diffrn_detector.diffrn_id              1 
_diffrn_detector.detector               CCD 
_diffrn_detector.type                   'MARMOSAIC 225 mm CCD' 
_diffrn_detector.pdbx_collection_date   2009-03-12 
_diffrn_detector.details                ? 
# 
_diffrn_radiation.diffrn_id                        1 
_diffrn_radiation.wavelength_id                    1 
_diffrn_radiation.pdbx_monochromatic_or_laue_m_l   M 
_diffrn_radiation.monochromator                    ? 
_diffrn_radiation.pdbx_diffrn_protocol             'SINGLE WAVELENGTH' 
_diffrn_radiation.pdbx_scattering_type             x-ray 
# 
_diffrn_radiation_wavelength.id           1 
_diffrn_radiation_wavelength.wavelength   0.9787 
_diffrn_radiation_wavelength.wt           1.0 
# 
_diffrn_source.diffrn_id                   1 
_diffrn_source.source                      SYNCHROTRON 
_diffrn_source.type                        'APS BEAMLINE 21-ID-F' 
_diffrn_source.pdbx_synchrotron_site       APS 
_diffrn_source.pdbx_synchrotron_beamline   21-ID-F 
_diffrn_source.pdbx_wavelength             ? 
_diffrn_source.pdbx_wavelength_list        0.9787 
# 
_reflns.entry_id                     3Q61 
_reflns.observed_criterion_sigma_I   0 
_reflns.observed_criterion_sigma_F   0 
_reflns.d_resolution_low             31.31 
_reflns.d_resolution_high            1.56 
_reflns.number_obs                   7849 
_reflns.number_all                   7883 
_reflns.percent_possible_obs         99.56 
_reflns.pdbx_Rmerge_I_obs            0.086 
_reflns.pdbx_Rsym_value              ? 
_reflns.pdbx_netI_over_sigmaI        40.5 
_reflns.B_iso_Wilson_estimate        ? 
_reflns.pdbx_redundancy              6.1 
_reflns.R_free_details               ? 
_reflns.limit_h_max                  ? 
_reflns.limit_h_min                  ? 
_reflns.limit_k_max                  ? 
_reflns.limit_k_min                  ? 
_reflns.limit_l_max                  ? 
_reflns.limit_l_min                  ? 
_reflns.observed_criterion_F_max     ? 
_reflns.observed_criterion_F_min     ? 
_reflns.pdbx_chi_squared             ? 
_reflns.pdbx_scaling_rejects         ? 
_reflns.pdbx_ordinal                 1 
_reflns.pdbx_diffrn_id               1 
# 
_reflns_shell.d_res_high             1.56 
_reflns_shell.d_res_low              1.62 
_reflns_shell.percent_possible_all   100 
_reflns_shell.Rmerge_I_obs           0.24 
_reflns_shell.pdbx_Rsym_value        ? 
_reflns_shell.meanI_over_sigI_obs    11.3 
_reflns_shell.pdbx_redundancy        7 
_reflns_shell.percent_possible_obs   ? 
_reflns_shell.number_unique_all      791 
_reflns_shell.number_measured_all    ? 
_reflns_shell.number_measured_obs    ? 
_reflns_shell.number_unique_obs      ? 
_reflns_shell.pdbx_chi_squared       ? 
_reflns_shell.pdbx_ordinal           1 
_reflns_shell.pdbx_diffrn_id         1 
# 
_refine.entry_id                                 3Q61 
_refine.ls_number_reflns_obs                     7849 
_refine.ls_number_reflns_all                     ? 
_refine.pdbx_ls_sigma_I                          ? 
_refine.pdbx_ls_sigma_F                          . 
_refine.pdbx_data_cutoff_high_absF               ? 
_refine.pdbx_data_cutoff_low_absF                ? 
_refine.pdbx_data_cutoff_high_rms_absF           ? 
_refine.ls_d_res_low                             31.31 
_refine.ls_d_res_high                            1.56 
_refine.ls_percent_reflns_obs                    99.56 
_refine.ls_R_factor_obs                          0.16608 
_refine.ls_R_factor_all                          ? 
_refine.ls_R_factor_R_work                       0.16407 
_refine.ls_R_factor_R_free                       0.20887 
_refine.ls_R_factor_R_free_error                 ? 
_refine.ls_R_factor_R_free_error_details         ? 
_refine.ls_percent_reflns_R_free                 4.7 
_refine.ls_number_reflns_R_free                  384 
_refine.ls_number_parameters                     ? 
_refine.ls_number_restraints                     ? 
_refine.occupancy_min                            ? 
_refine.occupancy_max                            ? 
_refine.correlation_coeff_Fo_to_Fc               0.964 
_refine.correlation_coeff_Fo_to_Fc_free          0.945 
_refine.B_iso_mean                               17.373 
_refine.aniso_B[1][1]                            1.27 
_refine.aniso_B[2][2]                            -0.63 
_refine.aniso_B[3][3]                            -0.64 
_refine.aniso_B[1][2]                            0.00 
_refine.aniso_B[1][3]                            0.00 
_refine.aniso_B[2][3]                            0.00 
_refine.solvent_model_details                    MASK 
_refine.solvent_model_param_ksol                 ? 
_refine.solvent_model_param_bsol                 ? 
_refine.pdbx_solvent_vdw_probe_radii             1.40 
_refine.pdbx_solvent_ion_probe_radii             0.80 
_refine.pdbx_solvent_shrinkage_radii             0.80 
_refine.pdbx_ls_cross_valid_method               THROUGHOUT 
_refine.details                                  ? 
_refine.pdbx_starting_model                      'PDB ENTRY 3EY2' 
_refine.pdbx_method_to_determine_struct          'MOLECULAR REPLACEMENT' 
_refine.pdbx_isotropic_thermal_model             ? 
_refine.pdbx_stereochemistry_target_values       'MAXIMUM LIKELIHOOD' 
_refine.pdbx_stereochem_target_val_spec_case     ? 
_refine.pdbx_R_Free_selection_details            RANDOM 
_refine.pdbx_overall_ESU_R_Free                  0.083 
_refine.overall_SU_ML                            0.045 
_refine.overall_SU_B                             2.745 
_refine.overall_SU_R_Cruickshank_DPI             ? 
_refine.ls_redundancy_reflns_obs                 ? 
_refine.B_iso_min                                ? 
_refine.B_iso_max                                ? 
_refine.overall_SU_R_free                        ? 
_refine.ls_wR_factor_R_free                      ? 
_refine.ls_wR_factor_R_work                      ? 
_refine.overall_FOM_free_R_set                   ? 
_refine.overall_FOM_work_R_set                   ? 
_refine.pdbx_overall_phase_error                 ? 
_refine.pdbx_refine_id                           'X-RAY DIFFRACTION' 
_refine.pdbx_overall_ESU_R                       0.098 
_refine.pdbx_diffrn_id                           1 
_refine.pdbx_TLS_residual_ADP_flag               ? 
_refine.pdbx_overall_SU_R_free_Cruickshank_DPI   ? 
_refine.pdbx_overall_SU_R_Blow_DPI               ? 
_refine.pdbx_overall_SU_R_free_Blow_DPI          ? 
# 
_refine_hist.pdbx_refine_id                   'X-RAY DIFFRACTION' 
_refine_hist.cycle_id                         LAST 
_refine_hist.pdbx_number_atoms_protein        0 
_refine_hist.pdbx_number_atoms_nucleic_acid   408 
_refine_hist.pdbx_number_atoms_ligand         0 
_refine_hist.number_atoms_solvent             76 
_refine_hist.number_atoms_total               484 
_refine_hist.d_res_high                       1.56 
_refine_hist.d_res_low                        31.31 
# 
loop_
_refine_ls_restr.type 
_refine_ls_restr.dev_ideal 
_refine_ls_restr.dev_ideal_target 
_refine_ls_restr.weight 
_refine_ls_restr.number 
_refine_ls_restr.pdbx_refine_id 
_refine_ls_restr.pdbx_restraint_function 
r_bond_refined_d     0.020 0.021 ? 452 'X-RAY DIFFRACTION' ? 
r_angle_refined_deg  2.117 3.000 ? 684 'X-RAY DIFFRACTION' ? 
r_chiral_restr       0.137 0.200 ? 76  'X-RAY DIFFRACTION' ? 
r_gen_planes_refined 0.028 0.020 ? 210 'X-RAY DIFFRACTION' ? 
r_scbond_it          3.560 3.000 ? 452 'X-RAY DIFFRACTION' ? 
r_scangle_it         4.265 4.500 ? 684 'X-RAY DIFFRACTION' ? 
r_rigid_bond_restr   2.944 3.000 ? 452 'X-RAY DIFFRACTION' ? 
# 
_refine_ls_shell.pdbx_total_number_of_bins_used   20 
_refine_ls_shell.d_res_high                       1.560 
_refine_ls_shell.d_res_low                        1.600 
_refine_ls_shell.number_reflns_R_work             545 
_refine_ls_shell.R_factor_R_work                  0.135 
_refine_ls_shell.percent_reflns_obs               99.48 
_refine_ls_shell.R_factor_R_free                  0.226 
_refine_ls_shell.R_factor_R_free_error            ? 
_refine_ls_shell.percent_reflns_R_free            ? 
_refine_ls_shell.number_reflns_R_free             34 
_refine_ls_shell.number_reflns_all                ? 
_refine_ls_shell.R_factor_all                     ? 
_refine_ls_shell.number_reflns_obs                ? 
_refine_ls_shell.redundancy_reflns_obs            ? 
_refine_ls_shell.pdbx_refine_id                   'X-RAY DIFFRACTION' 
# 
_struct.entry_id                  3Q61 
_struct.title                     
;3'-Fluoro Hexitol Nucleic Acid DNA Structure
;
_struct.pdbx_model_details        ? 
_struct.pdbx_CASP_flag            ? 
_struct.pdbx_model_type_details   ? 
# 
_struct_keywords.entry_id        3Q61 
_struct_keywords.pdbx_keywords   DNA 
_struct_keywords.text            
;A-FORM DNA, 3'-Fluoro Hexitol Nucleic Acid, FHNA, Antisense oligonucleotides, DNA
;
# 
loop_
_struct_asym.id 
_struct_asym.pdbx_blank_PDB_chainid_flag 
_struct_asym.pdbx_modified 
_struct_asym.entity_id 
_struct_asym.details 
A N N 1 ? 
B N N 1 ? 
C N N 2 ? 
D N N 2 ? 
# 
_struct_biol.id        1 
_struct_biol.details   ? 
# 
loop_
_struct_conn.id 
_struct_conn.conn_type_id 
_struct_conn.pdbx_leaving_atom_flag 
_struct_conn.pdbx_PDB_id 
_struct_conn.ptnr1_label_asym_id 
_struct_conn.ptnr1_label_comp_id 
_struct_conn.ptnr1_label_seq_id 
_struct_conn.ptnr1_label_atom_id 
_struct_conn.pdbx_ptnr1_label_alt_id 
_struct_conn.pdbx_ptnr1_PDB_ins_code 
_struct_conn.pdbx_ptnr1_standard_comp_id 
_struct_conn.ptnr1_symmetry 
_struct_conn.ptnr2_label_asym_id 
_struct_conn.ptnr2_label_comp_id 
_struct_conn.ptnr2_label_seq_id 
_struct_conn.ptnr2_label_atom_id 
_struct_conn.pdbx_ptnr2_label_alt_id 
_struct_conn.pdbx_ptnr2_PDB_ins_code 
_struct_conn.ptnr1_auth_asym_id 
_struct_conn.ptnr1_auth_comp_id 
_struct_conn.ptnr1_auth_seq_id 
_struct_conn.ptnr2_auth_asym_id 
_struct_conn.ptnr2_auth_comp_id 
_struct_conn.ptnr2_auth_seq_id 
_struct_conn.ptnr2_symmetry 
_struct_conn.pdbx_ptnr3_label_atom_id 
_struct_conn.pdbx_ptnr3_label_seq_id 
_struct_conn.pdbx_ptnr3_label_comp_id 
_struct_conn.pdbx_ptnr3_label_asym_id 
_struct_conn.pdbx_ptnr3_label_alt_id 
_struct_conn.pdbx_ptnr3_PDB_ins_code 
_struct_conn.details 
_struct_conn.pdbx_dist_value 
_struct_conn.pdbx_value_order 
_struct_conn.pdbx_role 
hydrog1  hydrog ? ? A DG 1  N1 ? ? ? 1_555 B DC 10 N3 ? ? A DG 101 B DC 210 1_555 ? ? ? ? ? ? WATSON-CRICK ? ? ? 
hydrog2  hydrog ? ? A DG 1  N2 ? ? ? 1_555 B DC 10 O2 ? ? A DG 101 B DC 210 1_555 ? ? ? ? ? ? WATSON-CRICK ? ? ? 
hydrog3  hydrog ? ? A DG 1  O6 ? ? ? 1_555 B DC 10 N4 ? ? A DG 101 B DC 210 1_555 ? ? ? ? ? ? WATSON-CRICK ? ? ? 
hydrog4  hydrog ? ? A DC 2  N3 ? ? ? 1_555 B DG 9  N1 ? ? A DC 102 B DG 209 1_555 ? ? ? ? ? ? WATSON-CRICK ? ? ? 
hydrog5  hydrog ? ? A DC 2  N4 ? ? ? 1_555 B DG 9  O6 ? ? A DC 102 B DG 209 1_555 ? ? ? ? ? ? WATSON-CRICK ? ? ? 
hydrog6  hydrog ? ? A DC 2  O2 ? ? ? 1_555 B DG 9  N2 ? ? A DC 102 B DG 209 1_555 ? ? ? ? ? ? WATSON-CRICK ? ? ? 
hydrog7  hydrog ? ? A DG 3  N1 ? ? ? 1_555 B DC 8  N3 ? ? A DG 103 B DC 208 1_555 ? ? ? ? ? ? WATSON-CRICK ? ? ? 
hydrog8  hydrog ? ? A DG 3  N2 ? ? ? 1_555 B DC 8  O2 ? ? A DG 103 B DC 208 1_555 ? ? ? ? ? ? WATSON-CRICK ? ? ? 
hydrog9  hydrog ? ? A DG 3  O6 ? ? ? 1_555 B DC 8  N4 ? ? A DG 103 B DC 208 1_555 ? ? ? ? ? ? WATSON-CRICK ? ? ? 
hydrog10 hydrog ? ? A DT 4  N3 ? ? ? 1_555 B DA 7  N1 ? ? A DT 104 B DA 207 1_555 ? ? ? ? ? ? WATSON-CRICK ? ? ? 
hydrog11 hydrog ? ? A DT 4  O4 ? ? ? 1_555 B DA 7  N6 ? ? A DT 104 B DA 207 1_555 ? ? ? ? ? ? WATSON-CRICK ? ? ? 
hydrog12 hydrog ? ? A DA 7  N1 ? ? ? 1_555 B DT 4  N3 ? ? A DA 107 B DT 204 1_555 ? ? ? ? ? ? WATSON-CRICK ? ? ? 
hydrog13 hydrog ? ? A DA 7  N6 ? ? ? 1_555 B DT 4  O4 ? ? A DA 107 B DT 204 1_555 ? ? ? ? ? ? WATSON-CRICK ? ? ? 
hydrog14 hydrog ? ? A DC 8  N3 ? ? ? 1_555 B DG 3  N1 ? ? A DC 108 B DG 203 1_555 ? ? ? ? ? ? WATSON-CRICK ? ? ? 
hydrog15 hydrog ? ? A DC 8  N4 ? ? ? 1_555 B DG 3  O6 ? ? A DC 108 B DG 203 1_555 ? ? ? ? ? ? WATSON-CRICK ? ? ? 
hydrog16 hydrog ? ? A DC 8  O2 ? ? ? 1_555 B DG 3  N2 ? ? A DC 108 B DG 203 1_555 ? ? ? ? ? ? WATSON-CRICK ? ? ? 
hydrog17 hydrog ? ? A DG 9  N1 ? ? ? 1_555 B DC 2  N3 ? ? A DG 109 B DC 202 1_555 ? ? ? ? ? ? WATSON-CRICK ? ? ? 
hydrog18 hydrog ? ? A DG 9  N2 ? ? ? 1_555 B DC 2  O2 ? ? A DG 109 B DC 202 1_555 ? ? ? ? ? ? WATSON-CRICK ? ? ? 
hydrog19 hydrog ? ? A DG 9  O6 ? ? ? 1_555 B DC 2  N4 ? ? A DG 109 B DC 202 1_555 ? ? ? ? ? ? WATSON-CRICK ? ? ? 
hydrog20 hydrog ? ? A DC 10 N3 ? ? ? 1_555 B DG 1  N1 ? ? A DC 110 B DG 201 1_555 ? ? ? ? ? ? WATSON-CRICK ? ? ? 
hydrog21 hydrog ? ? A DC 10 N4 ? ? ? 1_555 B DG 1  O6 ? ? A DC 110 B DG 201 1_555 ? ? ? ? ? ? WATSON-CRICK ? ? ? 
hydrog22 hydrog ? ? A DC 10 O2 ? ? ? 1_555 B DG 1  N2 ? ? A DC 110 B DG 201 1_555 ? ? ? ? ? ? WATSON-CRICK ? ? ? 
# 
_struct_conn_type.id          hydrog 
_struct_conn_type.criteria    ? 
_struct_conn_type.reference   ? 
# 
_atom_sites.entry_id                    3Q61 
_atom_sites.fract_transf_matrix[1][1]   -0.00717810 
_atom_sites.fract_transf_matrix[1][2]   -0.02694462 
_atom_sites.fract_transf_matrix[1][3]   -0.02228602 
_atom_sites.fract_transf_matrix[2][1]   0.00915483 
_atom_sites.fract_transf_matrix[2][2]   -0.01497068 
_atom_sites.fract_transf_matrix[2][3]   0.01515142 
_atom_sites.fract_transf_matrix[3][1]   -0.01969964 
_atom_sites.fract_transf_matrix[3][2]   -0.00252965 
_atom_sites.fract_transf_matrix[3][3]   0.00940349 
_atom_sites.fract_transf_vector[1]      0.135481 
_atom_sites.fract_transf_vector[2]      0.027207 
_atom_sites.fract_transf_vector[3]      0.218083 
# 
loop_
_atom_type.symbol 
C 
F 
N 
O 
P 
# 
loop_
_atom_site.group_PDB 
_atom_site.id 
_atom_site.type_symbol 
_atom_site.label_atom_id 
_atom_site.label_alt_id 
_atom_site.label_comp_id 
_atom_site.label_asym_id 
_atom_site.label_entity_id 
_atom_site.label_seq_id 
_atom_site.pdbx_PDB_ins_code 
_atom_site.Cartn_x 
_atom_site.Cartn_y 
_atom_site.Cartn_z 
_atom_site.occupancy 
_atom_site.B_iso_or_equiv 
_atom_site.pdbx_formal_charge 
_atom_site.auth_seq_id 
_atom_site.auth_comp_id 
_atom_site.auth_asym_id 
_atom_site.auth_atom_id 
_atom_site.pdbx_PDB_model_num 
ATOM   1   O "O5'" . DG  A 1 1  ? -6.706  9.596   0.413   1.00 21.78 ? 101 DG  A "O5'" 1 
ATOM   2   C "C5'" . DG  A 1 1  ? -7.928  9.904   -0.234  1.00 18.28 ? 101 DG  A "C5'" 1 
ATOM   3   C "C4'" . DG  A 1 1  ? -7.658  10.341  -1.652  1.00 16.74 ? 101 DG  A "C4'" 1 
ATOM   4   O "O4'" . DG  A 1 1  ? -6.810  11.533  -1.676  1.00 16.47 ? 101 DG  A "O4'" 1 
ATOM   5   C "C3'" . DG  A 1 1  ? -6.935  9.315   -2.542  1.00 15.54 ? 101 DG  A "C3'" 1 
ATOM   6   O "O3'" . DG  A 1 1  ? -7.821  8.343   -3.110  1.00 16.54 ? 101 DG  A "O3'" 1 
ATOM   7   C "C2'" . DG  A 1 1  ? -6.294  10.185  -3.631  1.00 14.08 ? 101 DG  A "C2'" 1 
ATOM   8   C "C1'" . DG  A 1 1  ? -5.924  11.389  -2.785  1.00 15.54 ? 101 DG  A "C1'" 1 
ATOM   9   N N9    . DG  A 1 1  ? -4.585  11.394  -2.235  1.00 14.87 ? 101 DG  A N9    1 
ATOM   10  C C8    . DG  A 1 1  ? -4.220  11.364  -0.924  1.00 17.42 ? 101 DG  A C8    1 
ATOM   11  N N7    . DG  A 1 1  ? -2.919  11.470  -0.756  1.00 17.18 ? 101 DG  A N7    1 
ATOM   12  C C5    . DG  A 1 1  ? -2.420  11.610  -2.052  1.00 14.35 ? 101 DG  A C5    1 
ATOM   13  C C6    . DG  A 1 1  ? -1.105  11.784  -2.505  1.00 14.36 ? 101 DG  A C6    1 
ATOM   14  O O6    . DG  A 1 1  ? -0.075  11.837  -1.862  1.00 14.17 ? 101 DG  A O6    1 
ATOM   15  N N1    . DG  A 1 1  ? -1.016  11.860  -3.896  1.00 12.87 ? 101 DG  A N1    1 
ATOM   16  C C2    . DG  A 1 1  ? -2.105  11.782  -4.752  1.00 14.29 ? 101 DG  A C2    1 
ATOM   17  N N2    . DG  A 1 1  ? -1.818  11.884  -6.053  1.00 13.38 ? 101 DG  A N2    1 
ATOM   18  N N3    . DG  A 1 1  ? -3.358  11.673  -4.341  1.00 14.87 ? 101 DG  A N3    1 
ATOM   19  C C4    . DG  A 1 1  ? -3.428  11.560  -2.969  1.00 13.39 ? 101 DG  A C4    1 
ATOM   20  P P     . DC  A 1 2  ? -7.483  6.793   -3.159  1.00 19.75 ? 102 DC  A P     1 
ATOM   21  O OP1   . DC  A 1 2  ? -8.737  6.143   -3.539  1.00 21.56 ? 102 DC  A OP1   1 
ATOM   22  O OP2   . DC  A 1 2  ? -6.683  6.423   -2.006  1.00 20.09 ? 102 DC  A OP2   1 
ATOM   23  O "O5'" . DC  A 1 2  ? -6.484  6.655   -4.405  1.00 19.43 ? 102 DC  A "O5'" 1 
ATOM   24  C "C5'" . DC  A 1 2  ? -6.861  6.906   -5.796  1.00 18.49 ? 102 DC  A "C5'" 1 
ATOM   25  C "C4'" . DC  A 1 2  ? -5.619  7.180   -6.628  1.00 15.71 ? 102 DC  A "C4'" 1 
ATOM   26  O "O4'" . DC  A 1 2  ? -4.922  8.318   -6.062  1.00 16.05 ? 102 DC  A "O4'" 1 
ATOM   27  C "C3'" . DC  A 1 2  ? -4.539  6.144   -6.478  1.00 16.89 ? 102 DC  A "C3'" 1 
ATOM   28  O "O3'" . DC  A 1 2  ? -4.851  5.078   -7.332  1.00 21.28 ? 102 DC  A "O3'" 1 
ATOM   29  C "C2'" . DC  A 1 2  ? -3.377  6.948   -7.040  1.00 15.26 ? 102 DC  A "C2'" 1 
ATOM   30  C "C1'" . DC  A 1 2  ? -3.531  8.220   -6.300  1.00 16.09 ? 102 DC  A "C1'" 1 
ATOM   31  N N1    . DC  A 1 2  ? -2.796  8.233   -5.025  1.00 14.33 ? 102 DC  A N1    1 
ATOM   32  C C2    . DC  A 1 2  ? -1.407  8.440   -5.055  1.00 13.97 ? 102 DC  A C2    1 
ATOM   33  O O2    . DC  A 1 2  ? -0.929  8.638   -6.175  1.00 13.29 ? 102 DC  A O2    1 
ATOM   34  N N3    . DC  A 1 2  ? -0.687  8.527   -3.906  1.00 13.57 ? 102 DC  A N3    1 
ATOM   35  C C4    . DC  A 1 2  ? -1.323  8.341   -2.739  1.00 14.83 ? 102 DC  A C4    1 
ATOM   36  N N4    . DC  A 1 2  ? -0.568  8.411   -1.646  1.00 15.81 ? 102 DC  A N4    1 
ATOM   37  C C5    . DC  A 1 2  ? -2.741  8.021   -2.659  1.00 14.64 ? 102 DC  A C5    1 
ATOM   38  C C6    . DC  A 1 2  ? -3.419  7.983   -3.793  1.00 14.94 ? 102 DC  A C6    1 
ATOM   39  P P     . DG  A 1 3  ? -4.110  3.614   -7.205  1.00 22.67 ? 103 DG  A P     1 
ATOM   40  O OP1   . DG  A 1 3  ? -4.822  2.782   -8.203  1.00 26.12 ? 103 DG  A OP1   1 
ATOM   41  O OP2   . DG  A 1 3  ? -4.022  3.334   -5.746  1.00 21.96 ? 103 DG  A OP2   1 
ATOM   42  O "O5'" . DG  A 1 3  ? -2.605  3.915   -7.736  1.00 22.00 ? 103 DG  A "O5'" 1 
ATOM   43  C "C5'" . DG  A 1 3  ? -2.231  3.770   -9.009  1.00 22.81 ? 103 DG  A "C5'" 1 
ATOM   44  C "C4'" . DG  A 1 3  ? -0.854  4.389   -9.159  1.00 17.25 ? 103 DG  A "C4'" 1 
ATOM   45  O "O4'" . DG  A 1 3  ? -0.599  5.482   -8.254  1.00 16.14 ? 103 DG  A "O4'" 1 
ATOM   46  C "C3'" . DG  A 1 3  ? 0.233   3.397   -8.803  1.00 16.83 ? 103 DG  A "C3'" 1 
ATOM   47  O "O3'" . DG  A 1 3  ? 0.414   2.580   -9.940  1.00 16.14 ? 103 DG  A "O3'" 1 
ATOM   48  C "C2'" . DG  A 1 3  ? 1.421   4.352   -8.631  1.00 14.54 ? 103 DG  A "C2'" 1 
ATOM   49  C "C1'" . DG  A 1 3  ? 0.766   5.448   -7.820  1.00 12.64 ? 103 DG  A "C1'" 1 
ATOM   50  N N9    . DG  A 1 3  ? 0.760   5.306   -6.364  1.00 12.01 ? 103 DG  A N9    1 
ATOM   51  C C8    . DG  A 1 3  ? -0.325  5.183   -5.522  1.00 13.64 ? 103 DG  A C8    1 
ATOM   52  N N7    . DG  A 1 3  ? 0.003   5.167   -4.269  1.00 12.91 ? 103 DG  A N7    1 
ATOM   53  C C5    . DG  A 1 3  ? 1.396   5.323   -4.269  1.00 11.94 ? 103 DG  A C5    1 
ATOM   54  C C6    . DG  A 1 3  ? 2.356   5.396   -3.208  1.00 14.14 ? 103 DG  A C6    1 
ATOM   55  O O6    . DG  A 1 3  ? 2.127   5.396   -1.984  1.00 13.25 ? 103 DG  A O6    1 
ATOM   56  N N1    . DG  A 1 3  ? 3.676   5.493   -3.679  1.00 11.88 ? 103 DG  A N1    1 
ATOM   57  C C2    . DG  A 1 3  ? 4.017   5.573   -5.004  1.00 12.14 ? 103 DG  A C2    1 
ATOM   58  N N2    . DG  A 1 3  ? 5.315   5.635   -5.284  1.00 11.11 ? 103 DG  A N2    1 
ATOM   59  N N3    . DG  A 1 3  ? 3.152   5.467   -6.001  1.00 12.20 ? 103 DG  A N3    1 
ATOM   60  C C4    . DG  A 1 3  ? 1.867   5.396   -5.566  1.00 10.42 ? 103 DG  A C4    1 
ATOM   61  P P     . DT  A 1 4  ? 1.167   1.170   -9.821  1.00 16.03 ? 104 DT  A P     1 
ATOM   62  O OP1   . DT  A 1 4  ? 1.119   0.575   -11.196 1.00 19.13 ? 104 DT  A OP1   1 
ATOM   63  O OP2   . DT  A 1 4  ? 0.528   0.498   -8.667  1.00 16.85 ? 104 DT  A OP2   1 
ATOM   64  O "O5'" . DT  A 1 4  ? 2.656   1.479   -9.397  1.00 14.58 ? 104 DT  A "O5'" 1 
ATOM   65  C "C5'" . DT  A 1 4  ? 3.642   1.852   -10.316 1.00 14.56 ? 104 DT  A "C5'" 1 
ATOM   66  C "C4'" . DT  A 1 4  ? 5.030   1.773   -9.683  1.00 14.26 ? 104 DT  A "C4'" 1 
ATOM   67  O "O4'" . DT  A 1 4  ? 5.165   2.744   -8.613  1.00 14.33 ? 104 DT  A "O4'" 1 
ATOM   68  C "C3'" . DT  A 1 4  ? 5.287   0.436   -9.019  1.00 13.50 ? 104 DT  A "C3'" 1 
ATOM   69  O "O3'" . DT  A 1 4  ? 5.679   -0.480  -10.008 1.00 15.70 ? 104 DT  A "O3'" 1 
ATOM   70  C "C2'" . DT  A 1 4  ? 6.384   0.795   -8.052  1.00 13.48 ? 104 DT  A "C2'" 1 
ATOM   71  C "C1'" . DT  A 1 4  ? 5.939   2.160   -7.565  1.00 13.38 ? 104 DT  A "C1'" 1 
ATOM   72  N N1    . DT  A 1 4  ? 5.096   2.146   -6.347  1.00 12.11 ? 104 DT  A N1    1 
ATOM   73  C C2    . DT  A 1 4  ? 5.740   2.251   -5.139  1.00 11.49 ? 104 DT  A C2    1 
ATOM   74  O O2    . DT  A 1 4  ? 6.987   2.321   -5.035  1.00 13.41 ? 104 DT  A O2    1 
ATOM   75  N N3    . DT  A 1 4  ? 4.897   2.271   -4.007  1.00 10.86 ? 104 DT  A N3    1 
ATOM   76  C C4    . DT  A 1 4  ? 3.537   2.163   -4.000  1.00 10.02 ? 104 DT  A C4    1 
ATOM   77  O O4    . DT  A 1 4  ? 2.919   2.257   -2.951  1.00 12.48 ? 104 DT  A O4    1 
ATOM   78  C C5    . DT  A 1 4  ? 2.899   1.992   -5.310  1.00 12.36 ? 104 DT  A C5    1 
ATOM   79  C C7    . DT  A 1 4  ? 1.403   1.816   -5.432  1.00 13.04 ? 104 DT  A C7    1 
ATOM   80  C C6    . DT  A 1 4  ? 3.691   2.001   -6.431  1.00 12.81 ? 104 DT  A C6    1 
ATOM   81  P P     . DA  A 1 5  ? 5.275   -2.014  -9.839  1.00 16.71 ? 105 DA  A P     1 
ATOM   82  O OP1   . DA  A 1 5  ? 5.798   -2.668  -11.059 1.00 20.38 ? 105 DA  A OP1   1 
ATOM   83  O OP2   . DA  A 1 5  ? 3.851   -2.200  -9.476  1.00 16.75 ? 105 DA  A OP2   1 
ATOM   84  O "O5'" . DA  A 1 5  ? 6.196   -2.494  -8.637  1.00 16.98 ? 105 DA  A "O5'" 1 
ATOM   85  C "C5'" . DA  A 1 5  ? 5.709   -3.353  -7.547  1.00 15.09 ? 105 DA  A "C5'" 1 
ATOM   86  C "C4'" . DA  A 1 5  ? 6.725   -3.200  -6.464  1.00 14.01 ? 105 DA  A "C4'" 1 
ATOM   87  O "O4'" . DA  A 1 5  ? 6.688   -1.839  -5.935  1.00 13.93 ? 105 DA  A "O4'" 1 
ATOM   88  C "C3'" . DA  A 1 5  ? 6.417   -4.069  -5.256  1.00 14.27 ? 105 DA  A "C3'" 1 
ATOM   89  O "O3'" . DA  A 1 5  ? 6.914   -5.412  -5.514  1.00 15.33 ? 105 DA  A "O3'" 1 
ATOM   90  C "C2'" . DA  A 1 5  ? 7.252   -3.349  -4.220  1.00 14.76 ? 105 DA  A "C2'" 1 
ATOM   91  C "C1'" . DA  A 1 5  ? 6.973   -1.878  -4.558  1.00 14.48 ? 105 DA  A "C1'" 1 
ATOM   92  N N9    . DA  A 1 5  ? 5.778   -1.388  -3.837  1.00 13.11 ? 105 DA  A N9    1 
ATOM   93  C C8    . DA  A 1 5  ? 4.508   -1.239  -4.308  1.00 11.54 ? 105 DA  A C8    1 
ATOM   94  N N7    . DA  A 1 5  ? 3.632   -0.861  -3.397  1.00 12.19 ? 105 DA  A N7    1 
ATOM   95  C C5    . DA  A 1 5  ? 4.373   -0.779  -2.227  1.00 11.80 ? 105 DA  A C5    1 
ATOM   96  C C6    . DA  A 1 5  ? 4.034   -0.454  -0.886  1.00 12.46 ? 105 DA  A C6    1 
ATOM   97  N N6    . DA  A 1 5  ? 2.767   -0.075  -0.529  1.00 12.17 ? 105 DA  A N6    1 
ATOM   98  N N1    . DA  A 1 5  ? 5.053   -0.501  0.010   1.00 12.29 ? 105 DA  A N1    1 
ATOM   99  C C2    . DA  A 1 5  ? 6.266   -0.838  -0.358  1.00 12.82 ? 105 DA  A C2    1 
ATOM   100 N N3    . DA  A 1 5  ? 6.688   -1.177  -1.576  1.00 11.99 ? 105 DA  A N3    1 
ATOM   101 C C4    . DA  A 1 5  ? 5.699   -1.115  -2.471  1.00 12.75 ? 105 DA  A C4    1 
HETATM 102 P P     . F3H A 1 6  ? 6.206   -6.639  -4.847  1.00 17.94 ? 106 F3H A P     1 
HETATM 103 N N1    . F3H A 1 6  ? 5.950   -4.450  0.437   1.00 14.72 ? 106 F3H A N1    1 
HETATM 104 C C2    . F3H A 1 6  ? 5.259   -4.035  1.570   1.00 12.37 ? 106 F3H A C2    1 
HETATM 105 O O2    . F3H A 1 6  ? 5.796   -4.037  2.771   1.00 14.67 ? 106 F3H A O2    1 
HETATM 106 N N3    . F3H A 1 6  ? 3.983   -3.627  1.450   1.00 13.17 ? 106 F3H A N3    1 
HETATM 107 C C4    . F3H A 1 6  ? 3.366   -3.637  0.237   1.00 13.64 ? 106 F3H A C4    1 
HETATM 108 O O4    . F3H A 1 6  ? 2.124   -3.242  0.204   1.00 14.14 ? 106 F3H A O4    1 
HETATM 109 C C5    . F3H A 1 6  ? 4.024   -4.097  -0.923  1.00 13.54 ? 106 F3H A C5    1 
HETATM 110 C C6    . F3H A 1 6  ? 5.348   -4.476  -0.783  1.00 13.75 ? 106 F3H A C6    1 
HETATM 111 C "C1'" . F3H A 1 6  ? 7.315   -4.938  0.648   1.00 15.69 ? 106 F3H A "C1'" 1 
HETATM 112 C "C2'" . F3H A 1 6  ? 7.345   -6.453  0.742   1.00 15.89 ? 106 F3H A "C2'" 1 
HETATM 113 F "F2'" . F3H A 1 6  ? 8.579   -6.773  1.226   1.00 18.32 ? 106 F3H A "F2'" 1 
HETATM 114 C "C3'" . F3H A 1 6  ? 7.195   -7.101  -0.638  1.00 17.38 ? 106 F3H A "C3'" 1 
HETATM 115 O "O3'" . F3H A 1 6  ? 7.428   -8.514  -0.501  1.00 19.00 ? 106 F3H A "O3'" 1 
HETATM 116 C "C4'" . F3H A 1 6  ? 8.227   -6.503  -1.612  1.00 16.07 ? 106 F3H A "C4'" 1 
HETATM 117 O "O4'" . F3H A 1 6  ? 8.049   -5.080  -1.598  1.00 17.00 ? 106 F3H A "O4'" 1 
HETATM 118 C "C5'" . F3H A 1 6  ? 7.952   -7.002  -3.014  1.00 17.71 ? 106 F3H A "C5'" 1 
HETATM 119 O "O5'" . F3H A 1 6  ? 6.623   -6.679  -3.336  1.00 16.96 ? 106 F3H A "O5'" 1 
HETATM 120 C C5M   . F3H A 1 6  ? 3.299   -4.164  -2.241  1.00 13.22 ? 106 F3H A C5M   1 
HETATM 121 C "C6'" . F3H A 1 6  ? 8.331   -4.458  -0.366  1.00 15.05 ? 106 F3H A "C6'" 1 
HETATM 122 O OP1   . F3H A 1 6  ? 6.810   -7.949  -5.562  1.00 22.87 ? 106 F3H A OP1   1 
HETATM 123 O OP2   . F3H A 1 6  ? 4.623   -6.484  -4.935  1.00 19.69 ? 106 F3H A OP2   1 
ATOM   124 P P     . DA  A 1 7  ? 6.253   -9.554  -0.284  1.00 19.76 ? 107 DA  A P     1 
ATOM   125 O OP1   . DA  A 1 7  ? 6.927   -10.865 -0.512  1.00 23.81 ? 107 DA  A OP1   1 
ATOM   126 O OP2   . DA  A 1 7  ? 5.023   -9.316  -1.039  1.00 20.40 ? 107 DA  A OP2   1 
ATOM   127 O "O5'" . DA  A 1 7  ? 5.900   -9.335  1.272   1.00 19.49 ? 107 DA  A "O5'" 1 
ATOM   128 C "C5'" . DA  A 1 7  ? 6.812   -9.566  2.281   1.00 16.33 ? 107 DA  A "C5'" 1 
ATOM   129 C "C4'" . DA  A 1 7  ? 6.209   -9.115  3.598   1.00 18.10 ? 107 DA  A "C4'" 1 
ATOM   130 O "O4'" . DA  A 1 7  ? 5.979   -7.693  3.567   1.00 16.66 ? 107 DA  A "O4'" 1 
ATOM   131 C "C3'" . DA  A 1 7  ? 4.855   -9.700  4.000   1.00 20.21 ? 107 DA  A "C3'" 1 
ATOM   132 O "O3'" . DA  A 1 7  ? 5.015   -11.014 4.564   1.00 21.34 ? 107 DA  A "O3'" 1 
ATOM   133 C "C2'" . DA  A 1 7  ? 4.466   -8.676  5.063   1.00 16.29 ? 107 DA  A "C2'" 1 
ATOM   134 C "C1'" . DA  A 1 7  ? 4.853   -7.364  4.350   1.00 13.54 ? 107 DA  A "C1'" 1 
ATOM   135 N N9    . DA  A 1 7  ? 3.806   -6.916  3.436   1.00 13.88 ? 107 DA  A N9    1 
ATOM   136 C C8    . DA  A 1 7  ? 3.677   -7.099  2.092   1.00 13.04 ? 107 DA  A C8    1 
ATOM   137 N N7    . DA  A 1 7  ? 2.577   -6.583  1.601   1.00 13.11 ? 107 DA  A N7    1 
ATOM   138 C C5    . DA  A 1 7  ? 1.926   -6.041  2.720   1.00 12.79 ? 107 DA  A C5    1 
ATOM   139 C C6    . DA  A 1 7  ? 0.679   -5.365  2.879   1.00 13.81 ? 107 DA  A C6    1 
ATOM   140 N N6    . DA  A 1 7  ? -0.164  -5.094  1.843   1.00 13.65 ? 107 DA  A N6    1 
ATOM   141 N N1    . DA  A 1 7  ? 0.347   -5.066  4.183   1.00 12.15 ? 107 DA  A N1    1 
ATOM   142 C C2    . DA  A 1 7  ? 1.198   -5.308  5.201   1.00 14.33 ? 107 DA  A C2    1 
ATOM   143 N N3    . DA  A 1 7  ? 2.389   -5.931  5.168   1.00 13.27 ? 107 DA  A N3    1 
ATOM   144 C C4    . DA  A 1 7  ? 2.662   -6.300  3.874   1.00 11.95 ? 107 DA  A C4    1 
ATOM   145 P P     . DC  A 1 8  ? 3.859   -12.078 4.332   1.00 22.66 ? 108 DC  A P     1 
ATOM   146 O OP1   . DC  A 1 8  ? 4.289   -13.332 4.988   1.00 27.36 ? 108 DC  A OP1   1 
ATOM   147 O OP2   . DC  A 1 8  ? 3.342   -12.033 2.969   1.00 25.30 ? 108 DC  A OP2   1 
ATOM   148 O "O5'" . DC  A 1 8  ? 2.608   -11.508 5.173   1.00 20.48 ? 108 DC  A "O5'" 1 
ATOM   149 C "C5'" . DC  A 1 8  ? 2.628   -11.396 6.534   1.00 20.64 ? 108 DC  A "C5'" 1 
ATOM   150 C "C4'" . DC  A 1 8  ? 1.470   -10.579 7.045   1.00 15.93 ? 108 DC  A "C4'" 1 
ATOM   151 O "O4'" . DC  A 1 8  ? 1.485   -9.295  6.402   1.00 15.70 ? 108 DC  A "O4'" 1 
ATOM   152 C "C3'" . DC  A 1 8  ? 0.055   -11.079 6.824   1.00 17.81 ? 108 DC  A "C3'" 1 
ATOM   153 O "O3'" . DC  A 1 8  ? -0.245  -12.128 7.705   1.00 18.32 ? 108 DC  A "O3'" 1 
ATOM   154 C "C2'" . DC  A 1 8  ? -0.721  -9.793  7.109   1.00 14.54 ? 108 DC  A "C2'" 1 
ATOM   155 C "C1'" . DC  A 1 8  ? 0.163   -8.764  6.392   1.00 14.03 ? 108 DC  A "C1'" 1 
ATOM   156 N N1    . DC  A 1 8  ? -0.294  -8.539  4.964   1.00 13.33 ? 108 DC  A N1    1 
ATOM   157 C C2    . DC  A 1 8  ? -1.446  -7.773  4.800   1.00 13.44 ? 108 DC  A C2    1 
ATOM   158 O O2    . DC  A 1 8  ? -1.997  -7.308  5.795   1.00 14.56 ? 108 DC  A O2    1 
ATOM   159 N N3    . DC  A 1 8  ? -1.895  -7.540  3.544   1.00 12.80 ? 108 DC  A N3    1 
ATOM   160 C C4    . DC  A 1 8  ? -1.295  -8.068  2.497   1.00 12.97 ? 108 DC  A C4    1 
ATOM   161 N N4    . DC  A 1 8  ? -1.871  -7.839  1.298   1.00 13.48 ? 108 DC  A N4    1 
ATOM   162 C C5    . DC  A 1 8  ? -0.137  -8.928  2.635   1.00 14.03 ? 108 DC  A C5    1 
ATOM   163 C C6    . DC  A 1 8  ? 0.329   -9.112  3.872   1.00 13.56 ? 108 DC  A C6    1 
ATOM   164 P P     . DG  A 1 9  ? -1.420  -13.160 7.359   1.00 17.03 ? 109 DG  A P     1 
ATOM   165 O OP1   . DG  A 1 9  ? -1.330  -14.169 8.459   1.00 20.73 ? 109 DG  A OP1   1 
ATOM   166 O OP2   . DG  A 1 9  ? -1.365  -13.550 5.936   1.00 19.92 ? 109 DG  A OP2   1 
ATOM   167 O "O5'" . DG  A 1 9  ? -2.788  -12.328 7.483   1.00 15.18 ? 109 DG  A "O5'" 1 
ATOM   168 C "C5'" . DG  A 1 9  ? -3.237  -11.891 8.724   1.00 14.72 ? 109 DG  A "C5'" 1 
ATOM   169 C "C4'" . DG  A 1 9  ? -4.437  -10.962 8.626   1.00 13.96 ? 109 DG  A "C4'" 1 
ATOM   170 O "O4'" . DG  A 1 9  ? -4.136  -9.822  7.768   1.00 14.30 ? 109 DG  A "O4'" 1 
ATOM   171 C "C3'" . DG  A 1 9  ? -5.593  -11.579 7.918   1.00 13.81 ? 109 DG  A "C3'" 1 
ATOM   172 O "O3'" . DG  A 1 9  ? -6.273  -12.443 8.801   1.00 15.39 ? 109 DG  A "O3'" 1 
ATOM   173 C "C2'" . DG  A 1 9  ? -6.432  -10.397 7.609   1.00 13.81 ? 109 DG  A "C2'" 1 
ATOM   174 C "C1'" . DG  A 1 9  ? -5.340  -9.463  7.096   1.00 13.24 ? 109 DG  A "C1'" 1 
ATOM   175 N N9    . DG  A 1 9  ? -5.093  -9.514  5.654   1.00 11.23 ? 109 DG  A N9    1 
ATOM   176 C C8    . DG  A 1 9  ? -4.061  -10.053 4.961   1.00 12.62 ? 109 DG  A C8    1 
ATOM   177 N N7    . DG  A 1 9  ? -4.181  -9.873  3.665   1.00 12.35 ? 109 DG  A N7    1 
ATOM   178 C C5    . DG  A 1 9  ? -5.338  -9.096  3.520   1.00 12.98 ? 109 DG  A C5    1 
ATOM   179 C C6    . DG  A 1 9  ? -5.966  -8.508  2.393   1.00 11.69 ? 109 DG  A C6    1 
ATOM   180 O O6    . DG  A 1 9  ? -5.595  -8.523  1.208   1.00 13.76 ? 109 DG  A O6    1 
ATOM   181 N N1    . DG  A 1 9  ? -7.146  -7.824  2.727   1.00 11.98 ? 109 DG  A N1    1 
ATOM   182 C C2    . DG  A 1 9  ? -7.648  -7.687  3.999   1.00 12.50 ? 109 DG  A C2    1 
ATOM   183 N N2    . DG  A 1 9  ? -8.836  -7.089  4.131   1.00 14.49 ? 109 DG  A N2    1 
ATOM   184 N N3    . DG  A 1 9  ? -7.059  -8.241  5.087   1.00 11.42 ? 109 DG  A N3    1 
ATOM   185 C C4    . DG  A 1 9  ? -5.930  -8.922  4.750   1.00 11.35 ? 109 DG  A C4    1 
ATOM   186 P P     . DC  A 1 10 ? -7.309  -13.583 8.220   1.00 15.19 ? 110 DC  A P     1 
ATOM   187 O OP1   . DC  A 1 10 ? -7.802  -14.319 9.416   1.00 17.82 ? 110 DC  A OP1   1 
ATOM   188 O OP2   . DC  A 1 10 ? -6.704  -14.293 7.057   1.00 15.39 ? 110 DC  A OP2   1 
ATOM   189 O "O5'" . DC  A 1 10 ? -8.461  -12.652 7.658   1.00 17.05 ? 110 DC  A "O5'" 1 
ATOM   190 C "C5'" . DC  A 1 10 ? -9.415  -11.934 8.509   1.00 14.09 ? 110 DC  A "C5'" 1 
ATOM   191 C "C4'" . DC  A 1 10 ? -10.437 -11.252 7.581   1.00 15.59 ? 110 DC  A "C4'" 1 
ATOM   192 O "O4'" . DC  A 1 10 ? -9.837  -10.287 6.675   1.00 13.47 ? 110 DC  A "O4'" 1 
ATOM   193 C "C3'" . DC  A 1 10 ? -11.301 -12.161 6.710   1.00 14.64 ? 110 DC  A "C3'" 1 
ATOM   194 O "O3'" . DC  A 1 10 ? -12.327 -12.745 7.534   1.00 14.00 ? 110 DC  A "O3'" 1 
ATOM   195 C "C2'" . DC  A 1 10 ? -11.858 -11.163 5.737   1.00 12.84 ? 110 DC  A "C2'" 1 
ATOM   196 C "C1'" . DC  A 1 10 ? -10.683 -10.229 5.529   1.00 12.22 ? 110 DC  A "C1'" 1 
ATOM   197 N N1    . DC  A 1 10 ? -9.794  -10.554 4.355   1.00 12.61 ? 110 DC  A N1    1 
ATOM   198 C C2    . DC  A 1 10 ? -10.157 -10.052 3.113   1.00 12.25 ? 110 DC  A C2    1 
ATOM   199 O O2    . DC  A 1 10 ? -11.222 -9.405  3.081   1.00 12.43 ? 110 DC  A O2    1 
ATOM   200 N N3    . DC  A 1 10 ? -9.381  -10.327 2.022   1.00 11.18 ? 110 DC  A N3    1 
ATOM   201 C C4    . DC  A 1 10 ? -8.263  -11.068 2.200   1.00 11.71 ? 110 DC  A C4    1 
ATOM   202 N N4    . DC  A 1 10 ? -7.533  -11.258 1.116   1.00 14.83 ? 110 DC  A N4    1 
ATOM   203 C C5    . DC  A 1 10 ? -7.905  -11.641 3.458   1.00 12.79 ? 110 DC  A C5    1 
ATOM   204 C C6    . DC  A 1 10 ? -8.667  -11.365 4.533   1.00 14.15 ? 110 DC  A C6    1 
ATOM   205 O "O5'" . DG  B 1 1  ? -9.822  -6.418  -7.253  1.00 27.64 ? 201 DG  B "O5'" 1 
ATOM   206 C "C5'" . DG  B 1 1  ? -11.032 -5.846  -7.639  1.00 27.26 ? 201 DG  B "C5'" 1 
ATOM   207 C "C4'" . DG  B 1 1  ? -12.004 -5.775  -6.462  1.00 25.07 ? 201 DG  B "C4'" 1 
ATOM   208 O "O4'" . DG  B 1 1  ? -12.422 -7.092  -6.053  1.00 26.77 ? 201 DG  B "O4'" 1 
ATOM   209 C "C3'" . DG  B 1 1  ? -11.524 -5.061  -5.224  1.00 21.88 ? 201 DG  B "C3'" 1 
ATOM   210 O "O3'" . DG  B 1 1  ? -11.816 -3.746  -5.378  1.00 21.21 ? 201 DG  B "O3'" 1 
ATOM   211 C "C2'" . DG  B 1 1  ? -12.401 -5.657  -4.129  1.00 20.11 ? 201 DG  B "C2'" 1 
ATOM   212 C "C1'" . DG  B 1 1  ? -12.427 -7.087  -4.613  1.00 23.77 ? 201 DG  B "C1'" 1 
ATOM   213 N N9    . DG  B 1 1  ? -11.304 -7.866  -4.107  1.00 20.82 ? 201 DG  B N9    1 
ATOM   214 C C8    . DG  B 1 1  ? -10.323 -8.483  -4.831  1.00 22.62 ? 201 DG  B C8    1 
ATOM   215 N N7    . DG  B 1 1  ? -9.479  -9.206  -4.114  1.00 22.17 ? 201 DG  B N7    1 
ATOM   216 C C5    . DG  B 1 1  ? -9.948  -9.033  -2.805  1.00 19.33 ? 201 DG  B C5    1 
ATOM   217 C C6    . DG  B 1 1  ? -9.445  -9.530  -1.562  1.00 16.02 ? 201 DG  B C6    1 
ATOM   218 O O6    . DG  B 1 1  ? -8.454  -10.270 -1.393  1.00 17.99 ? 201 DG  B O6    1 
ATOM   219 N N1    . DG  B 1 1  ? -10.215 -9.158  -0.448  1.00 15.88 ? 201 DG  B N1    1 
ATOM   220 C C2    . DG  B 1 1  ? -11.339 -8.367  -0.514  1.00 15.92 ? 201 DG  B C2    1 
ATOM   221 N N2    . DG  B 1 1  ? -11.947 -8.063  0.652   1.00 13.80 ? 201 DG  B N2    1 
ATOM   222 N N3    . DG  B 1 1  ? -11.812 -7.864  -1.691  1.00 18.24 ? 201 DG  B N3    1 
ATOM   223 C C4    . DG  B 1 1  ? -11.080 -8.229  -2.787  1.00 17.98 ? 201 DG  B C4    1 
ATOM   224 P P     . DC  B 1 2  ? -10.970 -2.623  -4.667  1.00 19.78 ? 202 DC  B P     1 
ATOM   225 O OP1   . DC  B 1 2  ? -11.523 -1.339  -5.124  1.00 25.73 ? 202 DC  B OP1   1 
ATOM   226 O OP2   . DC  B 1 2  ? -9.548  -2.978  -4.848  1.00 21.93 ? 202 DC  B OP2   1 
ATOM   227 O "O5'" . DC  B 1 2  ? -11.226 -2.738  -3.087  1.00 19.58 ? 202 DC  B "O5'" 1 
ATOM   228 C "C5'" . DC  B 1 2  ? -12.571 -2.588  -2.598  1.00 19.87 ? 202 DC  B "C5'" 1 
ATOM   229 C "C4'" . DC  B 1 2  ? -12.610 -2.922  -1.133  1.00 19.58 ? 202 DC  B "C4'" 1 
ATOM   230 O "O4'" . DC  B 1 2  ? -12.315 -4.304  -1.002  1.00 17.88 ? 202 DC  B "O4'" 1 
ATOM   231 C "C3'" . DC  B 1 2  ? -11.589 -2.254  -0.263  1.00 18.63 ? 202 DC  B "C3'" 1 
ATOM   232 O "O3'" . DC  B 1 2  ? -12.227 -1.040  0.038   1.00 24.65 ? 202 DC  B "O3'" 1 
ATOM   233 C "C2'" . DC  B 1 2  ? -11.480 -3.168  0.946   1.00 16.26 ? 202 DC  B "C2'" 1 
ATOM   234 C "C1'" . DC  B 1 2  ? -11.599 -4.480  0.241   1.00 14.73 ? 202 DC  B "C1'" 1 
ATOM   235 N N1    . DC  B 1 2  ? -10.276 -5.103  -0.088  1.00 12.09 ? 202 DC  B N1    1 
ATOM   236 C C2    . DC  B 1 2  ? -9.628  -5.790  0.930   1.00 12.46 ? 202 DC  B C2    1 
ATOM   237 O O2    . DC  B 1 2  ? -10.153 -5.697  2.058   1.00 12.37 ? 202 DC  B O2    1 
ATOM   238 N N3    . DC  B 1 2  ? -8.443  -6.437  0.650   1.00 14.81 ? 202 DC  B N3    1 
ATOM   239 C C4    . DC  B 1 2  ? -7.972  -6.428  -0.635  1.00 15.98 ? 202 DC  B C4    1 
ATOM   240 N N4    . DC  B 1 2  ? -6.822  -7.081  -0.892  1.00 15.69 ? 202 DC  B N4    1 
ATOM   241 C C5    . DC  B 1 2  ? -8.638  -5.697  -1.700  1.00 15.51 ? 202 DC  B C5    1 
ATOM   242 C C6    . DC  B 1 2  ? -9.773  -5.056  -1.379  1.00 15.55 ? 202 DC  B C6    1 
ATOM   243 P P     . DG  B 1 3  ? -11.415 0.189   0.569   1.00 24.95 ? 203 DG  B P     1 
ATOM   244 O OP1   . DG  B 1 3  ? -12.449 1.303   0.687   1.00 24.38 ? 203 DG  B OP1   1 
ATOM   245 O OP2   . DG  B 1 3  ? -10.108 0.349   -0.108  1.00 27.20 ? 203 DG  B OP2   1 
ATOM   246 O "O5'" . DG  B 1 3  ? -11.033 -0.304  2.016   1.00 23.11 ? 203 DG  B "O5'" 1 
ATOM   247 C "C5'" . DG  B 1 3  ? -9.709  -0.143  2.583   1.00 19.01 ? 203 DG  B "C5'" 1 
ATOM   248 C "C4'" . DG  B 1 3  ? -9.585  -1.032  3.823   1.00 19.30 ? 203 DG  B "C4'" 1 
ATOM   249 O "O4'" . DG  B 1 3  ? -9.524  -2.407  3.364   1.00 18.55 ? 203 DG  B "O4'" 1 
ATOM   250 C "C3'" . DG  B 1 3  ? -8.240  -0.857  4.509   1.00 16.97 ? 203 DG  B "C3'" 1 
ATOM   251 O "O3'" . DG  B 1 3  ? -8.336  0.127   5.505   1.00 17.57 ? 203 DG  B "O3'" 1 
ATOM   252 C "C2'" . DG  B 1 3  ? -7.942  -2.231  5.134   1.00 16.41 ? 203 DG  B "C2'" 1 
ATOM   253 C "C1'" . DG  B 1 3  ? -8.508  -3.112  4.061   1.00 18.49 ? 203 DG  B "C1'" 1 
ATOM   254 N N9    . DG  B 1 3  ? -7.495  -3.584  3.109   1.00 15.07 ? 203 DG  B N9    1 
ATOM   255 C C8    . DG  B 1 3  ? -7.420  -3.340  1.759   1.00 14.99 ? 203 DG  B C8    1 
ATOM   256 N N7    . DG  B 1 3  ? -6.406  -3.876  1.151   1.00 13.53 ? 203 DG  B N7    1 
ATOM   257 C C5    . DG  B 1 3  ? -5.747  -4.571  2.198   1.00 14.19 ? 203 DG  B C5    1 
ATOM   258 C C6    . DG  B 1 3  ? -4.547  -5.337  2.157   1.00 12.07 ? 203 DG  B C6    1 
ATOM   259 O O6    . DG  B 1 3  ? -3.842  -5.632  1.157   1.00 14.19 ? 203 DG  B O6    1 
ATOM   260 N N1    . DG  B 1 3  ? -4.246  -5.849  3.446   1.00 11.96 ? 203 DG  B N1    1 
ATOM   261 C C2    . DG  B 1 3  ? -4.943  -5.575  4.594   1.00 11.19 ? 203 DG  B C2    1 
ATOM   262 N N2    . DG  B 1 3  ? -4.493  -6.154  5.749   1.00 12.55 ? 203 DG  B N2    1 
ATOM   263 N N3    . DG  B 1 3  ? -6.086  -4.858  4.624   1.00 13.28 ? 203 DG  B N3    1 
ATOM   264 C C4    . DG  B 1 3  ? -6.371  -4.364  3.402   1.00 13.99 ? 203 DG  B C4    1 
ATOM   265 P P     . DT  B 1 4  ? -7.048  1.030   5.918   1.00 17.93 ? 204 DT  B P     1 
ATOM   266 O OP1   . DT  B 1 4  ? -7.600  2.085   6.793   1.00 20.26 ? 204 DT  B OP1   1 
ATOM   267 O OP2   . DT  B 1 4  ? -6.324  1.403   4.664   1.00 16.95 ? 204 DT  B OP2   1 
ATOM   268 O "O5'" . DT  B 1 4  ? -6.189  0.015   6.818   1.00 16.96 ? 204 DT  B "O5'" 1 
ATOM   269 C "C5'" . DT  B 1 4  ? -6.513  -0.385  8.090   1.00 15.51 ? 204 DT  B "C5'" 1 
ATOM   270 C "C4'" . DT  B 1 4  ? -5.387  -1.228  8.693   1.00 16.38 ? 204 DT  B "C4'" 1 
ATOM   271 O "O4'" . DT  B 1 4  ? -5.291  -2.470  7.982   1.00 15.78 ? 204 DT  B "O4'" 1 
ATOM   272 C "C3'" . DT  B 1 4  ? -3.966  -0.679  8.537   1.00 14.07 ? 204 DT  B "C3'" 1 
ATOM   273 O "O3'" . DT  B 1 4  ? -3.743  0.248   9.604   1.00 16.17 ? 204 DT  B "O3'" 1 
ATOM   274 C "C2'" . DT  B 1 4  ? -3.155  -1.949  8.767   1.00 14.04 ? 204 DT  B "C2'" 1 
ATOM   275 C "C1'" . DT  B 1 4  ? -3.933  -2.894  7.933   1.00 13.89 ? 204 DT  B "C1'" 1 
ATOM   276 N N1    . DT  B 1 4  ? -3.489  -2.892  6.485   1.00 14.64 ? 204 DT  B N1    1 
ATOM   277 C C2    . DT  B 1 4  ? -2.381  -3.669  6.206   1.00 13.52 ? 204 DT  B C2    1 
ATOM   278 O O2    . DT  B 1 4  ? -1.810  -4.335  7.076   1.00 14.31 ? 204 DT  B O2    1 
ATOM   279 N N3    . DT  B 1 4  ? -2.025  -3.743  4.890   1.00 13.21 ? 204 DT  B N3    1 
ATOM   280 C C4    . DT  B 1 4  ? -2.573  -2.990  3.845   1.00 12.70 ? 204 DT  B C4    1 
ATOM   281 O O4    . DT  B 1 4  ? -2.140  -3.105  2.697   1.00 14.18 ? 204 DT  B O4    1 
ATOM   282 C C5    . DT  B 1 4  ? -3.735  -2.169  4.194   1.00 13.55 ? 204 DT  B C5    1 
ATOM   283 C C7    . DT  B 1 4  ? -4.384  -1.341  3.138   1.00 15.08 ? 204 DT  B C7    1 
ATOM   284 C C6    . DT  B 1 4  ? -4.128  -2.145  5.486   1.00 14.55 ? 204 DT  B C6    1 
ATOM   285 P P     . DA  B 1 5  ? -2.772  1.480   9.390   1.00 16.40 ? 205 DA  B P     1 
ATOM   286 O OP1   . DA  B 1 5  ? -2.818  2.368   10.574  1.00 19.28 ? 205 DA  B OP1   1 
ATOM   287 O OP2   . DA  B 1 5  ? -3.004  2.029   8.056   1.00 16.77 ? 205 DA  B OP2   1 
ATOM   288 O "O5'" . DA  B 1 5  ? -1.354  0.793   9.295   1.00 14.88 ? 205 DA  B "O5'" 1 
ATOM   289 C "C5'" . DA  B 1 5  ? -0.694  0.406   10.496  1.00 14.25 ? 205 DA  B "C5'" 1 
ATOM   290 C "C4'" . DA  B 1 5  ? 0.636   -0.237  10.172  1.00 14.87 ? 205 DA  B "C4'" 1 
ATOM   291 O "O4'" . DA  B 1 5  ? 0.468   -1.457  9.452   1.00 14.68 ? 205 DA  B "O4'" 1 
ATOM   292 C "C3'" . DA  B 1 5  ? 1.529   0.568   9.268   1.00 14.81 ? 205 DA  B "C3'" 1 
ATOM   293 O "O3'" . DA  B 1 5  ? 2.142   1.559   10.055  1.00 15.22 ? 205 DA  B "O3'" 1 
ATOM   294 C "C2'" . DA  B 1 5  ? 2.520   -0.480  8.826   1.00 13.12 ? 205 DA  B "C2'" 1 
ATOM   295 C "C1'" . DA  B 1 5  ? 1.554   -1.591  8.546   1.00 13.08 ? 205 DA  B "C1'" 1 
ATOM   296 N N9    . DA  B 1 5  ? 1.043   -1.520  7.166   1.00 11.72 ? 205 DA  B N9    1 
ATOM   297 C C8    . DA  B 1 5  ? -0.135  -1.028  6.694   1.00 14.79 ? 205 DA  B C8    1 
ATOM   298 N N7    . DA  B 1 5  ? -0.261  -1.117  5.387   1.00 13.14 ? 205 DA  B N7    1 
ATOM   299 C C5    . DA  B 1 5  ? 0.954   -1.710  4.968   1.00 12.61 ? 205 DA  B C5    1 
ATOM   300 C C6    . DA  B 1 5  ? 1.497   -2.045  3.708   1.00 12.05 ? 205 DA  B C6    1 
ATOM   301 N N6    . DA  B 1 5  ? 0.817   -1.928  2.555   1.00 13.60 ? 205 DA  B N6    1 
ATOM   302 N N1    . DA  B 1 5  ? 2.725   -2.588  3.655   1.00 11.30 ? 205 DA  B N1    1 
ATOM   303 C C2    . DA  B 1 5  ? 3.414   -2.783  4.788   1.00 12.82 ? 205 DA  B C2    1 
ATOM   304 N N3    . DA  B 1 5  ? 3.036   -2.484  6.019   1.00 12.42 ? 205 DA  B N3    1 
ATOM   305 C C4    . DA  B 1 5  ? 1.778   -1.937  6.045   1.00 11.64 ? 205 DA  B C4    1 
HETATM 306 P P     . F3H B 1 6  ? 2.793   2.904   9.397   1.00 16.81 ? 206 F3H B P     1 
HETATM 307 N N1    . F3H B 1 6  ? 5.579   0.334   4.939   1.00 13.29 ? 206 F3H B N1    1 
HETATM 308 C C2    . F3H B 1 6  ? 5.750   0.054   3.554   1.00 13.88 ? 206 F3H B C2    1 
HETATM 309 O O2    . F3H B 1 6  ? 6.927   -0.334  3.081   1.00 15.62 ? 206 F3H B O2    1 
HETATM 310 N N3    . F3H B 1 6  ? 4.719   0.185   2.709   1.00 12.59 ? 206 F3H B N3    1 
HETATM 311 C C4    . F3H B 1 6  ? 3.541   0.656   3.153   1.00 12.32 ? 206 F3H B C4    1 
HETATM 312 O O4    . F3H B 1 6  ? 2.632   0.851   2.234   1.00 13.50 ? 206 F3H B O4    1 
HETATM 313 C C5    . F3H B 1 6  ? 3.320   1.002   4.504   1.00 10.79 ? 206 F3H B C5    1 
HETATM 314 C C6    . F3H B 1 6  ? 4.363   0.792   5.397   1.00 14.21 ? 206 F3H B C6    1 
HETATM 315 C "C1'" . F3H B 1 6  ? 6.709   0.114   5.886   1.00 14.62 ? 206 F3H B "C1'" 1 
HETATM 316 C "C2'" . F3H B 1 6  ? 7.405   1.398   6.225   1.00 15.76 ? 206 F3H B "C2'" 1 
HETATM 317 F "F2'" . F3H B 1 6  ? 8.601   1.006   6.777   1.00 17.49 ? 206 F3H B "F2'" 1 
HETATM 318 C "C3'" . F3H B 1 6  ? 6.564   2.197   7.219   1.00 13.39 ? 206 F3H B "C3'" 1 
HETATM 319 O "O3'" . F3H B 1 6  ? 7.314   3.335   7.682   1.00 17.03 ? 206 F3H B "O3'" 1 
HETATM 320 C "C4'" . F3H B 1 6  ? 6.195   1.345   8.440   1.00 14.40 ? 206 F3H B "C4'" 1 
HETATM 321 O "O4'" . F3H B 1 6  ? 5.527   0.146   8.045   1.00 15.54 ? 206 F3H B "O4'" 1 
HETATM 322 C "C5'" . F3H B 1 6  ? 5.299   2.088   9.381   1.00 17.44 ? 206 F3H B "C5'" 1 
HETATM 323 O "O5'" . F3H B 1 6  ? 4.095   2.437   8.685   1.00 15.85 ? 206 F3H B "O5'" 1 
HETATM 324 C C5M   . F3H B 1 6  ? 1.972   1.547   4.983   1.00 13.46 ? 206 F3H B C5M   1 
HETATM 325 C "C6'" . F3H B 1 6  ? 6.272   -0.672  7.133   1.00 14.14 ? 206 F3H B "C6'" 1 
HETATM 326 O OP1   . F3H B 1 6  ? 3.214   3.922   10.510  1.00 19.08 ? 206 F3H B OP1   1 
HETATM 327 O OP2   . F3H B 1 6  ? 1.846   3.463   8.281   1.00 17.51 ? 206 F3H B OP2   1 
ATOM   328 P P     . DA  B 1 7  ? 7.237   4.761   7.021   1.00 17.71 ? 207 DA  B P     1 
ATOM   329 O OP1   . DA  B 1 7  ? 7.929   5.666   7.988   1.00 20.70 ? 207 DA  B OP1   1 
ATOM   330 O OP2   . DA  B 1 7  ? 5.895   5.128   6.515   1.00 19.71 ? 207 DA  B OP2   1 
ATOM   331 O "O5'" . DA  B 1 7  ? 8.159   4.576   5.738   1.00 15.55 ? 207 DA  B "O5'" 1 
ATOM   332 C "C5'" . DA  B 1 7  ? 9.569   4.333   5.813   1.00 16.58 ? 207 DA  B "C5'" 1 
ATOM   333 C "C4'" . DA  B 1 7  ? 10.079  3.976   4.445   1.00 17.62 ? 207 DA  B "C4'" 1 
ATOM   334 O "O4'" . DA  B 1 7  ? 9.460   2.782   3.899   1.00 15.60 ? 207 DA  B "O4'" 1 
ATOM   335 C "C3'" . DA  B 1 7  ? 9.850   5.041   3.361   1.00 14.72 ? 207 DA  B "C3'" 1 
ATOM   336 O "O3'" . DA  B 1 7  ? 10.813  6.178   3.541   1.00 18.94 ? 207 DA  B "O3'" 1 
ATOM   337 C "C2'" . DA  B 1 7  ? 10.111  4.196   2.126   1.00 14.11 ? 207 DA  B "C2'" 1 
ATOM   338 C "C1'" . DA  B 1 7  ? 9.413   2.894   2.494   1.00 15.44 ? 207 DA  B "C1'" 1 
ATOM   339 N N9    . DA  B 1 7  ? 7.992   2.954   2.097   1.00 12.80 ? 207 DA  B N9    1 
ATOM   340 C C8    . DA  B 1 7  ? 6.936   3.373   2.860   1.00 12.79 ? 207 DA  B C8    1 
ATOM   341 N N7    . DA  B 1 7  ? 5.812   3.346   2.178   1.00 11.74 ? 207 DA  B N7    1 
ATOM   342 C C5    . DA  B 1 7  ? 6.165   2.983   0.899   1.00 11.17 ? 207 DA  B C5    1 
ATOM   343 C C6    . DA  B 1 7  ? 5.414   2.777   -0.314  1.00 13.15 ? 207 DA  B C6    1 
ATOM   344 N N6    . DA  B 1 7  ? 4.071   2.960   -0.411  1.00 12.64 ? 207 DA  B N6    1 
ATOM   345 N N1    . DA  B 1 7  ? 6.089   2.420   -1.446  1.00 12.55 ? 207 DA  B N1    1 
ATOM   346 C C2    . DA  B 1 7  ? 7.415   2.216   -1.367  1.00 12.14 ? 207 DA  B C2    1 
ATOM   347 N N3    . DA  B 1 7  ? 8.186   2.364   -0.289  1.00 13.80 ? 207 DA  B N3    1 
ATOM   348 C C4    . DA  B 1 7  ? 7.505   2.747   0.821   1.00 10.84 ? 207 DA  B C4    1 
ATOM   349 P P     . DC  B 1 8  ? 10.322  7.674   3.218   1.00 18.91 ? 208 DC  B P     1 
ATOM   350 O OP1   . DC  B 1 8  ? 11.473  8.507   3.674   1.00 20.83 ? 208 DC  B OP1   1 
ATOM   351 O OP2   . DC  B 1 8  ? 8.951   7.925   3.696   1.00 22.03 ? 208 DC  B OP2   1 
ATOM   352 O "O5'" . DC  B 1 8  ? 10.347  7.747   1.636   1.00 18.08 ? 208 DC  B "O5'" 1 
ATOM   353 C "C5'" . DC  B 1 8  ? 11.529  7.431   0.857   1.00 17.36 ? 208 DC  B "C5'" 1 
ATOM   354 C "C4'" . DC  B 1 8  ? 11.100  7.142   -0.576  1.00 13.95 ? 208 DC  B "C4'" 1 
ATOM   355 O "O4'" . DC  B 1 8  ? 10.252  5.962   -0.583  1.00 14.28 ? 208 DC  B "O4'" 1 
ATOM   356 C "C3'" . DC  B 1 8  ? 10.259  8.218   -1.325  1.00 14.81 ? 208 DC  B "C3'" 1 
ATOM   357 O "O3'" . DC  B 1 8  ? 11.094  9.357   -1.862  1.00 16.96 ? 208 DC  B "O3'" 1 
ATOM   358 C "C2'" . DC  B 1 8  ? 9.633   7.344   -2.416  1.00 14.00 ? 208 DC  B "C2'" 1 
ATOM   359 C "C1'" . DC  B 1 8  ? 9.346   6.016   -1.651  1.00 13.05 ? 208 DC  B "C1'" 1 
ATOM   360 N N1    . DC  B 1 8  ? 7.974   6.056   -1.124  1.00 10.35 ? 208 DC  B N1    1 
ATOM   361 C C2    . DC  B 1 8  ? 6.950   5.730   -2.008  1.00 11.09 ? 208 DC  B C2    1 
ATOM   362 O O2    . DC  B 1 8  ? 7.240   5.479   -3.181  1.00 12.63 ? 208 DC  B O2    1 
ATOM   363 N N3    . DC  B 1 8  ? 5.645   5.849   -1.596  1.00 11.01 ? 208 DC  B N3    1 
ATOM   364 C C4    . DC  B 1 8  ? 5.362   6.215   -0.348  1.00 12.07 ? 208 DC  B C4    1 
ATOM   365 N N4    . DC  B 1 8  ? 4.088   6.268   -0.004  1.00 13.29 ? 208 DC  B N4    1 
ATOM   366 C C5    . DC  B 1 8  ? 6.387   6.527   0.595   1.00 10.38 ? 208 DC  B C5    1 
ATOM   367 C C6    . DC  B 1 8  ? 7.661   6.457   0.153   1.00 11.55 ? 208 DC  B C6    1 
ATOM   368 P P     . DG  B 1 9  ? 10.417  10.747  -2.165  1.00 18.97 ? 209 DG  B P     1 
ATOM   369 O OP1   . DG  B 1 9  ? 11.571  11.584  -2.528  1.00 21.97 ? 209 DG  B OP1   1 
ATOM   370 O OP2   . DG  B 1 9  ? 9.388   11.154  -1.188  1.00 21.29 ? 209 DG  B OP2   1 
ATOM   371 O "O5'" . DG  B 1 9  ? 9.611   10.376  -3.514  1.00 17.41 ? 209 DG  B "O5'" 1 
ATOM   372 C "C5'" . DG  B 1 9  ? 10.231  9.922   -4.705  1.00 13.34 ? 209 DG  B "C5'" 1 
ATOM   373 C "C4'" . DG  B 1 9  ? 9.180   9.583   -5.724  1.00 13.18 ? 209 DG  B "C4'" 1 
ATOM   374 O "O4'" . DG  B 1 9  ? 8.326   8.566   -5.127  1.00 14.08 ? 209 DG  B "O4'" 1 
ATOM   375 C "C3'" . DG  B 1 9  ? 8.204   10.672  -6.125  1.00 13.50 ? 209 DG  B "C3'" 1 
ATOM   376 O "O3'" . DG  B 1 9  ? 8.783   11.366  -7.211  1.00 16.12 ? 209 DG  B "O3'" 1 
ATOM   377 C "C2'" . DG  B 1 9  ? 7.033   9.822   -6.637  1.00 13.68 ? 209 DG  B "C2'" 1 
ATOM   378 C "C1'" . DG  B 1 9  ? 7.004   8.749   -5.584  1.00 14.32 ? 209 DG  B "C1'" 1 
ATOM   379 N N9    . DG  B 1 9  ? 6.150   8.971   -4.435  1.00 12.13 ? 209 DG  B N9    1 
ATOM   380 C C8    . DG  B 1 9  ? 6.491   9.108   -3.123  1.00 11.60 ? 209 DG  B C8    1 
ATOM   381 N N7    . DG  B 1 9  ? 5.417   9.150   -2.364  1.00 12.92 ? 209 DG  B N7    1 
ATOM   382 C C5    . DG  B 1 9  ? 4.308   8.990   -3.229  1.00 14.92 ? 209 DG  B C5    1 
ATOM   383 C C6    . DG  B 1 9  ? 2.893   8.932   -2.993  1.00 12.15 ? 209 DG  B C6    1 
ATOM   384 O O6    . DG  B 1 9  ? 2.272   9.000   -1.902  1.00 15.01 ? 209 DG  B O6    1 
ATOM   385 N N1    . DG  B 1 9  ? 2.182   8.766   -4.166  1.00 12.60 ? 209 DG  B N1    1 
ATOM   386 C C2    . DG  B 1 9  ? 2.719   8.725   -5.443  1.00 12.45 ? 209 DG  B C2    1 
ATOM   387 N N2    . DG  B 1 9  ? 1.846   8.592   -6.444  1.00 10.79 ? 209 DG  B N2    1 
ATOM   388 N N3    . DG  B 1 9  ? 4.036   8.741   -5.652  1.00 12.41 ? 209 DG  B N3    1 
ATOM   389 C C4    . DG  B 1 9  ? 4.760   8.887   -4.517  1.00 13.08 ? 209 DG  B C4    1 
ATOM   390 P P     . DC  B 1 10 ? 8.416   12.879  -7.549  1.00 16.84 ? 210 DC  B P     1 
ATOM   391 O OP1   . DC  B 1 10 ? 9.364   13.290  -8.655  1.00 19.09 ? 210 DC  B OP1   1 
ATOM   392 O OP2   . DC  B 1 10 ? 8.282   13.625  -6.294  1.00 22.10 ? 210 DC  B OP2   1 
ATOM   393 O "O5'" . DC  B 1 10 ? 6.935   12.757  -8.117  1.00 15.41 ? 210 DC  B "O5'" 1 
ATOM   394 C "C5'" . DC  B 1 10 ? 6.611   12.227  -9.401  1.00 15.23 ? 210 DC  B "C5'" 1 
ATOM   395 C "C4'" . DC  B 1 10 ? 5.117   12.253  -9.660  1.00 18.27 ? 210 DC  B "C4'" 1 
ATOM   396 O "O4'" . DC  B 1 10 ? 4.501   11.396  -8.649  1.00 13.67 ? 210 DC  B "O4'" 1 
ATOM   397 C "C3'" . DC  B 1 10 ? 4.450   13.588  -9.356  1.00 14.82 ? 210 DC  B "C3'" 1 
ATOM   398 O "O3'" . DC  B 1 10 ? 4.544   14.403  -10.519 1.00 20.50 ? 210 DC  B "O3'" 1 
ATOM   399 C "C2'" . DC  B 1 10 ? 2.972   13.193  -9.181  1.00 15.40 ? 210 DC  B "C2'" 1 
ATOM   400 C "C1'" . DC  B 1 10 ? 3.186   11.885  -8.389  1.00 14.10 ? 210 DC  B "C1'" 1 
ATOM   401 N N1    . DC  B 1 10 ? 3.080   12.019  -6.886  1.00 13.57 ? 210 DC  B N1    1 
ATOM   402 C C2    . DC  B 1 10 ? 1.795   11.995  -6.328  1.00 12.02 ? 210 DC  B C2    1 
ATOM   403 O O2    . DC  B 1 10 ? 0.833   11.837  -7.104  1.00 14.26 ? 210 DC  B O2    1 
ATOM   404 N N3    . DC  B 1 10 ? 1.699   12.075  -4.958  1.00 13.65 ? 210 DC  B N3    1 
ATOM   405 C C4    . DC  B 1 10 ? 2.785   12.176  -4.177  1.00 13.41 ? 210 DC  B C4    1 
ATOM   406 N N4    . DC  B 1 10 ? 2.616   12.243  -2.853  1.00 14.12 ? 210 DC  B N4    1 
ATOM   407 C C5    . DC  B 1 10 ? 4.077   12.315  -4.750  1.00 10.71 ? 210 DC  B C5    1 
ATOM   408 C C6    . DC  B 1 10 ? 4.170   12.224  -6.091  1.00 12.33 ? 210 DC  B C6    1 
HETATM 409 O O     . HOH C 2 .  ? 6.626   -5.068  -11.602 1.00 30.64 ? 1   HOH A O     1 
HETATM 410 O O     . HOH C 2 .  ? -9.709  -16.089 9.949   1.00 26.45 ? 4   HOH A O     1 
HETATM 411 O O     . HOH C 2 .  ? 7.992   -4.891  4.437   1.00 25.61 ? 5   HOH A O     1 
HETATM 412 O O     . HOH C 2 .  ? -3.209  -13.671 4.046   1.00 26.78 ? 8   HOH A O     1 
HETATM 413 O O     . HOH C 2 .  ? 9.027   -2.421  5.869   1.00 28.63 ? 9   HOH A O     1 
HETATM 414 O O     . HOH C 2 .  ? -1.709  -0.098  -7.339  1.00 29.69 ? 10  HOH A O     1 
HETATM 415 O O     . HOH C 2 .  ? -5.387  -13.340 1.390   1.00 37.60 ? 11  HOH A O     1 
HETATM 416 O O     . HOH C 2 .  ? 1.743   -1.996  -11.462 1.00 34.34 ? 14  HOH A O     1 
HETATM 417 O O     . HOH C 2 .  ? -3.634  0.668   -9.548  1.00 35.81 ? 18  HOH A O     1 
HETATM 418 O O     . HOH C 2 .  ? -0.053  -2.804  -1.282  1.00 18.45 ? 20  HOH A O     1 
HETATM 419 O O     . HOH C 2 .  ? -8.903  -7.381  7.161   1.00 15.12 ? 21  HOH A O     1 
HETATM 420 O O     . HOH C 2 .  ? -1.956  1.469   -4.036  1.00 35.30 ? 22  HOH A O     1 
HETATM 421 O O     . HOH C 2 .  ? 3.574   -7.798  -2.720  1.00 21.37 ? 28  HOH A O     1 
HETATM 422 O O     . HOH C 2 .  ? 4.936   -2.022  -13.456 0.50 18.19 ? 30  HOH A O     1 
HETATM 423 O O     . HOH C 2 .  ? -11.103 7.356   -2.855  1.00 29.70 ? 31  HOH A O     1 
HETATM 424 O O     . HOH C 2 .  ? -8.580  -13.060 11.768  1.00 34.30 ? 32  HOH A O     1 
HETATM 425 O O     . HOH C 2 .  ? 2.421   -10.391 0.753   1.00 33.52 ? 33  HOH A O     1 
HETATM 426 O O     . HOH C 2 .  ? -0.558  -5.412  -1.347  1.00 26.41 ? 34  HOH A O     1 
HETATM 427 O O     . HOH C 2 .  ? 2.842   -5.315  -6.152  1.00 30.17 ? 36  HOH A O     1 
HETATM 428 O O     . HOH C 2 .  ? -2.750  -11.535 1.980   1.00 21.16 ? 37  HOH A O     1 
HETATM 429 O O     . HOH C 2 .  ? 0.885   10.353  -10.554 1.00 31.75 ? 38  HOH A O     1 
HETATM 430 O O     . HOH C 2 .  ? 9.560   -1.612  -1.836  1.00 20.28 ? 39  HOH A O     1 
HETATM 431 O O     . HOH C 2 .  ? -4.222  -9.724  -0.868  1.00 27.13 ? 41  HOH A O     1 
HETATM 432 O O     . HOH C 2 .  ? -0.322  -9.137  -0.881  1.00 20.77 ? 42  HOH A O     1 
HETATM 433 O O     . HOH C 2 .  ? 1.505   -7.047  -0.909  1.00 16.99 ? 43  HOH A O     1 
HETATM 434 O O     . HOH C 2 .  ? -2.770  -6.629  8.352   1.00 13.55 ? 44  HOH A O     1 
HETATM 435 O O     . HOH C 2 .  ? -5.613  -13.801 4.598   1.00 21.98 ? 45  HOH A O     1 
HETATM 436 O O     . HOH C 2 .  ? 7.803   -13.109 1.458   1.00 31.65 ? 46  HOH A O     1 
HETATM 437 O O     . HOH C 2 .  ? -1.686  8.197   1.125   1.00 31.86 ? 47  HOH A O     1 
HETATM 438 O O     . HOH C 2 .  ? 0.814   11.235  0.760   1.00 20.80 ? 57  HOH A O     1 
HETATM 439 O O     . HOH C 2 .  ? 0.117   5.030   -0.275  1.00 36.79 ? 60  HOH A O     1 
HETATM 440 O O     . HOH C 2 .  ? 0.410   1.717   -2.105  1.00 24.13 ? 61  HOH A O     1 
HETATM 441 O O     . HOH C 2 .  ? 0.738   -1.429  -3.630  1.00 22.60 ? 62  HOH A O     1 
HETATM 442 O O     . HOH C 2 .  ? 2.456   -1.207  -7.294  1.00 15.56 ? 63  HOH A O     1 
HETATM 443 O O     . HOH C 2 .  ? -1.779  4.485   -2.325  1.00 32.19 ? 64  HOH A O     1 
HETATM 444 O O     . HOH C 2 .  ? -3.488  11.321  3.627   1.00 35.83 ? 65  HOH A O     1 
HETATM 445 O O     . HOH C 2 .  ? -9.770  5.202   -6.900  1.00 59.15 ? 69  HOH A O     1 
HETATM 446 O O     . HOH C 2 .  ? -1.147  9.448   -8.864  1.00 29.28 ? 70  HOH A O     1 
HETATM 447 O O     . HOH C 2 .  ? -1.921  10.768  1.707   1.00 25.64 ? 71  HOH A O     1 
HETATM 448 O O     . HOH D 2 .  ? -7.105  -5.219  7.324   1.00 18.31 ? 2   HOH B O     1 
HETATM 449 O O     . HOH D 2 .  ? -7.589  -2.110  -2.987  1.00 25.02 ? 3   HOH B O     1 
HETATM 450 O O     . HOH D 2 .  ? 2.766   16.930  -10.900 1.00 29.15 ? 6   HOH B O     1 
HETATM 451 O O     . HOH D 2 .  ? -6.399  1.944   2.131   1.00 29.28 ? 7   HOH B O     1 
HETATM 452 O O     . HOH D 2 .  ? -0.029  1.644   1.906   1.00 26.35 ? 12  HOH B O     1 
HETATM 453 O O     . HOH D 2 .  ? -14.048 2.271   -1.249  1.00 30.05 ? 13  HOH B O     1 
HETATM 454 O O     . HOH D 2 .  ? -15.103 0.144   -2.923  1.00 25.84 ? 15  HOH B O     1 
HETATM 455 O O     . HOH D 2 .  ? 11.174  0.131   4.643   1.00 35.52 ? 16  HOH B O     1 
HETATM 456 O O     . HOH D 2 .  ? -6.190  -6.831  -3.846  1.00 36.05 ? 17  HOH B O     1 
HETATM 457 O O     . HOH D 2 .  ? 9.707   16.086  -9.247  1.00 33.66 ? 19  HOH B O     1 
HETATM 458 O O     . HOH D 2 .  ? 1.677   3.786   1.562   1.00 27.30 ? 23  HOH B O     1 
HETATM 459 O O     . HOH D 2 .  ? 8.859   11.478  1.486   1.00 36.16 ? 24  HOH B O     1 
HETATM 460 O O     . HOH D 2 .  ? 9.006   17.706  -7.244  1.00 28.71 ? 25  HOH B O     1 
HETATM 461 O O     . HOH D 2 .  ? -8.245  -1.102  -0.731  0.50 20.15 ? 26  HOH B O     1 
HETATM 462 O O     . HOH D 2 .  ? 6.401   6.886   4.295   1.00 27.91 ? 27  HOH B O     1 
HETATM 463 O O     . HOH D 2 .  ? -12.659 3.202   2.829   1.00 33.47 ? 29  HOH B O     1 
HETATM 464 O O     . HOH D 2 .  ? -5.659  -3.686  -1.645  1.00 26.29 ? 35  HOH B O     1 
HETATM 465 O O     . HOH D 2 .  ? -0.611  4.077   4.231   1.00 29.98 ? 40  HOH B O     1 
HETATM 466 O O     . HOH D 2 .  ? 10.401  0.684   -0.399  1.00 26.81 ? 48  HOH B O     1 
HETATM 467 O O     . HOH D 2 .  ? -3.304  -6.255  -1.452  1.00 25.86 ? 49  HOH B O     1 
HETATM 468 O O     . HOH D 2 .  ? -2.064  -1.822  0.234   1.00 23.99 ? 50  HOH B O     1 
HETATM 469 O O     . HOH D 2 .  ? -1.627  0.706   3.793   1.00 17.55 ? 51  HOH B O     1 
HETATM 470 O O     . HOH D 2 .  ? 6.271   17.440  -7.650  1.00 17.40 ? 52  HOH B O     1 
HETATM 471 O O     . HOH D 2 .  ? 2.199   15.446  -6.606  1.00 17.47 ? 53  HOH B O     1 
HETATM 472 O O     . HOH D 2 .  ? 4.831   15.574  -6.029  1.00 18.07 ? 54  HOH B O     1 
HETATM 473 O O     . HOH D 2 .  ? 6.659   16.299  -10.111 1.00 24.19 ? 55  HOH B O     1 
HETATM 474 O O     . HOH D 2 .  ? 4.721   12.398  -0.857  1.00 17.29 ? 56  HOH B O     1 
HETATM 475 O O     . HOH D 2 .  ? 3.755   7.163   2.941   1.00 20.36 ? 58  HOH B O     1 
HETATM 476 O O     . HOH D 2 .  ? 2.507   9.143   0.829   1.00 20.27 ? 59  HOH B O     1 
HETATM 477 O O     . HOH D 2 .  ? 3.475   4.347   3.305   1.00 16.78 ? 66  HOH B O     1 
HETATM 478 O O     . HOH D 2 .  ? -0.541  3.424   6.941   1.00 24.70 ? 67  HOH B O     1 
HETATM 479 O O     . HOH D 2 .  ? -3.582  1.835   5.300   1.00 16.24 ? 68  HOH B O     1 
HETATM 480 O O     . HOH D 2 .  ? 5.141   9.787   0.395   1.00 22.34 ? 72  HOH B O     1 
HETATM 481 O O     . HOH D 2 .  ? 7.236   9.812   2.120   1.00 27.84 ? 73  HOH B O     1 
HETATM 482 O O     . HOH D 2 .  ? 3.827   7.766   8.012   1.00 40.52 ? 74  HOH B O     1 
HETATM 483 O O     . HOH D 2 .  ? 3.402   4.544   6.145   1.00 19.31 ? 75  HOH B O     1 
HETATM 484 O O     . HOH D 2 .  ? 6.787   14.393  -4.455  1.00 24.56 ? 76  HOH B O     1 
# 
loop_
_atom_site_anisotrop.id 
_atom_site_anisotrop.type_symbol 
_atom_site_anisotrop.pdbx_label_atom_id 
_atom_site_anisotrop.pdbx_label_alt_id 
_atom_site_anisotrop.pdbx_label_comp_id 
_atom_site_anisotrop.pdbx_label_asym_id 
_atom_site_anisotrop.pdbx_label_seq_id 
_atom_site_anisotrop.pdbx_PDB_ins_code 
_atom_site_anisotrop.U[1][1] 
_atom_site_anisotrop.U[2][2] 
_atom_site_anisotrop.U[3][3] 
_atom_site_anisotrop.U[1][2] 
_atom_site_anisotrop.U[1][3] 
_atom_site_anisotrop.U[2][3] 
_atom_site_anisotrop.pdbx_auth_seq_id 
_atom_site_anisotrop.pdbx_auth_comp_id 
_atom_site_anisotrop.pdbx_auth_asym_id 
_atom_site_anisotrop.pdbx_auth_atom_id 
1   O "O5'" . DG  A 1  ? 0.2448 0.3654 0.2172 0.0390  0.0253  0.0466  101 DG  A "O5'" 
2   C "C5'" . DG  A 1  ? 0.2185 0.2964 0.1797 0.0155  -0.0066 0.0475  101 DG  A "C5'" 
3   C "C4'" . DG  A 1  ? 0.2071 0.2332 0.1956 0.0207  -0.0054 -0.0002 101 DG  A "C4'" 
4   O "O4'" . DG  A 1  ? 0.2083 0.2101 0.2072 0.0371  0.0000  0.0284  101 DG  A "O4'" 
5   C "C3'" . DG  A 1  ? 0.2092 0.2008 0.1803 0.0321  -0.0007 0.0427  101 DG  A "C3'" 
6   O "O3'" . DG  A 1  ? 0.1840 0.1782 0.2661 0.0220  0.0226  0.0098  101 DG  A "O3'" 
7   C "C2'" . DG  A 1  ? 0.1658 0.2047 0.1643 0.0007  0.0129  0.0383  101 DG  A "C2'" 
8   C "C1'" . DG  A 1  ? 0.1645 0.2179 0.2080 0.0178  -0.0118 0.0107  101 DG  A "C1'" 
9   N N9    . DG  A 1  ? 0.1964 0.1736 0.1948 0.0037  -0.0015 0.0005  101 DG  A N9    
10  C C8    . DG  A 1  ? 0.2244 0.2436 0.1937 -0.0111 0.0236  0.0326  101 DG  A C8    
11  N N7    . DG  A 1  ? 0.2298 0.2188 0.2038 -0.0226 0.0074  0.0393  101 DG  A N7    
12  C C5    . DG  A 1  ? 0.1976 0.1663 0.1814 0.0314  0.0143  0.0017  101 DG  A C5    
13  C C6    . DG  A 1  ? 0.1916 0.1851 0.1689 0.0136  0.0070  0.0121  101 DG  A C6    
14  O O6    . DG  A 1  ? 0.1844 0.1899 0.1639 -0.0021 0.0159  0.0109  101 DG  A O6    
15  N N1    . DG  A 1  ? 0.1860 0.1417 0.1610 0.0337  -0.0072 0.0133  101 DG  A N1    
16  C C2    . DG  A 1  ? 0.1788 0.1741 0.1900 -0.0078 -0.0027 0.0032  101 DG  A C2    
17  N N2    . DG  A 1  ? 0.1586 0.1735 0.1759 0.0072  -0.0203 -0.0138 101 DG  A N2    
18  N N3    . DG  A 1  ? 0.2066 0.1932 0.1650 0.0210  0.0092  -0.0039 101 DG  A N3    
19  C C4    . DG  A 1  ? 0.1805 0.1551 0.1730 -0.0029 0.0098  0.0004  101 DG  A C4    
20  P P     . DC  A 2  ? 0.2400 0.2364 0.2738 0.0021  0.0171  0.0080  102 DC  A P     
21  O OP1   . DC  A 2  ? 0.2907 0.2210 0.3073 0.0006  0.0100  0.0196  102 DC  A OP1   
22  O OP2   . DC  A 2  ? 0.2882 0.2378 0.2371 -0.0169 0.0173  0.0343  102 DC  A OP2   
23  O "O5'" . DC  A 2  ? 0.2226 0.2149 0.3004 0.0318  0.0346  0.0032  102 DC  A "O5'" 
24  C "C5'" . DC  A 2  ? 0.1742 0.2540 0.2742 0.0218  0.0328  0.0082  102 DC  A "C5'" 
25  C "C4'" . DC  A 2  ? 0.1842 0.1720 0.2407 0.0100  0.0185  -0.0144 102 DC  A "C4'" 
26  O "O4'" . DC  A 2  ? 0.1721 0.2035 0.2340 0.0040  -0.0064 -0.0047 102 DC  A "O4'" 
27  C "C3'" . DC  A 2  ? 0.2091 0.1874 0.2452 0.0131  0.0347  -0.0152 102 DC  A "C3'" 
28  O "O3'" . DC  A 2  ? 0.2572 0.2309 0.3203 0.0049  -0.0184 -0.0068 102 DC  A "O3'" 
29  C "C2'" . DC  A 2  ? 0.1760 0.1762 0.2274 0.0246  -0.0040 -0.0245 102 DC  A "C2'" 
30  C "C1'" . DC  A 2  ? 0.1745 0.2320 0.2045 0.0045  0.0029  -0.0152 102 DC  A "C1'" 
31  N N1    . DC  A 2  ? 0.1455 0.2125 0.1861 0.0187  0.0095  0.0317  102 DC  A N1    
32  C C2    . DC  A 2  ? 0.1456 0.1999 0.1853 0.0202  0.0260  -0.0046 102 DC  A C2    
33  O O2    . DC  A 2  ? 0.1330 0.1925 0.1791 0.0514  -0.0059 0.0162  102 DC  A O2    
34  N N3    . DC  A 2  ? 0.1888 0.1377 0.1889 0.0374  0.0281  0.0138  102 DC  A N3    
35  C C4    . DC  A 2  ? 0.1791 0.1840 0.2003 0.0336  0.0109  0.0076  102 DC  A C4    
36  N N4    . DC  A 2  ? 0.2227 0.1559 0.2218 0.0155  0.0084  0.0306  102 DC  A N4    
37  C C5    . DC  A 2  ? 0.1994 0.1441 0.2127 0.0097  -0.0043 0.0199  102 DC  A C5    
38  C C6    . DC  A 2  ? 0.1823 0.1708 0.2144 0.0103  0.0273  0.0184  102 DC  A C6    
39  P P     . DG  A 3  ? 0.2704 0.2422 0.3486 0.0265  0.0140  -0.0098 103 DG  A P     
40  O OP1   . DG  A 3  ? 0.2810 0.3094 0.4016 -0.0059 -0.0397 -0.0360 103 DG  A OP1   
41  O OP2   . DG  A 3  ? 0.2987 0.1921 0.3433 0.0686  0.0390  -0.0016 103 DG  A OP2   
42  O "O5'" . DG  A 3  ? 0.2444 0.2001 0.3911 0.0387  0.0128  -0.0576 103 DG  A "O5'" 
43  C "C5'" . DG  A 3  ? 0.2239 0.3061 0.3363 -0.0176 0.0047  -0.0745 103 DG  A "C5'" 
44  C "C4'" . DG  A 3  ? 0.2239 0.1826 0.2489 -0.0162 -0.0292 -0.0430 103 DG  A "C4'" 
45  O "O4'" . DG  A 3  ? 0.1600 0.2363 0.2167 0.0246  -0.0038 -0.0027 103 DG  A "O4'" 
46  C "C3'" . DG  A 3  ? 0.2021 0.2096 0.2277 0.0168  -0.0369 -0.0231 103 DG  A "C3'" 
47  O "O3'" . DG  A 3  ? 0.2209 0.1886 0.2036 0.0193  0.0016  -0.0083 103 DG  A "O3'" 
48  C "C2'" . DG  A 3  ? 0.1646 0.1620 0.2258 0.0160  -0.0287 0.0026  103 DG  A "C2'" 
49  C "C1'" . DG  A 3  ? 0.1106 0.1724 0.1971 0.0090  -0.0056 0.0026  103 DG  A "C1'" 
50  N N9    . DG  A 3  ? 0.1488 0.1413 0.1660 0.0180  -0.0079 -0.0280 103 DG  A N9    
51  C C8    . DG  A 3  ? 0.1959 0.1405 0.1815 0.0211  -0.0010 0.0022  103 DG  A C8    
52  N N7    . DG  A 3  ? 0.1670 0.1277 0.1958 0.0159  -0.0108 0.0060  103 DG  A N7    
53  C C5    . DG  A 3  ? 0.1703 0.1239 0.1593 0.0356  0.0192  -0.0135 103 DG  A C5    
54  C C6    . DG  A 3  ? 0.1812 0.1516 0.2042 0.0040  -0.0003 0.0037  103 DG  A C6    
55  O O6    . DG  A 3  ? 0.1635 0.1655 0.1743 0.0059  0.0032  -0.0065 103 DG  A O6    
56  N N1    . DG  A 3  ? 0.1476 0.1386 0.1650 0.0100  0.0120  -0.0031 103 DG  A N1    
57  C C2    . DG  A 3  ? 0.1507 0.1403 0.1703 -0.0074 0.0009  0.0027  103 DG  A C2    
58  N N2    . DG  A 3  ? 0.1228 0.1172 0.1820 0.0037  0.0147  -0.0017 103 DG  A N2    
59  N N3    . DG  A 3  ? 0.1791 0.1162 0.1681 -0.0070 0.0072  0.0140  103 DG  A N3    
60  C C4    . DG  A 3  ? 0.1491 0.1171 0.1296 0.0222  -0.0014 0.0085  103 DG  A C4    
61  P P     . DT  A 4  ? 0.2179 0.1855 0.2055 0.0099  -0.0186 -0.0008 104 DT  A P     
62  O OP1   . DT  A 4  ? 0.2560 0.2244 0.2463 0.0127  -0.0271 -0.0303 104 DT  A OP1   
63  O OP2   . DT  A 4  ? 0.1982 0.1771 0.2647 -0.0094 0.0028  -0.0309 104 DT  A OP2   
64  O "O5'" . DT  A 4  ? 0.1841 0.1940 0.1757 -0.0028 0.0055  -0.0042 104 DT  A "O5'" 
65  C "C5'" . DT  A 4  ? 0.1500 0.2182 0.1849 -0.0188 0.0027  0.0213  104 DT  A "C5'" 
66  C "C4'" . DT  A 4  ? 0.2041 0.1724 0.1652 0.0093  -0.0256 0.0052  104 DT  A "C4'" 
67  O "O4'" . DT  A 4  ? 0.1836 0.1943 0.1665 0.0132  -0.0225 0.0182  104 DT  A "O4'" 
68  C "C3'" . DT  A 4  ? 0.2114 0.1442 0.1573 0.0247  -0.0166 0.0084  104 DT  A "C3'" 
69  O "O3'" . DT  A 4  ? 0.2100 0.2225 0.1639 0.0258  0.0258  0.0220  104 DT  A "O3'" 
70  C "C2'" . DT  A 4  ? 0.1593 0.1591 0.1935 -0.0192 -0.0068 0.0021  104 DT  A "C2'" 
71  C "C1'" . DT  A 4  ? 0.1589 0.2122 0.1371 0.0139  -0.0013 0.0425  104 DT  A "C1'" 
72  N N1    . DT  A 4  ? 0.1508 0.1645 0.1446 -0.0081 0.0119  0.0042  104 DT  A N1    
73  C C2    . DT  A 4  ? 0.1596 0.1371 0.1396 -0.0193 0.0015  0.0386  104 DT  A C2    
74  O O2    . DT  A 4  ? 0.1629 0.2000 0.1463 0.0087  -0.0007 0.0130  104 DT  A O2    
75  N N3    . DT  A 4  ? 0.1317 0.1357 0.1450 0.0141  0.0078  0.0207  104 DT  A N3    
76  C C4    . DT  A 4  ? 0.1244 0.1263 0.1298 -0.0168 -0.0051 0.0237  104 DT  A C4    
77  O O4    . DT  A 4  ? 0.1593 0.1494 0.1655 0.0073  -0.0031 0.0045  104 DT  A O4    
78  C C5    . DT  A 4  ? 0.1566 0.1579 0.1548 -0.0046 0.0069  0.0027  104 DT  A C5    
79  C C7    . DT  A 4  ? 0.1357 0.1678 0.1920 -0.0041 -0.0170 -0.0069 104 DT  A C7    
80  C C6    . DT  A 4  ? 0.1537 0.1434 0.1894 0.0165  0.0068  0.0397  104 DT  A C6    
81  P P     . DA  A 5  ? 0.2218 0.2269 0.1862 0.0133  0.0022  -0.0219 105 DA  A P     
82  O OP1   . DA  A 5  ? 0.2767 0.2943 0.2031 0.0509  -0.0046 -0.0399 105 DA  A OP1   
83  O OP2   . DA  A 5  ? 0.1912 0.2111 0.2342 0.0221  -0.0394 -0.0066 105 DA  A OP2   
84  O "O5'" . DA  A 5  ? 0.2349 0.1778 0.2323 0.0356  0.0278  -0.0206 105 DA  A "O5'" 
85  C "C5'" . DA  A 5  ? 0.2039 0.2059 0.1635 0.0103  0.0399  0.0061  105 DA  A "C5'" 
86  C "C4'" . DA  A 5  ? 0.1939 0.1718 0.1665 0.0400  0.0491  -0.0018 105 DA  A "C4'" 
87  O "O4'" . DA  A 5  ? 0.1940 0.1848 0.1505 0.0140  0.0154  0.0060  105 DA  A "O4'" 
88  C "C3'" . DA  A 5  ? 0.2504 0.1582 0.1336 0.0424  0.0354  -0.0122 105 DA  A "C3'" 
89  O "O3'" . DA  A 5  ? 0.1945 0.1697 0.2181 0.0258  0.0614  -0.0002 105 DA  A "O3'" 
90  C "C2'" . DA  A 5  ? 0.1944 0.1767 0.1895 -0.0180 0.0372  0.0014  105 DA  A "C2'" 
91  C "C1'" . DA  A 5  ? 0.1923 0.1977 0.1599 0.0464  0.0295  0.0162  105 DA  A "C1'" 
92  N N9    . DA  A 5  ? 0.1718 0.1723 0.1539 0.0108  0.0206  -0.0028 105 DA  A N9    
93  C C8    . DA  A 5  ? 0.1781 0.0937 0.1666 0.0097  -0.0005 0.0057  105 DA  A C8    
94  N N7    . DA  A 5  ? 0.1702 0.1465 0.1463 0.0149  0.0001  0.0141  105 DA  A N7    
95  C C5    . DA  A 5  ? 0.1761 0.0921 0.1798 0.0052  0.0092  0.0109  105 DA  A C5    
96  C C6    . DA  A 5  ? 0.1786 0.1304 0.1643 0.0066  0.0023  0.0205  105 DA  A C6    
97  N N6    . DA  A 5  ? 0.1801 0.1153 0.1668 0.0018  0.0336  0.0185  105 DA  A N6    
98  N N1    . DA  A 5  ? 0.1432 0.1495 0.1741 -0.0075 -0.0028 0.0034  105 DA  A N1    
99  C C2    . DA  A 5  ? 0.1774 0.1741 0.1353 0.0127  0.0088  0.0200  105 DA  A C2    
100 N N3    . DA  A 5  ? 0.1743 0.1221 0.1587 -0.0032 0.0168  0.0201  105 DA  A N3    
101 C C4    . DA  A 5  ? 0.1675 0.1710 0.1456 0.0018  0.0115  0.0134  105 DA  A C4    
102 P P     . F3H A 6  ? 0.2639 0.1944 0.2232 0.0263  0.0240  -0.0018 106 F3H A P     
103 N N1    . F3H A 6  ? 0.1605 0.2082 0.1902 0.0305  0.0282  0.0155  106 F3H A N1    
104 C C2    . F3H A 6  ? 0.1618 0.1387 0.1692 -0.0029 -0.0036 0.0023  106 F3H A C2    
105 O O2    . F3H A 6  ? 0.1469 0.1976 0.2126 0.0072  0.0066  0.0231  106 F3H A O2    
106 N N3    . F3H A 6  ? 0.1481 0.1880 0.1644 0.0112  0.0033  0.0140  106 F3H A N3    
107 C C4    . F3H A 6  ? 0.1785 0.1942 0.1454 0.0079  0.0208  0.0138  106 F3H A C4    
108 O O4    . F3H A 6  ? 0.1911 0.1760 0.1701 0.0243  0.0214  0.0155  106 F3H A O4    
109 C C5    . F3H A 6  ? 0.2139 0.1821 0.1184 -0.0012 0.0174  0.0189  106 F3H A C5    
110 C C6    . F3H A 6  ? 0.1871 0.1494 0.1858 -0.0194 -0.0043 0.0184  106 F3H A C6    
111 C "C1'" . F3H A 6  ? 0.1637 0.2128 0.2194 0.0024  0.0090  0.0388  106 F3H A "C1'" 
112 C "C2'" . F3H A 6  ? 0.1575 0.2193 0.2269 0.0017  0.0126  0.0163  106 F3H A "C2'" 
113 F "F2'" . F3H A 6  ? 0.2076 0.2676 0.2207 0.0424  0.0387  0.0208  106 F3H A "F2'" 
114 C "C3'" . F3H A 6  ? 0.2655 0.1743 0.2207 -0.0087 0.0519  -0.0014 106 F3H A "C3'" 
115 O "O3'" . F3H A 6  ? 0.2372 0.2426 0.2419 0.0590  0.0336  -0.0179 106 F3H A "O3'" 
116 C "C4'" . F3H A 6  ? 0.2184 0.1845 0.2076 0.0204  0.0503  -0.0050 106 F3H A "C4'" 
117 O "O4'" . F3H A 6  ? 0.2062 0.2040 0.2356 0.0134  0.0262  0.0156  106 F3H A "O4'" 
118 C "C5'" . F3H A 6  ? 0.2150 0.2230 0.2349 0.0352  -0.0024 0.0206  106 F3H A "C5'" 
119 O "O5'" . F3H A 6  ? 0.2306 0.2061 0.2076 0.0339  0.0054  0.0076  106 F3H A "O5'" 
120 C C5M   . F3H A 6  ? 0.1890 0.1941 0.1189 0.0051  -0.0065 0.0213  106 F3H A C5M   
121 C "C6'" . F3H A 6  ? 0.1576 0.2260 0.1883 -0.0265 0.0072  0.0463  106 F3H A "C6'" 
122 O OP1   . F3H A 6  ? 0.3280 0.2679 0.2728 0.0700  0.0328  0.0017  106 F3H A OP1   
123 O OP2   . F3H A 6  ? 0.2913 0.2315 0.2253 -0.0526 -0.0234 -0.0035 106 F3H A OP2   
124 P P     . DA  A 7  ? 0.2863 0.2132 0.2511 0.0310  0.0379  0.0132  107 DA  A P     
125 O OP1   . DA  A 7  ? 0.3892 0.2381 0.2773 0.0586  0.0777  0.0041  107 DA  A OP1   
126 O OP2   . DA  A 7  ? 0.2700 0.2077 0.2973 -0.0099 0.0242  0.0266  107 DA  A OP2   
127 O "O5'" . DA  A 7  ? 0.2753 0.2116 0.2535 0.0248  0.0073  0.0047  107 DA  A "O5'" 
128 C "C5'" . DA  A 7  ? 0.2143 0.2387 0.1675 0.0863  0.0199  -0.0113 107 DA  A "C5'" 
129 C "C4'" . DA  A 7  ? 0.2478 0.2090 0.2310 0.0345  0.0496  0.0075  107 DA  A "C4'" 
130 O "O4'" . DA  A 7  ? 0.2010 0.1976 0.2341 0.0364  0.0235  0.0377  107 DA  A "O4'" 
131 C "C3'" . DA  A 7  ? 0.2555 0.2298 0.2824 0.0317  0.0268  0.0107  107 DA  A "C3'" 
132 O "O3'" . DA  A 7  ? 0.2873 0.2631 0.2603 0.0629  0.0407  -0.0115 107 DA  A "O3'" 
133 C "C2'" . DA  A 7  ? 0.1944 0.1775 0.2468 0.0029  0.0250  0.0038  107 DA  A "C2'" 
134 C "C1'" . DA  A 7  ? 0.1576 0.1948 0.1619 0.0002  0.0069  0.0424  107 DA  A "C1'" 
135 N N9    . DA  A 7  ? 0.1588 0.1901 0.1782 0.0212  -0.0009 0.0058  107 DA  A N9    
136 C C8    . DA  A 7  ? 0.1614 0.1507 0.1831 0.0160  0.0243  0.0318  107 DA  A C8    
137 N N7    . DA  A 7  ? 0.1637 0.1521 0.1821 -0.0162 0.0179  0.0219  107 DA  A N7    
138 C C5    . DA  A 7  ? 0.1532 0.1530 0.1795 -0.0170 0.0044  -0.0070 107 DA  A C5    
139 C C6    . DA  A 7  ? 0.1752 0.1667 0.1826 -0.0036 0.0078  -0.0066 107 DA  A C6    
140 N N6    . DA  A 7  ? 0.1698 0.1219 0.2269 -0.0265 0.0085  0.0231  107 DA  A N6    
141 N N1    . DA  A 7  ? 0.1523 0.1472 0.1621 -0.0126 0.0096  0.0179  107 DA  A N1    
142 C C2    . DA  A 7  ? 0.1557 0.1747 0.2139 0.0050  -0.0079 0.0011  107 DA  A C2    
143 N N3    . DA  A 7  ? 0.1564 0.1747 0.1729 -0.0027 0.0131  0.0054  107 DA  A N3    
144 C C4    . DA  A 7  ? 0.1536 0.1346 0.1659 -0.0098 0.0234  0.0099  107 DA  A C4    
145 P P     . DC  A 8  ? 0.3018 0.2355 0.3234 0.0414  0.0425  0.0316  108 DC  A P     
146 O OP1   . DC  A 8  ? 0.3948 0.2873 0.3572 0.0950  0.0682  0.0666  108 DC  A OP1   
147 O OP2   . DC  A 8  ? 0.3415 0.2588 0.3610 -0.0429 0.0699  -0.0341 108 DC  A OP2   
148 O "O5'" . DC  A 8  ? 0.2864 0.1910 0.3007 0.0474  0.0473  0.0224  108 DC  A "O5'" 
149 C "C5'" . DC  A 8  ? 0.2720 0.2267 0.2854 0.0600  -0.0071 0.0534  108 DC  A "C5'" 
150 C "C4'" . DC  A 8  ? 0.1512 0.1585 0.2953 0.0080  0.0118  0.0384  108 DC  A "C4'" 
151 O "O4'" . DC  A 8  ? 0.1427 0.2196 0.2339 -0.0024 0.0092  0.0411  108 DC  A "O4'" 
152 C "C3'" . DC  A 8  ? 0.2042 0.2247 0.2476 0.0258  -0.0111 0.0271  108 DC  A "C3'" 
153 O "O3'" . DC  A 8  ? 0.1899 0.2206 0.2854 -0.0144 -0.0009 0.0360  108 DC  A "O3'" 
154 C "C2'" . DC  A 8  ? 0.1927 0.1641 0.1956 -0.0306 -0.0104 -0.0011 108 DC  A "C2'" 
155 C "C1'" . DC  A 8  ? 0.1647 0.1828 0.1854 -0.0179 -0.0094 0.0190  108 DC  A "C1'" 
156 N N1    . DC  A 8  ? 0.1458 0.1765 0.1840 -0.0045 0.0030  0.0129  108 DC  A N1    
157 C C2    . DC  A 8  ? 0.1763 0.1378 0.1964 0.0002  -0.0099 -0.0048 108 DC  A C2    
158 O O2    . DC  A 8  ? 0.1862 0.1805 0.1864 -0.0208 -0.0066 0.0215  108 DC  A O2    
159 N N3    . DC  A 8  ? 0.1505 0.1528 0.1828 -0.0001 -0.0233 -0.0029 108 DC  A N3    
160 C C4    . DC  A 8  ? 0.1488 0.1821 0.1618 -0.0080 0.0082  -0.0036 108 DC  A C4    
161 N N4    . DC  A 8  ? 0.1508 0.1668 0.1945 -0.0394 -0.0150 0.0296  108 DC  A N4    
162 C C5    . DC  A 8  ? 0.1661 0.1842 0.1826 0.0073  -0.0061 0.0029  108 DC  A C5    
163 C C6    . DC  A 8  ? 0.1996 0.1414 0.1742 -0.0278 0.0136  0.0052  108 DC  A C6    
164 P P     . DG  A 9  ? 0.2056 0.2030 0.2382 0.0023  0.0086  0.0210  109 DG  A P     
165 O OP1   . DG  A 9  ? 0.2203 0.2926 0.2745 0.0057  0.0130  0.0550  109 DG  A OP1   
166 O OP2   . DG  A 9  ? 0.2509 0.2148 0.2911 0.0005  -0.0073 -0.0046 109 DG  A OP2   
167 O "O5'" . DG  A 9  ? 0.1687 0.1743 0.2335 0.0013  0.0006  0.0181  109 DG  A "O5'" 
168 C "C5'" . DG  A 9  ? 0.2140 0.1433 0.2017 -0.0036 -0.0016 0.0040  109 DG  A "C5'" 
169 C "C4'" . DG  A 9  ? 0.1493 0.1785 0.2025 -0.0152 -0.0135 0.0321  109 DG  A "C4'" 
170 O "O4'" . DG  A 9  ? 0.1588 0.1773 0.2071 -0.0009 -0.0127 -0.0054 109 DG  A "O4'" 
171 C "C3'" . DG  A 9  ? 0.1621 0.1716 0.1909 -0.0072 -0.0028 0.0108  109 DG  A "C3'" 
172 O "O3'" . DG  A 9  ? 0.1934 0.1759 0.2155 -0.0091 -0.0229 0.0313  109 DG  A "O3'" 
173 C "C2'" . DG  A 9  ? 0.1623 0.1527 0.2095 -0.0437 0.0136  -0.0092 109 DG  A "C2'" 
174 C "C1'" . DG  A 9  ? 0.1604 0.1725 0.1701 -0.0113 0.0117  0.0100  109 DG  A "C1'" 
175 N N9    . DG  A 9  ? 0.1445 0.1265 0.1555 -0.0062 -0.0151 0.0063  109 DG  A N9    
176 C C8    . DG  A 9  ? 0.1750 0.1499 0.1546 0.0006  0.0169  0.0102  109 DG  A C8    
177 N N7    . DG  A 9  ? 0.1637 0.1295 0.1759 0.0030  -0.0106 0.0130  109 DG  A N7    
178 C C5    . DG  A 9  ? 0.1550 0.1626 0.1755 -0.0051 0.0072  0.0085  109 DG  A C5    
179 C C6    . DG  A 9  ? 0.1532 0.1263 0.1647 -0.0235 -0.0035 0.0039  109 DG  A C6    
180 O O6    . DG  A 9  ? 0.1675 0.1539 0.2012 0.0040  0.0078  0.0045  109 DG  A O6    
181 N N1    . DG  A 9  ? 0.1595 0.1407 0.1550 -0.0048 0.0039  0.0035  109 DG  A N1    
182 C C2    . DG  A 9  ? 0.1623 0.1573 0.1553 0.0019  0.0064  0.0041  109 DG  A C2    
183 N N2    . DG  A 9  ? 0.1591 0.1600 0.2314 0.0143  -0.0013 0.0182  109 DG  A N2    
184 N N3    . DG  A 9  ? 0.1167 0.1550 0.1621 -0.0197 -0.0005 0.0015  109 DG  A N3    
185 C C4    . DG  A 9  ? 0.1753 0.1112 0.1447 -0.0068 -0.0160 -0.0010 109 DG  A C4    
186 P P     . DC  A 10 ? 0.1865 0.1876 0.2027 -0.0042 -0.0165 0.0204  110 DC  A P     
187 O OP1   . DC  A 10 ? 0.2051 0.2136 0.2584 -0.0027 0.0104  0.0093  110 DC  A OP1   
188 O OP2   . DC  A 10 ? 0.1708 0.1740 0.2398 0.0047  -0.0262 0.0192  110 DC  A OP2   
189 O "O5'" . DC  A 10 ? 0.1576 0.2278 0.2622 -0.0113 -0.0016 -0.0048 110 DC  A "O5'" 
190 C "C5'" . DC  A 10 ? 0.1307 0.2063 0.1984 0.0138  0.0071  0.0161  110 DC  A "C5'" 
191 C "C4'" . DC  A 10 ? 0.2285 0.1849 0.1789 -0.0400 0.0005  0.0306  110 DC  A "C4'" 
192 O "O4'" . DC  A 10 ? 0.1785 0.1523 0.1810 -0.0197 -0.0022 0.0221  110 DC  A "O4'" 
193 C "C3'" . DC  A 10 ? 0.1755 0.1925 0.1879 -0.0238 -0.0088 0.0382  110 DC  A "C3'" 
194 O "O3'" . DC  A 10 ? 0.1626 0.1854 0.1837 -0.0099 0.0042  0.0186  110 DC  A "O3'" 
195 C "C2'" . DC  A 10 ? 0.1630 0.1517 0.1730 -0.0272 0.0029  0.0325  110 DC  A "C2'" 
196 C "C1'" . DC  A 10 ? 0.1551 0.1486 0.1605 -0.0258 -0.0050 0.0048  110 DC  A "C1'" 
197 N N1    . DC  A 10 ? 0.1199 0.1559 0.2033 -0.0295 -0.0118 -0.0039 110 DC  A N1    
198 C C2    . DC  A 10 ? 0.1484 0.1648 0.1521 -0.0076 0.0199  0.0029  110 DC  A C2    
199 O O2    . DC  A 10 ? 0.1430 0.1726 0.1562 -0.0038 -0.0180 0.0241  110 DC  A O2    
200 N N3    . DC  A 10 ? 0.1365 0.1412 0.1469 0.0085  0.0082  0.0015  110 DC  A N3    
201 C C4    . DC  A 10 ? 0.1487 0.1363 0.1599 -0.0199 -0.0047 -0.0229 110 DC  A C4    
202 N N4    . DC  A 10 ? 0.1935 0.1783 0.1914 -0.0557 0.0258  -0.0215 110 DC  A N4    
203 C C5    . DC  A 10 ? 0.1627 0.1160 0.2072 -0.0057 -0.0040 -0.0074 110 DC  A C5    
204 C C6    . DC  A 10 ? 0.1485 0.1457 0.2434 0.0188  -0.0028 0.0231  110 DC  A C6    
205 O "O5'" . DG  B 1  ? 0.3386 0.4265 0.2848 0.0066  0.0318  0.0221  201 DG  B "O5'" 
206 C "C5'" . DG  B 1  ? 0.3022 0.4092 0.3241 0.0234  0.0019  0.0503  201 DG  B "C5'" 
207 C "C4'" . DG  B 1  ? 0.3239 0.3123 0.3162 0.0495  -0.0127 0.0557  201 DG  B "C4'" 
208 O "O4'" . DG  B 1  ? 0.3456 0.3766 0.2948 -0.0187 0.0190  0.0723  201 DG  B "O4'" 
209 C "C3'" . DG  B 1  ? 0.2580 0.2836 0.2894 0.0282  0.0472  0.0419  201 DG  B "C3'" 
210 O "O3'" . DG  B 1  ? 0.2678 0.2992 0.2388 0.0336  0.0241  0.0374  201 DG  B "O3'" 
211 C "C2'" . DG  B 1  ? 0.2786 0.2834 0.2021 -0.0189 -0.0005 0.0892  201 DG  B "C2'" 
212 C "C1'" . DG  B 1  ? 0.3090 0.3484 0.2454 0.0099  0.0231  0.0264  201 DG  B "C1'" 
213 N N9    . DG  B 1  ? 0.2949 0.2901 0.2058 0.0408  0.0218  0.0518  201 DG  B N9    
214 C C8    . DG  B 1  ? 0.2983 0.3162 0.2447 0.0246  0.0292  0.0343  201 DG  B C8    
215 N N7    . DG  B 1  ? 0.2694 0.3572 0.2155 0.0218  -0.0050 0.0431  201 DG  B N7    
216 C C5    . DG  B 1  ? 0.2424 0.2677 0.2245 0.0281  0.0266  0.0164  201 DG  B C5    
217 C C6    . DG  B 1  ? 0.2124 0.1859 0.2104 0.0035  0.0084  0.0390  201 DG  B C6    
218 O O6    . DG  B 1  ? 0.2140 0.2378 0.2318 -0.0130 0.0470  0.0362  201 DG  B O6    
219 N N1    . DG  B 1  ? 0.2069 0.1927 0.2036 -0.0068 0.0286  0.0341  201 DG  B N1    
220 C C2    . DG  B 1  ? 0.2221 0.1923 0.1903 0.0082  0.0250  0.0368  201 DG  B C2    
221 N N2    . DG  B 1  ? 0.1558 0.1897 0.1786 -0.0385 -0.0087 0.0133  201 DG  B N2    
222 N N3    . DG  B 1  ? 0.1902 0.2557 0.2470 0.0171  -0.0116 0.0271  201 DG  B N3    
223 C C4    . DG  B 1  ? 0.2532 0.2392 0.1906 0.0248  -0.0222 0.0158  201 DG  B C4    
224 P P     . DC  B 2  ? 0.2556 0.2622 0.2337 0.0220  0.0300  0.0531  202 DC  B P     
225 O OP1   . DC  B 2  ? 0.3370 0.2704 0.3701 0.0177  0.0711  0.0650  202 DC  B OP1   
226 O OP2   . DC  B 2  ? 0.2483 0.3299 0.2551 0.0030  0.0115  0.0530  202 DC  B OP2   
227 O "O5'" . DC  B 2  ? 0.2162 0.2980 0.2297 0.0204  -0.0114 0.0173  202 DC  B "O5'" 
228 C "C5'" . DC  B 2  ? 0.2566 0.2885 0.2097 0.0304  0.0323  0.0242  202 DC  B "C5'" 
229 C "C4'" . DC  B 2  ? 0.2419 0.2673 0.2347 -0.0006 0.0233  0.0012  202 DC  B "C4'" 
230 O "O4'" . DC  B 2  ? 0.1942 0.2593 0.2255 -0.0103 -0.0186 0.0218  202 DC  B "O4'" 
231 C "C3'" . DC  B 2  ? 0.2512 0.2482 0.2085 0.0311  0.0468  0.0330  202 DC  B "C3'" 
232 O "O3'" . DC  B 2  ? 0.3445 0.3215 0.2705 0.0267  0.0181  0.0217  202 DC  B "O3'" 
233 C "C2'" . DC  B 2  ? 0.1923 0.2278 0.1974 0.0043  0.0601  0.0276  202 DC  B "C2'" 
234 C "C1'" . DC  B 2  ? 0.1629 0.2496 0.1471 0.0015  0.0257  0.0446  202 DC  B "C1'" 
235 N N1    . DC  B 2  ? 0.1271 0.1601 0.1721 -0.0038 -0.0045 0.0284  202 DC  B N1    
236 C C2    . DC  B 2  ? 0.1481 0.2045 0.1206 -0.0178 -0.0058 0.0003  202 DC  B C2    
237 O O2    . DC  B 2  ? 0.1397 0.1683 0.1617 -0.0157 0.0134  0.0257  202 DC  B O2    
238 N N3    . DC  B 2  ? 0.1872 0.1985 0.1769 -0.0123 0.0113  0.0130  202 DC  B N3    
239 C C4    . DC  B 2  ? 0.1619 0.2296 0.2154 -0.0021 0.0126  0.0442  202 DC  B C4    
240 N N4    . DC  B 2  ? 0.1871 0.1929 0.2160 -0.0018 0.0160  0.0252  202 DC  B N4    
241 C C5    . DC  B 2  ? 0.1723 0.2100 0.2070 -0.0072 0.0108  0.0549  202 DC  B C5    
242 C C6    . DC  B 2  ? 0.1714 0.2368 0.1826 -0.0115 0.0209  0.0271  202 DC  B C6    
243 P P     . DG  B 3  ? 0.3366 0.2828 0.3283 0.0204  0.0263  0.0217  203 DG  B P     
244 O OP1   . DG  B 3  ? 0.2912 0.3027 0.3324 -0.0220 0.0554  0.0762  203 DG  B OP1   
245 O OP2   . DG  B 3  ? 0.3466 0.2449 0.4418 -0.0348 0.0835  0.0742  203 DG  B OP2   
246 O "O5'" . DG  B 3  ? 0.2647 0.2949 0.3182 -0.0020 -0.0533 0.0264  203 DG  B "O5'" 
247 C "C5'" . DG  B 3  ? 0.1603 0.2818 0.2798 0.0059  -0.0389 -0.0015 203 DG  B "C5'" 
248 C "C4'" . DG  B 3  ? 0.2088 0.1983 0.3261 -0.0352 -0.0036 -0.0001 203 DG  B "C4'" 
249 O "O4'" . DG  B 3  ? 0.1691 0.2283 0.3071 -0.0161 0.0140  0.0175  203 DG  B "O4'" 
250 C "C3'" . DG  B 3  ? 0.2035 0.1706 0.2703 -0.0160 -0.0188 0.0014  203 DG  B "C3'" 
251 O "O3'" . DG  B 3  ? 0.1553 0.2311 0.2812 -0.0041 0.0164  -0.0127 203 DG  B "O3'" 
252 C "C2'" . DG  B 3  ? 0.1717 0.2095 0.2420 0.0026  -0.0027 0.0138  203 DG  B "C2'" 
253 C "C1'" . DG  B 3  ? 0.2470 0.1884 0.2668 -0.0117 0.0148  0.0213  203 DG  B "C1'" 
254 N N9    . DG  B 3  ? 0.1751 0.1814 0.2161 -0.0082 0.0080  0.0129  203 DG  B N9    
255 C C8    . DG  B 3  ? 0.2045 0.1553 0.2097 0.0169  0.0005  0.0286  203 DG  B C8    
256 N N7    . DG  B 3  ? 0.1463 0.1509 0.2167 -0.0024 -0.0029 0.0293  203 DG  B N7    
257 C C5    . DG  B 3  ? 0.1639 0.1802 0.1950 -0.0071 -0.0251 0.0110  203 DG  B C5    
258 C C6    . DG  B 3  ? 0.1462 0.1694 0.1429 -0.0056 -0.0123 0.0004  203 DG  B C6    
259 O O6    . DG  B 3  ? 0.1678 0.1966 0.1746 0.0083  -0.0107 -0.0039 203 DG  B O6    
260 N N1    . DG  B 3  ? 0.1410 0.1585 0.1548 -0.0107 -0.0036 0.0170  203 DG  B N1    
261 C C2    . DG  B 3  ? 0.1400 0.1200 0.1650 0.0024  -0.0012 0.0245  203 DG  B C2    
262 N N2    . DG  B 3  ? 0.1700 0.1533 0.1533 -0.0087 -0.0313 0.0127  203 DG  B N2    
263 N N3    . DG  B 3  ? 0.1500 0.1390 0.2154 0.0007  -0.0029 0.0169  203 DG  B N3    
264 C C4    . DG  B 3  ? 0.1645 0.1584 0.2084 0.0134  -0.0084 0.0144  203 DG  B C4    
265 P P     . DT  B 4  ? 0.2217 0.1917 0.2676 -0.0062 0.0043  -0.0167 204 DT  B P     
266 O OP1   . DT  B 4  ? 0.2237 0.2300 0.3159 -0.0269 0.0198  -0.0279 204 DT  B OP1   
267 O OP2   . DT  B 4  ? 0.2202 0.1477 0.2758 0.0212  0.0023  -0.0105 204 DT  B OP2   
268 O "O5'" . DT  B 4  ? 0.1880 0.2051 0.2510 -0.0244 0.0059  0.0034  204 DT  B "O5'" 
269 C "C5'" . DT  B 4  ? 0.2038 0.1669 0.2183 0.0224  0.0089  0.0311  204 DT  B "C5'" 
270 C "C4'" . DT  B 4  ? 0.1789 0.2093 0.2339 -0.0200 0.0060  -0.0216 204 DT  B "C4'" 
271 O "O4'" . DT  B 4  ? 0.1700 0.1732 0.2563 0.0011  0.0151  0.0061  204 DT  B "O4'" 
272 C "C3'" . DT  B 4  ? 0.1553 0.1877 0.1913 0.0067  -0.0024 -0.0080 204 DT  B "C3'" 
273 O "O3'" . DT  B 4  ? 0.1887 0.1997 0.2257 -0.0182 0.0207  -0.0176 204 DT  B "O3'" 
274 C "C2'" . DT  B 4  ? 0.1838 0.1895 0.1601 0.0043  0.0240  0.0107  204 DT  B "C2'" 
275 C "C1'" . DT  B 4  ? 0.1439 0.1942 0.1893 0.0250  -0.0089 0.0073  204 DT  B "C1'" 
276 N N1    . DT  B 4  ? 0.1708 0.1693 0.2160 -0.0115 0.0227  0.0191  204 DT  B N1    
277 C C2    . DT  B 4  ? 0.1576 0.1703 0.1858 0.0086  -0.0016 -0.0040 204 DT  B C2    
278 O O2    . DT  B 4  ? 0.1435 0.2050 0.1950 0.0151  0.0139  0.0037  204 DT  B O2    
279 N N3    . DT  B 4  ? 0.1368 0.1899 0.1751 -0.0224 -0.0184 0.0241  204 DT  B N3    
280 C C4    . DT  B 4  ? 0.1588 0.1425 0.1813 -0.0222 -0.0208 -0.0002 204 DT  B C4    
281 O O4    . DT  B 4  ? 0.1626 0.1469 0.2292 0.0018  -0.0125 0.0011  204 DT  B O4    
282 C C5    . DT  B 4  ? 0.1549 0.1685 0.1915 -0.0141 0.0028  0.0078  204 DT  B C5    
283 C C7    . DT  B 4  ? 0.1888 0.1798 0.2043 -0.0299 0.0007  0.0383  204 DT  B C7    
284 C C6    . DT  B 4  ? 0.1229 0.2046 0.2250 -0.0016 0.0006  0.0088  204 DT  B C6    
285 P P     . DA  B 5  ? 0.2005 0.1943 0.2283 0.0087  0.0112  -0.0149 205 DA  B P     
286 O OP1   . DA  B 5  ? 0.2321 0.2582 0.2422 0.0203  0.0167  -0.0369 205 DA  B OP1   
287 O OP2   . DA  B 5  ? 0.1737 0.2012 0.2621 0.0234  0.0041  -0.0186 205 DA  B OP2   
288 O "O5'" . DA  B 5  ? 0.1758 0.1933 0.1962 0.0067  0.0004  -0.0085 205 DA  B "O5'" 
289 C "C5'" . DA  B 5  ? 0.1485 0.2023 0.1903 0.0035  -0.0131 0.0213  205 DA  B "C5'" 
290 C "C4'" . DA  B 5  ? 0.1866 0.2055 0.1726 -0.0067 0.0168  0.0045  205 DA  B "C4'" 
291 O "O4'" . DA  B 5  ? 0.1825 0.2110 0.1641 0.0012  0.0276  0.0152  205 DA  B "O4'" 
292 C "C3'" . DA  B 5  ? 0.1928 0.2104 0.1592 0.0008  0.0010  -0.0133 205 DA  B "C3'" 
293 O "O3'" . DA  B 5  ? 0.2074 0.2247 0.1459 -0.0424 -0.0125 0.0030  205 DA  B "O3'" 
294 C "C2'" . DA  B 5  ? 0.1837 0.1472 0.1674 -0.0045 0.0373  0.0072  205 DA  B "C2'" 
295 C "C1'" . DA  B 5  ? 0.1712 0.1995 0.1260 -0.0168 0.0213  -0.0221 205 DA  B "C1'" 
296 N N9    . DA  B 5  ? 0.1453 0.1452 0.1546 0.0063  0.0024  0.0054  205 DA  B N9    
297 C C8    . DA  B 5  ? 0.1394 0.2176 0.2049 -0.0180 0.0006  -0.0147 205 DA  B C8    
298 N N7    . DA  B 5  ? 0.1302 0.1729 0.1961 -0.0082 0.0048  0.0105  205 DA  B N7    
299 C C5    . DA  B 5  ? 0.1563 0.1580 0.1647 -0.0220 -0.0021 -0.0031 205 DA  B C5    
300 C C6    . DA  B 5  ? 0.1485 0.1483 0.1608 -0.0057 0.0042  0.0069  205 DA  B C6    
301 N N6    . DA  B 5  ? 0.1621 0.1986 0.1560 -0.0244 -0.0056 0.0158  205 DA  B N6    
302 N N1    . DA  B 5  ? 0.1175 0.1604 0.1513 -0.0227 -0.0141 0.0151  205 DA  B N1    
303 C C2    . DA  B 5  ? 0.1448 0.1875 0.1544 -0.0250 0.0041  0.0145  205 DA  B C2    
304 N N3    . DA  B 5  ? 0.1597 0.1569 0.1551 0.0126  0.0046  0.0160  205 DA  B N3    
305 C C4    . DA  B 5  ? 0.1427 0.1600 0.1393 0.0038  0.0068  0.0126  205 DA  B C4    
306 P P     . F3H B 6  ? 0.2239 0.2069 0.2075 -0.0246 0.0182  -0.0093 206 F3H B P     
307 N N1    . F3H B 6  ? 0.1672 0.1864 0.1510 -0.0114 -0.0025 0.0047  206 F3H B N1    
308 C C2    . F3H B 6  ? 0.1831 0.1605 0.1839 -0.0209 -0.0014 0.0014  206 F3H B C2    
309 O O2    . F3H B 6  ? 0.2034 0.2053 0.1845 -0.0146 0.0104  0.0049  206 F3H B O2    
310 N N3    . F3H B 6  ? 0.1642 0.1588 0.1552 -0.0238 0.0101  0.0144  206 F3H B N3    
311 C C4    . F3H B 6  ? 0.1629 0.1466 0.1585 -0.0179 0.0020  -0.0091 206 F3H B C4    
312 O O4    . F3H B 6  ? 0.1617 0.1825 0.1684 -0.0278 0.0040  0.0112  206 F3H B O4    
313 C C5    . F3H B 6  ? 0.1347 0.1206 0.1544 -0.0148 0.0245  0.0002  206 F3H B C5    
314 C C6    . F3H B 6  ? 0.1690 0.1838 0.1869 0.0231  -0.0015 0.0041  206 F3H B C6    
315 C "C1'" . F3H B 6  ? 0.1891 0.2141 0.1523 -0.0065 -0.0003 0.0092  206 F3H B "C1'" 
316 C "C2'" . F3H B 6  ? 0.1679 0.2305 0.2002 -0.0021 -0.0034 0.0081  206 F3H B "C2'" 
317 F "F2'" . F3H B 6  ? 0.2040 0.2636 0.1969 -0.0049 -0.0141 0.0468  206 F3H B "F2'" 
318 C "C3'" . F3H B 6  ? 0.1675 0.1609 0.1800 -0.0368 -0.0117 0.0187  206 F3H B "C3'" 
319 O "O3'" . F3H B 6  ? 0.1999 0.2498 0.1973 -0.0197 -0.0659 0.0055  206 F3H B "O3'" 
320 C "C4'" . F3H B 6  ? 0.1940 0.1980 0.1550 -0.0191 0.0100  0.0177  206 F3H B "C4'" 
321 O "O4'" . F3H B 6  ? 0.1947 0.2296 0.1659 -0.0169 -0.0271 0.0138  206 F3H B "O4'" 
322 C "C5'" . F3H B 6  ? 0.1968 0.2739 0.1917 0.0256  0.0134  -0.0034 206 F3H B "C5'" 
323 O "O5'" . F3H B 6  ? 0.1875 0.2179 0.1966 0.0003  -0.0023 0.0009  206 F3H B "O5'" 
324 C C5M   . F3H B 6  ? 0.1548 0.1666 0.1901 -0.0163 0.0447  0.0045  206 F3H B C5M   
325 C "C6'" . F3H B 6  ? 0.1797 0.1920 0.1653 -0.0003 0.0130  0.0282  206 F3H B "C6'" 
326 O OP1   . F3H B 6  ? 0.2785 0.2251 0.2212 -0.0164 0.0262  -0.0281 206 F3H B OP1   
327 O OP2   . F3H B 6  ? 0.2432 0.1715 0.2503 -0.0244 0.0490  0.0137  206 F3H B OP2   
328 P P     . DA  B 7  ? 0.2259 0.2382 0.2085 -0.0280 -0.0112 -0.0007 207 DA  B P     
329 O OP1   . DA  B 7  ? 0.2831 0.2675 0.2359 -0.0534 -0.0057 -0.0136 207 DA  B OP1   
330 O OP2   . DA  B 7  ? 0.2624 0.2364 0.2498 -0.0029 -0.0163 0.0261  207 DA  B OP2   
331 O "O5'" . DA  B 7  ? 0.1692 0.2099 0.2117 -0.0352 0.0001  -0.0154 207 DA  B "O5'" 
332 C "C5'" . DA  B 7  ? 0.1786 0.2456 0.2057 0.0094  -0.0132 0.0123  207 DA  B "C5'" 
333 C "C4'" . DA  B 7  ? 0.1877 0.2513 0.2305 -0.0311 -0.0242 0.0091  207 DA  B "C4'" 
334 O "O4'" . DA  B 7  ? 0.1894 0.2078 0.1952 -0.0167 -0.0289 0.0408  207 DA  B "O4'" 
335 C "C3'" . DA  B 7  ? 0.1750 0.1938 0.1902 -0.0537 -0.0111 -0.0090 207 DA  B "C3'" 
336 O "O3'" . DA  B 7  ? 0.2063 0.2828 0.2305 -0.0170 -0.0474 0.0001  207 DA  B "O3'" 
337 C "C2'" . DA  B 7  ? 0.1415 0.1964 0.1983 -0.0180 0.0089  -0.0008 207 DA  B "C2'" 
338 C "C1'" . DA  B 7  ? 0.1597 0.2446 0.1822 -0.0246 -0.0211 0.0107  207 DA  B "C1'" 
339 N N9    . DA  B 7  ? 0.1452 0.1958 0.1451 -0.0062 -0.0054 0.0173  207 DA  B N9    
340 C C8    . DA  B 7  ? 0.1416 0.1388 0.2054 0.0152  -0.0138 0.0092  207 DA  B C8    
341 N N7    . DA  B 7  ? 0.1435 0.1464 0.1562 -0.0048 -0.0201 0.0005  207 DA  B N7    
342 C C5    . DA  B 7  ? 0.1433 0.1335 0.1474 0.0018  0.0128  0.0225  207 DA  B C5    
343 C C6    . DA  B 7  ? 0.1692 0.1578 0.1724 -0.0350 -0.0063 0.0035  207 DA  B C6    
344 N N6    . DA  B 7  ? 0.1538 0.1415 0.1850 -0.0348 -0.0007 0.0262  207 DA  B N6    
345 N N1    . DA  B 7  ? 0.1398 0.1466 0.1904 -0.0001 0.0059  0.0019  207 DA  B N1    
346 C C2    . DA  B 7  ? 0.1489 0.1662 0.1461 -0.0196 -0.0047 0.0083  207 DA  B C2    
347 N N3    . DA  B 7  ? 0.1653 0.1980 0.1607 0.0265  -0.0111 0.0006  207 DA  B N3    
348 C C4    . DA  B 7  ? 0.1319 0.1557 0.1242 -0.0137 -0.0213 0.0176  207 DA  B C4    
349 P P     . DC  B 8  ? 0.2363 0.2362 0.2460 -0.0400 -0.0117 -0.0037 208 DC  B P     
350 O OP1   . DC  B 8  ? 0.2754 0.2489 0.2672 -0.1090 -0.0604 0.0332  208 DC  B OP1   
351 O OP2   . DC  B 8  ? 0.2939 0.3028 0.2401 -0.0240 -0.0242 0.0238  208 DC  B OP2   
352 O "O5'" . DC  B 8  ? 0.2224 0.2586 0.2057 -0.0333 -0.0096 0.0194  208 DC  B "O5'" 
353 C "C5'" . DC  B 8  ? 0.2090 0.2827 0.1677 0.0057  -0.0071 -0.0016 208 DC  B "C5'" 
354 C "C4'" . DC  B 8  ? 0.1621 0.1714 0.1963 -0.0212 -0.0206 0.0282  208 DC  B "C4'" 
355 O "O4'" . DC  B 8  ? 0.1488 0.2090 0.1847 -0.0173 -0.0255 0.0316  208 DC  B "O4'" 
356 C "C3'" . DC  B 8  ? 0.1750 0.1663 0.2213 -0.0226 -0.0325 0.0126  208 DC  B "C3'" 
357 O "O3'" . DC  B 8  ? 0.1803 0.2214 0.2425 -0.0015 -0.0390 0.0020  208 DC  B "O3'" 
358 C "C2'" . DC  B 8  ? 0.1607 0.1562 0.2148 -0.0082 0.0147  0.0120  208 DC  B "C2'" 
359 C "C1'" . DC  B 8  ? 0.1552 0.1985 0.1419 -0.0168 -0.0108 0.0471  208 DC  B "C1'" 
360 N N1    . DC  B 8  ? 0.1289 0.1414 0.1228 -0.0069 -0.0056 0.0102  208 DC  B N1    
361 C C2    . DC  B 8  ? 0.1524 0.1504 0.1185 -0.0024 0.0060  -0.0074 208 DC  B C2    
362 O O2    . DC  B 8  ? 0.1474 0.1766 0.1556 0.0113  0.0124  0.0145  208 DC  B O2    
363 N N3    . DC  B 8  ? 0.1513 0.1290 0.1378 0.0135  0.0071  0.0088  208 DC  B N3    
364 C C4    . DC  B 8  ? 0.1426 0.1537 0.1621 0.0098  0.0015  -0.0009 208 DC  B C4    
365 N N4    . DC  B 8  ? 0.1606 0.1398 0.2045 0.0007  0.0086  0.0155  208 DC  B N4    
366 C C5    . DC  B 8  ? 0.1049 0.1376 0.1518 -0.0010 -0.0204 -0.0022 208 DC  B C5    
367 C C6    . DC  B 8  ? 0.1426 0.1613 0.1350 0.0075  0.0256  0.0045  208 DC  B C6    
368 P P     . DG  B 9  ? 0.2365 0.2370 0.2472 -0.0337 -0.0086 0.0163  209 DG  B P     
369 O OP1   . DG  B 9  ? 0.2302 0.3092 0.2953 -0.0761 -0.0570 0.0161  209 DG  B OP1   
370 O OP2   . DG  B 9  ? 0.3126 0.2327 0.2633 -0.0507 0.0128  -0.0269 209 DG  B OP2   
371 O "O5'" . DG  B 9  ? 0.2275 0.2331 0.2007 -0.0253 -0.0009 0.0037  209 DG  B "O5'" 
372 C "C5'" . DG  B 9  ? 0.1761 0.1786 0.1520 -0.0252 -0.0055 -0.0134 209 DG  B "C5'" 
373 C "C4'" . DG  B 9  ? 0.1719 0.1588 0.1698 -0.0117 -0.0157 0.0232  209 DG  B "C4'" 
374 O "O4'" . DG  B 9  ? 0.1800 0.1569 0.1978 -0.0046 0.0148  0.0165  209 DG  B "O4'" 
375 C "C3'" . DG  B 9  ? 0.1854 0.1592 0.1683 -0.0095 0.0010  0.0191  209 DG  B "C3'" 
376 O "O3'" . DG  B 9  ? 0.2057 0.1997 0.2070 0.0072  0.0415  0.0261  209 DG  B "O3'" 
377 C "C2'" . DG  B 9  ? 0.1615 0.1732 0.1848 -0.0185 -0.0019 0.0226  209 DG  B "C2'" 
378 C "C1'" . DG  B 9  ? 0.1815 0.1872 0.1752 0.0018  0.0068  0.0138  209 DG  B "C1'" 
379 N N9    . DG  B 9  ? 0.1457 0.1522 0.1628 0.0028  -0.0063 0.0154  209 DG  B N9    
380 C C8    . DG  B 9  ? 0.1387 0.1370 0.1648 -0.0165 0.0071  0.0112  209 DG  B C8    
381 N N7    . DG  B 9  ? 0.1804 0.1290 0.1814 -0.0167 0.0168  -0.0002 209 DG  B N7    
382 C C5    . DG  B 9  ? 0.1950 0.1835 0.1882 0.0155  0.0102  0.0155  209 DG  B C5    
383 C C6    . DG  B 9  ? 0.1520 0.1512 0.1585 0.0163  -0.0011 -0.0006 209 DG  B C6    
384 O O6    . DG  B 9  ? 0.1997 0.1874 0.1832 0.0243  0.0412  0.0198  209 DG  B O6    
385 N N1    . DG  B 9  ? 0.1481 0.1560 0.1745 -0.0050 0.0034  -0.0018 209 DG  B N1    
386 C C2    . DG  B 9  ? 0.1628 0.1648 0.1451 -0.0147 0.0206  -0.0032 209 DG  B C2    
387 N N2    . DG  B 9  ? 0.1376 0.1287 0.1436 -0.0055 -0.0088 0.0086  209 DG  B N2    
388 N N3    . DG  B 9  ? 0.1716 0.1427 0.1570 0.0142  0.0037  -0.0040 209 DG  B N3    
389 C C4    . DG  B 9  ? 0.1694 0.1626 0.1647 -0.0125 0.0195  -0.0007 209 DG  B C4    
390 P P     . DC  B 10 ? 0.2332 0.1948 0.2115 -0.0076 0.0255  0.0220  210 DC  B P     
391 O OP1   . DC  B 10 ? 0.2404 0.2021 0.2827 -0.0191 0.0316  0.0170  210 DC  B OP1   
392 O OP2   . DC  B 10 ? 0.3269 0.2065 0.3062 -0.0002 0.0215  -0.0211 210 DC  B OP2   
393 O "O5'" . DC  B 10 ? 0.2204 0.1450 0.2198 0.0082  0.0131  0.0336  210 DC  B "O5'" 
394 C "C5'" . DC  B 10 ? 0.2253 0.1828 0.1705 0.0189  0.0005  0.0144  210 DC  B "C5'" 
395 C "C4'" . DC  B 10 ? 0.2739 0.2071 0.2130 -0.0012 0.0380  -0.0204 210 DC  B "C4'" 
396 O "O4'" . DC  B 10 ? 0.2157 0.1484 0.1553 -0.0177 0.0413  0.0289  210 DC  B "O4'" 
397 C "C3'" . DC  B 10 ? 0.2122 0.1634 0.1874 0.0353  -0.0030 0.0736  210 DC  B "C3'" 
398 O "O3'" . DC  B 10 ? 0.3140 0.2346 0.2302 0.0555  0.0243  0.1061  210 DC  B "O3'" 
399 C "C2'" . DC  B 10 ? 0.2272 0.1626 0.1953 0.0128  0.0030  0.0065  210 DC  B "C2'" 
400 C "C1'" . DC  B 10 ? 0.2368 0.1698 0.1290 0.0044  0.0051  0.0228  210 DC  B "C1'" 
401 N N1    . DC  B 10 ? 0.1962 0.1881 0.1313 -0.0052 -0.0003 0.0046  210 DC  B N1    
402 C C2    . DC  B 10 ? 0.1539 0.1506 0.1523 0.0159  0.0072  -0.0073 210 DC  B C2    
403 O O2    . DC  B 10 ? 0.1703 0.1865 0.1848 0.0199  -0.0051 -0.0072 210 DC  B O2    
404 N N3    . DC  B 10 ? 0.1733 0.1666 0.1783 -0.0007 0.0067  -0.0025 210 DC  B N3    
405 C C4    . DC  B 10 ? 0.1798 0.1292 0.2004 0.0232  0.0065  0.0042  210 DC  B C4    
406 N N4    . DC  B 10 ? 0.2358 0.1400 0.1603 0.0136  0.0138  -0.0020 210 DC  B N4    
407 C C5    . DC  B 10 ? 0.1586 0.0922 0.1561 0.0093  0.0224  0.0069  210 DC  B C5    
408 C C6    . DC  B 10 ? 0.1587 0.1497 0.1599 0.0075  0.0050  0.0052  210 DC  B C6    
409 O O     . HOH C .  ? 0.3235 0.2608 0.5797 0.0225  0.0968  -0.0959 1   HOH A O     
410 O O     . HOH C .  ? 0.3682 0.3057 0.3309 -0.1410 -0.0327 0.0579  4   HOH A O     
411 O O     . HOH C .  ? 0.2281 0.4467 0.2982 0.0136  -0.0747 0.0785  5   HOH A O     
412 O O     . HOH C .  ? 0.3314 0.3381 0.3479 0.0296  0.0303  0.0253  8   HOH A O     
413 O O     . HOH C .  ? 0.3755 0.3727 0.3394 0.0348  -0.0080 0.0034  9   HOH A O     
414 O O     . HOH C .  ? 0.2965 0.3880 0.4435 0.0647  -0.0319 0.0808  10  HOH A O     
415 O O     . HOH C .  ? 0.3721 0.5348 0.5216 0.1423  -0.0773 -0.0466 11  HOH A O     
416 O O     . HOH C .  ? 0.3857 0.5083 0.4106 0.0177  -0.1376 -0.1320 14  HOH A O     
417 O O     . HOH C .  ? 0.3708 0.3465 0.6431 0.0952  -0.1359 -0.1110 18  HOH A O     
418 O O     . HOH C .  ? 0.2322 0.2650 0.2038 -0.0251 0.0077  0.0079  20  HOH A O     
419 O O     . HOH C .  ? 0.1698 0.1976 0.2070 0.0284  -0.0112 -0.0219 21  HOH A O     
420 O O     . HOH C .  ? 0.4418 0.3600 0.5392 0.1307  0.0281  -0.0203 22  HOH A O     
421 O O     . HOH C .  ? 0.3157 0.2340 0.2621 0.0230  0.0720  0.0245  28  HOH A O     
422 O O     . HOH C .  ? 0.2966 0.3179 0.0765 0.0446  0.0342  -0.0120 30  HOH A O     
423 O O     . HOH C .  ? 0.3104 0.2626 0.5553 0.0631  0.0466  0.1052  31  HOH A O     
424 O O     . HOH C .  ? 0.5044 0.4527 0.3459 -0.0171 -0.0276 -0.0747 32  HOH A O     
425 O O     . HOH C .  ? 0.3471 0.3840 0.5424 0.0295  -0.0879 -0.0161 33  HOH A O     
426 O O     . HOH C .  ? 0.2860 0.2854 0.4318 -0.0158 0.0206  0.0225  34  HOH A O     
427 O O     . HOH C .  ? 0.4443 0.3413 0.3606 0.0933  -0.0488 0.0730  36  HOH A O     
428 O O     . HOH C .  ? 0.2795 0.2445 0.2797 0.0181  0.0287  -0.0016 37  HOH A O     
429 O O     . HOH C .  ? 0.3293 0.3727 0.5043 0.0364  0.0133  0.1108  38  HOH A O     
430 O O     . HOH C .  ? 0.1845 0.2446 0.3411 0.0550  0.0126  0.0475  39  HOH A O     
431 O O     . HOH C .  ? 0.2734 0.4373 0.3199 0.0713  0.0329  -0.0177 41  HOH A O     
432 O O     . HOH C .  ? 0.2644 0.2638 0.2608 -0.0196 0.0419  0.0018  42  HOH A O     
433 O O     . HOH C .  ? 0.2069 0.2047 0.2338 -0.0023 -0.0057 0.0312  43  HOH A O     
434 O O     . HOH C .  ? 0.1974 0.1811 0.1361 -0.0114 0.0126  0.0188  44  HOH A O     
435 O O     . HOH C .  ? 0.3095 0.2323 0.2930 0.0394  -0.0145 0.0251  45  HOH A O     
436 O O     . HOH C .  ? 0.3819 0.2929 0.5275 0.0221  0.0490  -0.0194 46  HOH A O     
437 O O     . HOH C .  ? 0.4229 0.5104 0.2771 0.1087  0.0836  0.0830  47  HOH A O     
438 O O     . HOH C .  ? 0.2924 0.3100 0.1877 0.0557  0.0280  0.0028  57  HOH A O     
439 O O     . HOH C .  ? 0.5087 0.5529 0.3362 0.0167  0.0862  0.1346  60  HOH A O     
440 O O     . HOH C .  ? 0.2202 0.3549 0.3416 -0.0481 -0.0180 -0.0164 61  HOH A O     
441 O O     . HOH C .  ? 0.2871 0.2578 0.3137 0.0079  0.0249  0.0516  62  HOH A O     
442 O O     . HOH C .  ? 0.2075 0.2113 0.1723 0.0238  0.0188  0.0045  63  HOH A O     
443 O O     . HOH C .  ? 0.4540 0.2723 0.4965 0.0146  0.1102  0.0621  64  HOH A O     
444 O O     . HOH C .  ? 0.5185 0.4447 0.3982 -0.0254 0.0580  0.0760  65  HOH A O     
445 O O     . HOH C .  ? 0.6975 0.7644 0.7854 0.1805  -0.2969 0.0113  69  HOH A O     
446 O O     . HOH C .  ? 0.2733 0.5783 0.2608 0.1444  0.0108  0.0778  70  HOH A O     
447 O O     . HOH C .  ? 0.3307 0.4065 0.2367 0.0621  -0.0163 0.1114  71  HOH A O     
448 O O     . HOH D .  ? 0.2396 0.1807 0.2751 0.0212  0.0362  -0.0158 2   HOH B O     
449 O O     . HOH D .  ? 0.2670 0.3373 0.3461 -0.0277 -0.0231 0.0592  3   HOH B O     
450 O O     . HOH D .  ? 0.2789 0.3810 0.4476 0.0074  0.1347  -0.0878 6   HOH B O     
451 O O     . HOH D .  ? 0.3874 0.3464 0.3786 0.0542  0.0290  0.0634  7   HOH B O     
452 O O     . HOH D .  ? 0.2476 0.3455 0.4080 0.0655  0.0191  0.0015  12  HOH B O     
453 O O     . HOH D .  ? 0.3182 0.2728 0.5508 -0.0319 -0.0016 0.0614  13  HOH B O     
454 O O     . HOH D .  ? 0.3048 0.2519 0.4250 0.0271  0.0947  0.0956  15  HOH B O     
455 O O     . HOH D .  ? 0.4397 0.5585 0.3510 0.0530  0.1246  0.2083  16  HOH B O     
456 O O     . HOH D .  ? 0.3702 0.6562 0.3432 0.0932  0.0526  0.0640  17  HOH B O     
457 O O     . HOH D .  ? 0.3666 0.2635 0.6486 0.0169  0.0233  0.0571  19  HOH B O     
458 O O     . HOH D .  ? 0.3948 0.2854 0.3570 0.0039  -0.0027 0.0475  23  HOH B O     
459 O O     . HOH D .  ? 0.5724 0.4334 0.3679 0.0129  -0.0442 0.0512  24  HOH B O     
460 O O     . HOH D .  ? 0.3036 0.2894 0.4978 0.0018  0.0205  -0.0236 25  HOH B O     
461 O O     . HOH D .  ? 0.2047 0.2223 0.3386 -0.0616 -0.0078 0.1093  26  HOH B O     
462 O O     . HOH D .  ? 0.3385 0.3233 0.3983 -0.0575 0.0481  0.0265  27  HOH B O     
463 O O     . HOH D .  ? 0.4821 0.3570 0.4325 -0.0354 0.0469  -0.0236 29  HOH B O     
464 O O     . HOH D .  ? 0.3553 0.3477 0.2956 -0.0041 0.0585  0.1091  35  HOH B O     
465 O O     . HOH D .  ? 0.3388 0.3841 0.4161 -0.0237 0.0693  -0.0215 40  HOH B O     
466 O O     . HOH D .  ? 0.3515 0.3955 0.2717 0.1332  0.0662  0.0786  48  HOH B O     
467 O O     . HOH D .  ? 0.2495 0.4595 0.2733 -0.0070 -0.0173 0.0227  49  HOH B O     
468 O O     . HOH D .  ? 0.3372 0.2869 0.2871 0.0403  0.0077  0.0676  50  HOH B O     
469 O O     . HOH D .  ? 0.1680 0.2286 0.2699 0.0026  -0.0154 0.0356  51  HOH B O     
470 O O     . HOH D .  ? 0.2394 0.1758 0.2458 -0.0007 0.0102  0.0175  52  HOH B O     
471 O O     . HOH D .  ? 0.2556 0.1854 0.2225 -0.0225 0.0084  -0.0157 53  HOH B O     
472 O O     . HOH D .  ? 0.2629 0.1741 0.2495 -0.0085 0.0293  0.0231  54  HOH B O     
473 O O     . HOH D .  ? 0.3328 0.2406 0.3457 -0.0084 -0.0006 0.0150  55  HOH B O     
474 O O     . HOH D .  ? 0.2004 0.2185 0.2380 0.0573  -0.0471 0.0072  56  HOH B O     
475 O O     . HOH D .  ? 0.3395 0.2081 0.2258 0.0088  0.0433  -0.0191 58  HOH B O     
476 O O     . HOH D .  ? 0.2500 0.2816 0.2384 0.0573  0.0395  -0.0261 59  HOH B O     
477 O O     . HOH D .  ? 0.2061 0.2158 0.2156 0.0168  0.0410  0.0202  66  HOH B O     
478 O O     . HOH D .  ? 0.2433 0.3847 0.3103 -0.0196 -0.0333 0.0449  67  HOH B O     
479 O O     . HOH D .  ? 0.1894 0.2185 0.2088 -0.0038 -0.0021 0.0055  68  HOH B O     
480 O O     . HOH D .  ? 0.3703 0.2351 0.2436 0.0089  -0.0092 0.0154  72  HOH B O     
481 O O     . HOH D .  ? 0.3999 0.3398 0.3177 0.0373  -0.0391 -0.0136 73  HOH B O     
482 O O     . HOH D .  ? 0.4974 0.3127 0.7295 -0.0229 -0.0542 -0.0495 74  HOH B O     
483 O O     . HOH D .  ? 0.2657 0.2586 0.2091 -0.0686 -0.0151 0.0508  75  HOH B O     
484 O O     . HOH D .  ? 0.2628 0.3718 0.2984 -0.0420 0.0303  0.0418  76  HOH B O     
# 
loop_
_pdbx_poly_seq_scheme.asym_id 
_pdbx_poly_seq_scheme.entity_id 
_pdbx_poly_seq_scheme.seq_id 
_pdbx_poly_seq_scheme.mon_id 
_pdbx_poly_seq_scheme.ndb_seq_num 
_pdbx_poly_seq_scheme.pdb_seq_num 
_pdbx_poly_seq_scheme.auth_seq_num 
_pdbx_poly_seq_scheme.pdb_mon_id 
_pdbx_poly_seq_scheme.auth_mon_id 
_pdbx_poly_seq_scheme.pdb_strand_id 
_pdbx_poly_seq_scheme.pdb_ins_code 
_pdbx_poly_seq_scheme.hetero 
A 1 1  DG  1  101 101 DG  DG  A . n 
A 1 2  DC  2  102 102 DC  DC  A . n 
A 1 3  DG  3  103 103 DG  DG  A . n 
A 1 4  DT  4  104 104 DT  DT  A . n 
A 1 5  DA  5  105 105 DA  DA  A . n 
A 1 6  F3H 6  106 106 F3H F3H A . n 
A 1 7  DA  7  107 107 DA  DA  A . n 
A 1 8  DC  8  108 108 DC  DC  A . n 
A 1 9  DG  9  109 109 DG  DG  A . n 
A 1 10 DC  10 110 110 DC  DC  A . n 
B 1 1  DG  1  201 201 DG  DG  B . n 
B 1 2  DC  2  202 202 DC  DC  B . n 
B 1 3  DG  3  203 203 DG  DG  B . n 
B 1 4  DT  4  204 204 DT  DT  B . n 
B 1 5  DA  5  205 205 DA  DA  B . n 
B 1 6  F3H 6  206 206 F3H F3H B . n 
B 1 7  DA  7  207 207 DA  DA  B . n 
B 1 8  DC  8  208 208 DC  DC  B . n 
B 1 9  DG  9  209 209 DG  DG  B . n 
B 1 10 DC  10 210 210 DC  DC  B . n 
# 
loop_
_pdbx_nonpoly_scheme.asym_id 
_pdbx_nonpoly_scheme.entity_id 
_pdbx_nonpoly_scheme.mon_id 
_pdbx_nonpoly_scheme.ndb_seq_num 
_pdbx_nonpoly_scheme.pdb_seq_num 
_pdbx_nonpoly_scheme.auth_seq_num 
_pdbx_nonpoly_scheme.pdb_mon_id 
_pdbx_nonpoly_scheme.auth_mon_id 
_pdbx_nonpoly_scheme.pdb_strand_id 
_pdbx_nonpoly_scheme.pdb_ins_code 
C 2 HOH 1  1  1  HOH HOH A . 
C 2 HOH 2  4  4  HOH HOH A . 
C 2 HOH 3  5  5  HOH HOH A . 
C 2 HOH 4  8  8  HOH HOH A . 
C 2 HOH 5  9  9  HOH HOH A . 
C 2 HOH 6  10 10 HOH HOH A . 
C 2 HOH 7  11 11 HOH HOH A . 
C 2 HOH 8  14 14 HOH HOH A . 
C 2 HOH 9  18 18 HOH HOH A . 
C 2 HOH 10 20 20 HOH HOH A . 
C 2 HOH 11 21 21 HOH HOH A . 
C 2 HOH 12 22 22 HOH HOH A . 
C 2 HOH 13 28 28 HOH HOH A . 
C 2 HOH 14 30 30 HOH HOH A . 
C 2 HOH 15 31 31 HOH HOH A . 
C 2 HOH 16 32 32 HOH HOH A . 
C 2 HOH 17 33 33 HOH HOH A . 
C 2 HOH 18 34 34 HOH HOH A . 
C 2 HOH 19 36 36 HOH HOH A . 
C 2 HOH 20 37 37 HOH HOH A . 
C 2 HOH 21 38 38 HOH HOH A . 
C 2 HOH 22 39 39 HOH HOH A . 
C 2 HOH 23 41 41 HOH HOH A . 
C 2 HOH 24 42 42 HOH HOH A . 
C 2 HOH 25 43 43 HOH HOH A . 
C 2 HOH 26 44 44 HOH HOH A . 
C 2 HOH 27 45 45 HOH HOH A . 
C 2 HOH 28 46 46 HOH HOH A . 
C 2 HOH 29 47 47 HOH HOH A . 
C 2 HOH 30 57 57 HOH HOH A . 
C 2 HOH 31 60 60 HOH HOH A . 
C 2 HOH 32 61 61 HOH HOH A . 
C 2 HOH 33 62 62 HOH HOH A . 
C 2 HOH 34 63 63 HOH HOH A . 
C 2 HOH 35 64 64 HOH HOH A . 
C 2 HOH 36 65 65 HOH HOH A . 
C 2 HOH 37 69 69 HOH HOH A . 
C 2 HOH 38 70 70 HOH HOH A . 
C 2 HOH 39 71 71 HOH HOH A . 
D 2 HOH 1  2  2  HOH HOH B . 
D 2 HOH 2  3  3  HOH HOH B . 
D 2 HOH 3  6  6  HOH HOH B . 
D 2 HOH 4  7  7  HOH HOH B . 
D 2 HOH 5  12 12 HOH HOH B . 
D 2 HOH 6  13 13 HOH HOH B . 
D 2 HOH 7  15 15 HOH HOH B . 
D 2 HOH 8  16 16 HOH HOH B . 
D 2 HOH 9  17 17 HOH HOH B . 
D 2 HOH 10 19 19 HOH HOH B . 
D 2 HOH 11 23 23 HOH HOH B . 
D 2 HOH 12 24 24 HOH HOH B . 
D 2 HOH 13 25 25 HOH HOH B . 
D 2 HOH 14 26 26 HOH HOH B . 
D 2 HOH 15 27 27 HOH HOH B . 
D 2 HOH 16 29 29 HOH HOH B . 
D 2 HOH 17 35 35 HOH HOH B . 
D 2 HOH 18 40 40 HOH HOH B . 
D 2 HOH 19 48 48 HOH HOH B . 
D 2 HOH 20 49 49 HOH HOH B . 
D 2 HOH 21 50 50 HOH HOH B . 
D 2 HOH 22 51 51 HOH HOH B . 
D 2 HOH 23 52 52 HOH HOH B . 
D 2 HOH 24 53 53 HOH HOH B . 
D 2 HOH 25 54 54 HOH HOH B . 
D 2 HOH 26 55 55 HOH HOH B . 
D 2 HOH 27 56 56 HOH HOH B . 
D 2 HOH 28 58 58 HOH HOH B . 
D 2 HOH 29 59 59 HOH HOH B . 
D 2 HOH 30 66 66 HOH HOH B . 
D 2 HOH 31 67 67 HOH HOH B . 
D 2 HOH 32 68 68 HOH HOH B . 
D 2 HOH 33 72 72 HOH HOH B . 
D 2 HOH 34 73 73 HOH HOH B . 
D 2 HOH 35 74 74 HOH HOH B . 
D 2 HOH 36 75 75 HOH HOH B . 
D 2 HOH 37 76 76 HOH HOH B . 
# 
loop_
_pdbx_struct_mod_residue.id 
_pdbx_struct_mod_residue.label_asym_id 
_pdbx_struct_mod_residue.label_comp_id 
_pdbx_struct_mod_residue.label_seq_id 
_pdbx_struct_mod_residue.auth_asym_id 
_pdbx_struct_mod_residue.auth_comp_id 
_pdbx_struct_mod_residue.auth_seq_id 
_pdbx_struct_mod_residue.PDB_ins_code 
_pdbx_struct_mod_residue.parent_comp_id 
_pdbx_struct_mod_residue.details 
1 A F3H 6 A F3H 106 ? DT ? 
2 B F3H 6 B F3H 206 ? DT ? 
# 
_pdbx_struct_assembly.id                   1 
_pdbx_struct_assembly.details              author_and_software_defined_assembly 
_pdbx_struct_assembly.method_details       PISA 
_pdbx_struct_assembly.oligomeric_details   dimeric 
_pdbx_struct_assembly.oligomeric_count     2 
# 
_pdbx_struct_assembly_gen.assembly_id       1 
_pdbx_struct_assembly_gen.oper_expression   1 
_pdbx_struct_assembly_gen.asym_id_list      A,B,C,D 
# 
loop_
_pdbx_struct_assembly_prop.biol_id 
_pdbx_struct_assembly_prop.type 
_pdbx_struct_assembly_prop.value 
_pdbx_struct_assembly_prop.details 
1 'ABSA (A^2)' 980  ? 
1 MORE         -1   ? 
1 'SSA (A^2)'  3750 ? 
# 
_pdbx_struct_oper_list.id                   1 
_pdbx_struct_oper_list.type                 'identity operation' 
_pdbx_struct_oper_list.name                 1_555 
_pdbx_struct_oper_list.symmetry_operation   x,y,z 
_pdbx_struct_oper_list.matrix[1][1]         1.0000000000 
_pdbx_struct_oper_list.matrix[1][2]         0.0000000000 
_pdbx_struct_oper_list.matrix[1][3]         0.0000000000 
_pdbx_struct_oper_list.vector[1]            0.0000000000 
_pdbx_struct_oper_list.matrix[2][1]         0.0000000000 
_pdbx_struct_oper_list.matrix[2][2]         1.0000000000 
_pdbx_struct_oper_list.matrix[2][3]         0.0000000000 
_pdbx_struct_oper_list.vector[2]            0.0000000000 
_pdbx_struct_oper_list.matrix[3][1]         0.0000000000 
_pdbx_struct_oper_list.matrix[3][2]         0.0000000000 
_pdbx_struct_oper_list.matrix[3][3]         1.0000000000 
_pdbx_struct_oper_list.vector[3]            0.0000000000 
# 
loop_
_pdbx_audit_revision_history.ordinal 
_pdbx_audit_revision_history.data_content_type 
_pdbx_audit_revision_history.major_revision 
_pdbx_audit_revision_history.minor_revision 
_pdbx_audit_revision_history.revision_date 
1 'Structure model' 1 0 2012-01-18 
2 'Structure model' 1 1 2023-09-13 
# 
_pdbx_audit_revision_details.ordinal             1 
_pdbx_audit_revision_details.revision_ordinal    1 
_pdbx_audit_revision_details.data_content_type   'Structure model' 
_pdbx_audit_revision_details.provider            repository 
_pdbx_audit_revision_details.type                'Initial release' 
_pdbx_audit_revision_details.description         ? 
_pdbx_audit_revision_details.details             ? 
# 
loop_
_pdbx_audit_revision_group.ordinal 
_pdbx_audit_revision_group.revision_ordinal 
_pdbx_audit_revision_group.data_content_type 
_pdbx_audit_revision_group.group 
1 2 'Structure model' 'Data collection'        
2 2 'Structure model' 'Database references'    
3 2 'Structure model' 'Refinement description' 
# 
loop_
_pdbx_audit_revision_category.ordinal 
_pdbx_audit_revision_category.revision_ordinal 
_pdbx_audit_revision_category.data_content_type 
_pdbx_audit_revision_category.category 
1 2 'Structure model' chem_comp_atom                
2 2 'Structure model' chem_comp_bond                
3 2 'Structure model' database_2                    
4 2 'Structure model' pdbx_initial_refinement_model 
# 
loop_
_pdbx_audit_revision_item.ordinal 
_pdbx_audit_revision_item.revision_ordinal 
_pdbx_audit_revision_item.data_content_type 
_pdbx_audit_revision_item.item 
1 2 'Structure model' '_database_2.pdbx_DOI'                
2 2 'Structure model' '_database_2.pdbx_database_accession' 
# 
loop_
_software.name 
_software.classification 
_software.version 
_software.citation_id 
_software.pdbx_ordinal 
MD2      'data collection' .        ? 1 
MOLREP   phasing           .        ? 2 
CCP4     'model building'  .        ? 3 
REFMAC   refinement        5.5.0109 ? 4 
HKL-2000 'data reduction'  .        ? 5 
HKL-2000 'data scaling'    .        ? 6 
CCP4     phasing           .        ? 7 
# 
_pdbx_validate_rmsd_bond.id                        1 
_pdbx_validate_rmsd_bond.PDB_model_num             1 
_pdbx_validate_rmsd_bond.auth_atom_id_1            "O3'" 
_pdbx_validate_rmsd_bond.auth_asym_id_1            B 
_pdbx_validate_rmsd_bond.auth_comp_id_1            DG 
_pdbx_validate_rmsd_bond.auth_seq_id_1             201 
_pdbx_validate_rmsd_bond.PDB_ins_code_1            ? 
_pdbx_validate_rmsd_bond.label_alt_id_1            ? 
_pdbx_validate_rmsd_bond.auth_atom_id_2            "C3'" 
_pdbx_validate_rmsd_bond.auth_asym_id_2            B 
_pdbx_validate_rmsd_bond.auth_comp_id_2            DG 
_pdbx_validate_rmsd_bond.auth_seq_id_2             201 
_pdbx_validate_rmsd_bond.PDB_ins_code_2            ? 
_pdbx_validate_rmsd_bond.label_alt_id_2            ? 
_pdbx_validate_rmsd_bond.bond_value                1.355 
_pdbx_validate_rmsd_bond.bond_target_value         1.419 
_pdbx_validate_rmsd_bond.bond_deviation            -0.064 
_pdbx_validate_rmsd_bond.bond_standard_deviation   0.006 
_pdbx_validate_rmsd_bond.linker_flag               N 
# 
loop_
_pdbx_validate_rmsd_angle.id 
_pdbx_validate_rmsd_angle.PDB_model_num 
_pdbx_validate_rmsd_angle.auth_atom_id_1 
_pdbx_validate_rmsd_angle.auth_asym_id_1 
_pdbx_validate_rmsd_angle.auth_comp_id_1 
_pdbx_validate_rmsd_angle.auth_seq_id_1 
_pdbx_validate_rmsd_angle.PDB_ins_code_1 
_pdbx_validate_rmsd_angle.label_alt_id_1 
_pdbx_validate_rmsd_angle.auth_atom_id_2 
_pdbx_validate_rmsd_angle.auth_asym_id_2 
_pdbx_validate_rmsd_angle.auth_comp_id_2 
_pdbx_validate_rmsd_angle.auth_seq_id_2 
_pdbx_validate_rmsd_angle.PDB_ins_code_2 
_pdbx_validate_rmsd_angle.label_alt_id_2 
_pdbx_validate_rmsd_angle.auth_atom_id_3 
_pdbx_validate_rmsd_angle.auth_asym_id_3 
_pdbx_validate_rmsd_angle.auth_comp_id_3 
_pdbx_validate_rmsd_angle.auth_seq_id_3 
_pdbx_validate_rmsd_angle.PDB_ins_code_3 
_pdbx_validate_rmsd_angle.label_alt_id_3 
_pdbx_validate_rmsd_angle.angle_value 
_pdbx_validate_rmsd_angle.angle_target_value 
_pdbx_validate_rmsd_angle.angle_deviation 
_pdbx_validate_rmsd_angle.angle_standard_deviation 
_pdbx_validate_rmsd_angle.linker_flag 
1 1 "O4'" A DG 101 ? ? "C1'" A DG 101 ? ? "C2'" A DG 101 ? ? 111.24 106.80 4.44  0.50 N 
2 1 "O4'" A DC 102 ? ? "C4'" A DC 102 ? ? "C3'" A DC 102 ? ? 99.00  104.50 -5.50 0.40 N 
3 1 "O4'" A DC 102 ? ? "C1'" A DC 102 ? ? N1    A DC 102 ? ? 110.12 108.30 1.82  0.30 N 
4 1 N1    A DC 102 ? ? C2    A DC 102 ? ? O2    A DC 102 ? ? 115.28 118.90 -3.62 0.60 N 
5 1 "O4'" A DG 109 ? ? "C4'" A DG 109 ? ? "C3'" A DG 109 ? ? 101.83 104.50 -2.67 0.40 N 
6 1 "O4'" B DT 204 ? ? "C4'" B DT 204 ? ? "C3'" B DT 204 ? ? 101.35 104.50 -3.15 0.40 N 
7 1 C2    B DA 207 ? ? N3    B DA 207 ? ? C4    B DA 207 ? ? 113.69 110.60 3.09  0.50 N 
8 1 "O4'" B DC 210 ? ? "C4'" B DC 210 ? ? "C3'" B DC 210 ? ? 101.07 104.50 -3.43 0.40 N 
# 
loop_
_chem_comp_atom.comp_id 
_chem_comp_atom.atom_id 
_chem_comp_atom.type_symbol 
_chem_comp_atom.pdbx_aromatic_flag 
_chem_comp_atom.pdbx_stereo_config 
_chem_comp_atom.pdbx_ordinal 
DA  OP3    O N N 1   
DA  P      P N N 2   
DA  OP1    O N N 3   
DA  OP2    O N N 4   
DA  "O5'"  O N N 5   
DA  "C5'"  C N N 6   
DA  "C4'"  C N R 7   
DA  "O4'"  O N N 8   
DA  "C3'"  C N S 9   
DA  "O3'"  O N N 10  
DA  "C2'"  C N N 11  
DA  "C1'"  C N R 12  
DA  N9     N Y N 13  
DA  C8     C Y N 14  
DA  N7     N Y N 15  
DA  C5     C Y N 16  
DA  C6     C Y N 17  
DA  N6     N N N 18  
DA  N1     N Y N 19  
DA  C2     C Y N 20  
DA  N3     N Y N 21  
DA  C4     C Y N 22  
DA  HOP3   H N N 23  
DA  HOP2   H N N 24  
DA  "H5'"  H N N 25  
DA  "H5''" H N N 26  
DA  "H4'"  H N N 27  
DA  "H3'"  H N N 28  
DA  "HO3'" H N N 29  
DA  "H2'"  H N N 30  
DA  "H2''" H N N 31  
DA  "H1'"  H N N 32  
DA  H8     H N N 33  
DA  H61    H N N 34  
DA  H62    H N N 35  
DA  H2     H N N 36  
DC  OP3    O N N 37  
DC  P      P N N 38  
DC  OP1    O N N 39  
DC  OP2    O N N 40  
DC  "O5'"  O N N 41  
DC  "C5'"  C N N 42  
DC  "C4'"  C N R 43  
DC  "O4'"  O N N 44  
DC  "C3'"  C N S 45  
DC  "O3'"  O N N 46  
DC  "C2'"  C N N 47  
DC  "C1'"  C N R 48  
DC  N1     N N N 49  
DC  C2     C N N 50  
DC  O2     O N N 51  
DC  N3     N N N 52  
DC  C4     C N N 53  
DC  N4     N N N 54  
DC  C5     C N N 55  
DC  C6     C N N 56  
DC  HOP3   H N N 57  
DC  HOP2   H N N 58  
DC  "H5'"  H N N 59  
DC  "H5''" H N N 60  
DC  "H4'"  H N N 61  
DC  "H3'"  H N N 62  
DC  "HO3'" H N N 63  
DC  "H2'"  H N N 64  
DC  "H2''" H N N 65  
DC  "H1'"  H N N 66  
DC  H41    H N N 67  
DC  H42    H N N 68  
DC  H5     H N N 69  
DC  H6     H N N 70  
DG  OP3    O N N 71  
DG  P      P N N 72  
DG  OP1    O N N 73  
DG  OP2    O N N 74  
DG  "O5'"  O N N 75  
DG  "C5'"  C N N 76  
DG  "C4'"  C N R 77  
DG  "O4'"  O N N 78  
DG  "C3'"  C N S 79  
DG  "O3'"  O N N 80  
DG  "C2'"  C N N 81  
DG  "C1'"  C N R 82  
DG  N9     N Y N 83  
DG  C8     C Y N 84  
DG  N7     N Y N 85  
DG  C5     C Y N 86  
DG  C6     C N N 87  
DG  O6     O N N 88  
DG  N1     N N N 89  
DG  C2     C N N 90  
DG  N2     N N N 91  
DG  N3     N N N 92  
DG  C4     C Y N 93  
DG  HOP3   H N N 94  
DG  HOP2   H N N 95  
DG  "H5'"  H N N 96  
DG  "H5''" H N N 97  
DG  "H4'"  H N N 98  
DG  "H3'"  H N N 99  
DG  "HO3'" H N N 100 
DG  "H2'"  H N N 101 
DG  "H2''" H N N 102 
DG  "H1'"  H N N 103 
DG  H8     H N N 104 
DG  H1     H N N 105 
DG  H21    H N N 106 
DG  H22    H N N 107 
DT  OP3    O N N 108 
DT  P      P N N 109 
DT  OP1    O N N 110 
DT  OP2    O N N 111 
DT  "O5'"  O N N 112 
DT  "C5'"  C N N 113 
DT  "C4'"  C N R 114 
DT  "O4'"  O N N 115 
DT  "C3'"  C N S 116 
DT  "O3'"  O N N 117 
DT  "C2'"  C N N 118 
DT  "C1'"  C N R 119 
DT  N1     N N N 120 
DT  C2     C N N 121 
DT  O2     O N N 122 
DT  N3     N N N 123 
DT  C4     C N N 124 
DT  O4     O N N 125 
DT  C5     C N N 126 
DT  C7     C N N 127 
DT  C6     C N N 128 
DT  HOP3   H N N 129 
DT  HOP2   H N N 130 
DT  "H5'"  H N N 131 
DT  "H5''" H N N 132 
DT  "H4'"  H N N 133 
DT  "H3'"  H N N 134 
DT  "HO3'" H N N 135 
DT  "H2'"  H N N 136 
DT  "H2''" H N N 137 
DT  "H1'"  H N N 138 
DT  H3     H N N 139 
DT  H71    H N N 140 
DT  H72    H N N 141 
DT  H73    H N N 142 
DT  H6     H N N 143 
F3H P      P N N 144 
F3H N1     N N N 145 
F3H C2     C N N 146 
F3H O2     O N N 147 
F3H N3     N N N 148 
F3H C4     C N N 149 
F3H O4     O N N 150 
F3H C5     C N N 151 
F3H C6     C N N 152 
F3H "C1'"  C N R 153 
F3H "C2'"  C N S 154 
F3H "F2'"  F N N 155 
F3H "C3'"  C N R 156 
F3H "O3'"  O N N 157 
F3H "C4'"  C N R 158 
F3H "O4'"  O N N 159 
F3H "C5'"  C N N 160 
F3H "O5'"  O N N 161 
F3H C5M    C N N 162 
F3H "C6'"  C N N 163 
F3H OP1    O N N 164 
F3H OP2    O N N 165 
F3H OP3    O N N 166 
F3H HN3    H N N 167 
F3H H6     H N N 168 
F3H "H1'"  H N N 169 
F3H "H2'"  H N N 170 
F3H "H3'"  H N N 171 
F3H "HO3'" H N N 172 
F3H "H4'"  H N N 173 
F3H "H5'"  H N N 174 
F3H "H5'A" H N N 175 
F3H H5M    H N N 176 
F3H H5MA   H N N 177 
F3H H5MB   H N N 178 
F3H "H6'"  H N N 179 
F3H "H6'A" H N N 180 
F3H HOP1   H N N 181 
F3H HOP2   H N N 182 
HOH O      O N N 183 
HOH H1     H N N 184 
HOH H2     H N N 185 
# 
loop_
_chem_comp_bond.comp_id 
_chem_comp_bond.atom_id_1 
_chem_comp_bond.atom_id_2 
_chem_comp_bond.value_order 
_chem_comp_bond.pdbx_aromatic_flag 
_chem_comp_bond.pdbx_stereo_config 
_chem_comp_bond.pdbx_ordinal 
DA  OP3   P      sing N N 1   
DA  OP3   HOP3   sing N N 2   
DA  P     OP1    doub N N 3   
DA  P     OP2    sing N N 4   
DA  P     "O5'"  sing N N 5   
DA  OP2   HOP2   sing N N 6   
DA  "O5'" "C5'"  sing N N 7   
DA  "C5'" "C4'"  sing N N 8   
DA  "C5'" "H5'"  sing N N 9   
DA  "C5'" "H5''" sing N N 10  
DA  "C4'" "O4'"  sing N N 11  
DA  "C4'" "C3'"  sing N N 12  
DA  "C4'" "H4'"  sing N N 13  
DA  "O4'" "C1'"  sing N N 14  
DA  "C3'" "O3'"  sing N N 15  
DA  "C3'" "C2'"  sing N N 16  
DA  "C3'" "H3'"  sing N N 17  
DA  "O3'" "HO3'" sing N N 18  
DA  "C2'" "C1'"  sing N N 19  
DA  "C2'" "H2'"  sing N N 20  
DA  "C2'" "H2''" sing N N 21  
DA  "C1'" N9     sing N N 22  
DA  "C1'" "H1'"  sing N N 23  
DA  N9    C8     sing Y N 24  
DA  N9    C4     sing Y N 25  
DA  C8    N7     doub Y N 26  
DA  C8    H8     sing N N 27  
DA  N7    C5     sing Y N 28  
DA  C5    C6     sing Y N 29  
DA  C5    C4     doub Y N 30  
DA  C6    N6     sing N N 31  
DA  C6    N1     doub Y N 32  
DA  N6    H61    sing N N 33  
DA  N6    H62    sing N N 34  
DA  N1    C2     sing Y N 35  
DA  C2    N3     doub Y N 36  
DA  C2    H2     sing N N 37  
DA  N3    C4     sing Y N 38  
DC  OP3   P      sing N N 39  
DC  OP3   HOP3   sing N N 40  
DC  P     OP1    doub N N 41  
DC  P     OP2    sing N N 42  
DC  P     "O5'"  sing N N 43  
DC  OP2   HOP2   sing N N 44  
DC  "O5'" "C5'"  sing N N 45  
DC  "C5'" "C4'"  sing N N 46  
DC  "C5'" "H5'"  sing N N 47  
DC  "C5'" "H5''" sing N N 48  
DC  "C4'" "O4'"  sing N N 49  
DC  "C4'" "C3'"  sing N N 50  
DC  "C4'" "H4'"  sing N N 51  
DC  "O4'" "C1'"  sing N N 52  
DC  "C3'" "O3'"  sing N N 53  
DC  "C3'" "C2'"  sing N N 54  
DC  "C3'" "H3'"  sing N N 55  
DC  "O3'" "HO3'" sing N N 56  
DC  "C2'" "C1'"  sing N N 57  
DC  "C2'" "H2'"  sing N N 58  
DC  "C2'" "H2''" sing N N 59  
DC  "C1'" N1     sing N N 60  
DC  "C1'" "H1'"  sing N N 61  
DC  N1    C2     sing N N 62  
DC  N1    C6     sing N N 63  
DC  C2    O2     doub N N 64  
DC  C2    N3     sing N N 65  
DC  N3    C4     doub N N 66  
DC  C4    N4     sing N N 67  
DC  C4    C5     sing N N 68  
DC  N4    H41    sing N N 69  
DC  N4    H42    sing N N 70  
DC  C5    C6     doub N N 71  
DC  C5    H5     sing N N 72  
DC  C6    H6     sing N N 73  
DG  OP3   P      sing N N 74  
DG  OP3   HOP3   sing N N 75  
DG  P     OP1    doub N N 76  
DG  P     OP2    sing N N 77  
DG  P     "O5'"  sing N N 78  
DG  OP2   HOP2   sing N N 79  
DG  "O5'" "C5'"  sing N N 80  
DG  "C5'" "C4'"  sing N N 81  
DG  "C5'" "H5'"  sing N N 82  
DG  "C5'" "H5''" sing N N 83  
DG  "C4'" "O4'"  sing N N 84  
DG  "C4'" "C3'"  sing N N 85  
DG  "C4'" "H4'"  sing N N 86  
DG  "O4'" "C1'"  sing N N 87  
DG  "C3'" "O3'"  sing N N 88  
DG  "C3'" "C2'"  sing N N 89  
DG  "C3'" "H3'"  sing N N 90  
DG  "O3'" "HO3'" sing N N 91  
DG  "C2'" "C1'"  sing N N 92  
DG  "C2'" "H2'"  sing N N 93  
DG  "C2'" "H2''" sing N N 94  
DG  "C1'" N9     sing N N 95  
DG  "C1'" "H1'"  sing N N 96  
DG  N9    C8     sing Y N 97  
DG  N9    C4     sing Y N 98  
DG  C8    N7     doub Y N 99  
DG  C8    H8     sing N N 100 
DG  N7    C5     sing Y N 101 
DG  C5    C6     sing N N 102 
DG  C5    C4     doub Y N 103 
DG  C6    O6     doub N N 104 
DG  C6    N1     sing N N 105 
DG  N1    C2     sing N N 106 
DG  N1    H1     sing N N 107 
DG  C2    N2     sing N N 108 
DG  C2    N3     doub N N 109 
DG  N2    H21    sing N N 110 
DG  N2    H22    sing N N 111 
DG  N3    C4     sing N N 112 
DT  OP3   P      sing N N 113 
DT  OP3   HOP3   sing N N 114 
DT  P     OP1    doub N N 115 
DT  P     OP2    sing N N 116 
DT  P     "O5'"  sing N N 117 
DT  OP2   HOP2   sing N N 118 
DT  "O5'" "C5'"  sing N N 119 
DT  "C5'" "C4'"  sing N N 120 
DT  "C5'" "H5'"  sing N N 121 
DT  "C5'" "H5''" sing N N 122 
DT  "C4'" "O4'"  sing N N 123 
DT  "C4'" "C3'"  sing N N 124 
DT  "C4'" "H4'"  sing N N 125 
DT  "O4'" "C1'"  sing N N 126 
DT  "C3'" "O3'"  sing N N 127 
DT  "C3'" "C2'"  sing N N 128 
DT  "C3'" "H3'"  sing N N 129 
DT  "O3'" "HO3'" sing N N 130 
DT  "C2'" "C1'"  sing N N 131 
DT  "C2'" "H2'"  sing N N 132 
DT  "C2'" "H2''" sing N N 133 
DT  "C1'" N1     sing N N 134 
DT  "C1'" "H1'"  sing N N 135 
DT  N1    C2     sing N N 136 
DT  N1    C6     sing N N 137 
DT  C2    O2     doub N N 138 
DT  C2    N3     sing N N 139 
DT  N3    C4     sing N N 140 
DT  N3    H3     sing N N 141 
DT  C4    O4     doub N N 142 
DT  C4    C5     sing N N 143 
DT  C5    C7     sing N N 144 
DT  C5    C6     doub N N 145 
DT  C7    H71    sing N N 146 
DT  C7    H72    sing N N 147 
DT  C7    H73    sing N N 148 
DT  C6    H6     sing N N 149 
F3H OP3   P      doub N N 150 
F3H OP1   P      sing N N 151 
F3H P     "O5'"  sing N N 152 
F3H P     OP2    sing N N 153 
F3H "C1'" N1     sing N N 154 
F3H N1    C6     sing N N 155 
F3H N1    C2     sing N N 156 
F3H C2    O2     doub N N 157 
F3H C2    N3     sing N N 158 
F3H N3    C4     sing N N 159 
F3H N3    HN3    sing N N 160 
F3H C5    C4     sing N N 161 
F3H C4    O4     doub N N 162 
F3H C6    C5     doub N N 163 
F3H C5    C5M    sing N N 164 
F3H C6    H6     sing N N 165 
F3H "C6'" "C1'"  sing N N 166 
F3H "C1'" "C2'"  sing N N 167 
F3H "C1'" "H1'"  sing N N 168 
F3H "F2'" "C2'"  sing N N 169 
F3H "C3'" "C2'"  sing N N 170 
F3H "C2'" "H2'"  sing N N 171 
F3H "C4'" "C3'"  sing N N 172 
F3H "C3'" "O3'"  sing N N 173 
F3H "C3'" "H3'"  sing N N 174 
F3H "O3'" "HO3'" sing N N 175 
F3H "C5'" "C4'"  sing N N 176 
F3H "C4'" "O4'"  sing N N 177 
F3H "C4'" "H4'"  sing N N 178 
F3H "O4'" "C6'"  sing N N 179 
F3H "C5'" "O5'"  sing N N 180 
F3H "C5'" "H5'"  sing N N 181 
F3H "C5'" "H5'A" sing N N 182 
F3H C5M   H5M    sing N N 183 
F3H C5M   H5MA   sing N N 184 
F3H C5M   H5MB   sing N N 185 
F3H "C6'" "H6'"  sing N N 186 
F3H "C6'" "H6'A" sing N N 187 
F3H OP1   HOP1   sing N N 188 
F3H OP2   HOP2   sing N N 189 
HOH O     H1     sing N N 190 
HOH O     H2     sing N N 191 
# 
loop_
_ndb_struct_conf_na.entry_id 
_ndb_struct_conf_na.feature 
3Q61 'a-form double helix' 
3Q61 'internal loop'       
# 
loop_
_ndb_struct_na_base_pair.model_number 
_ndb_struct_na_base_pair.i_label_asym_id 
_ndb_struct_na_base_pair.i_label_comp_id 
_ndb_struct_na_base_pair.i_label_seq_id 
_ndb_struct_na_base_pair.i_symmetry 
_ndb_struct_na_base_pair.j_label_asym_id 
_ndb_struct_na_base_pair.j_label_comp_id 
_ndb_struct_na_base_pair.j_label_seq_id 
_ndb_struct_na_base_pair.j_symmetry 
_ndb_struct_na_base_pair.shear 
_ndb_struct_na_base_pair.stretch 
_ndb_struct_na_base_pair.stagger 
_ndb_struct_na_base_pair.buckle 
_ndb_struct_na_base_pair.propeller 
_ndb_struct_na_base_pair.opening 
_ndb_struct_na_base_pair.pair_number 
_ndb_struct_na_base_pair.pair_name 
_ndb_struct_na_base_pair.i_auth_asym_id 
_ndb_struct_na_base_pair.i_auth_seq_id 
_ndb_struct_na_base_pair.i_PDB_ins_code 
_ndb_struct_na_base_pair.j_auth_asym_id 
_ndb_struct_na_base_pair.j_auth_seq_id 
_ndb_struct_na_base_pair.j_PDB_ins_code 
_ndb_struct_na_base_pair.hbond_type_28 
_ndb_struct_na_base_pair.hbond_type_12 
1 A DG 1  1_555 B DC 10 1_555 -0.244 -0.132 0.058  4.369  -5.908  -1.090 1 A_DG101:DC210_B A 101 ? B 210 ? 19 1 
1 A DC 2  1_555 B DG 9  1_555 0.226  -0.076 -0.089 6.977  -10.054 1.563  2 A_DC102:DG209_B A 102 ? B 209 ? 19 1 
1 A DG 3  1_555 B DC 8  1_555 -0.297 -0.133 -0.044 -7.678 -16.923 0.184  3 A_DG103:DC208_B A 103 ? B 208 ? 19 1 
1 A DT 4  1_555 B DA 7  1_555 -0.189 -0.085 -0.009 -4.657 -16.498 -1.270 4 A_DT104:DA207_B A 104 ? B 207 ? 20 1 
1 A DA 7  1_555 B DT 4  1_555 0.175  -0.138 -0.078 -4.913 -20.294 -0.604 5 A_DA107:DT204_B A 107 ? B 204 ? 20 1 
1 A DC 8  1_555 B DG 3  1_555 0.302  -0.138 0.237  -1.700 -14.677 1.295  6 A_DC108:DG203_B A 108 ? B 203 ? 19 1 
1 A DG 9  1_555 B DC 2  1_555 -0.138 -0.167 0.094  -4.052 -4.486  -0.216 7 A_DG109:DC202_B A 109 ? B 202 ? 19 1 
1 A DC 10 1_555 B DG 1  1_555 0.273  -0.139 0.020  3.784  2.826   -1.218 8 A_DC110:DG201_B A 110 ? B 201 ? 19 1 
# 
loop_
_ndb_struct_na_base_pair_step.model_number 
_ndb_struct_na_base_pair_step.i_label_asym_id_1 
_ndb_struct_na_base_pair_step.i_label_comp_id_1 
_ndb_struct_na_base_pair_step.i_label_seq_id_1 
_ndb_struct_na_base_pair_step.i_symmetry_1 
_ndb_struct_na_base_pair_step.j_label_asym_id_1 
_ndb_struct_na_base_pair_step.j_label_comp_id_1 
_ndb_struct_na_base_pair_step.j_label_seq_id_1 
_ndb_struct_na_base_pair_step.j_symmetry_1 
_ndb_struct_na_base_pair_step.i_label_asym_id_2 
_ndb_struct_na_base_pair_step.i_label_comp_id_2 
_ndb_struct_na_base_pair_step.i_label_seq_id_2 
_ndb_struct_na_base_pair_step.i_symmetry_2 
_ndb_struct_na_base_pair_step.j_label_asym_id_2 
_ndb_struct_na_base_pair_step.j_label_comp_id_2 
_ndb_struct_na_base_pair_step.j_label_seq_id_2 
_ndb_struct_na_base_pair_step.j_symmetry_2 
_ndb_struct_na_base_pair_step.shift 
_ndb_struct_na_base_pair_step.slide 
_ndb_struct_na_base_pair_step.rise 
_ndb_struct_na_base_pair_step.tilt 
_ndb_struct_na_base_pair_step.roll 
_ndb_struct_na_base_pair_step.twist 
_ndb_struct_na_base_pair_step.x_displacement 
_ndb_struct_na_base_pair_step.y_displacement 
_ndb_struct_na_base_pair_step.helical_rise 
_ndb_struct_na_base_pair_step.inclination 
_ndb_struct_na_base_pair_step.tip 
_ndb_struct_na_base_pair_step.helical_twist 
_ndb_struct_na_base_pair_step.step_number 
_ndb_struct_na_base_pair_step.step_name 
_ndb_struct_na_base_pair_step.i_auth_asym_id_1 
_ndb_struct_na_base_pair_step.i_auth_seq_id_1 
_ndb_struct_na_base_pair_step.i_PDB_ins_code_1 
_ndb_struct_na_base_pair_step.j_auth_asym_id_1 
_ndb_struct_na_base_pair_step.j_auth_seq_id_1 
_ndb_struct_na_base_pair_step.j_PDB_ins_code_1 
_ndb_struct_na_base_pair_step.i_auth_asym_id_2 
_ndb_struct_na_base_pair_step.i_auth_seq_id_2 
_ndb_struct_na_base_pair_step.i_PDB_ins_code_2 
_ndb_struct_na_base_pair_step.j_auth_asym_id_2 
_ndb_struct_na_base_pair_step.j_auth_seq_id_2 
_ndb_struct_na_base_pair_step.j_PDB_ins_code_2 
1 A DG 1 1_555 B DC 10 1_555 A DC 2  1_555 B DG 9 1_555 0.404  -1.218 3.269 1.305  0.753  37.520 -1.990 -0.458 3.256 1.170  -2.029 
37.549 1 AA_DG101DC102:DG209DC210_BB A 101 ? B 210 ? A 102 ? B 209 ? 
1 A DC 2 1_555 B DG 9  1_555 A DG 3  1_555 B DC 8 1_555 -0.160 -1.856 3.606 -0.783 8.274  29.207 -5.256 0.143  2.983 16.003 1.514  
30.342 2 AA_DC102DG103:DC208DG209_BB A 102 ? B 209 ? A 103 ? B 208 ? 
1 A DG 3 1_555 B DC 8  1_555 A DT 4  1_555 B DA 7 1_555 -1.039 -1.434 3.139 -2.739 4.642  34.946 -3.008 1.329  3.000 7.673  4.528  
35.347 3 AA_DG103DT104:DA207DC208_BB A 103 ? B 208 ? A 104 ? B 207 ? 
1 A DA 7 1_555 B DT 4  1_555 A DC 8  1_555 B DG 3 1_555 1.011  -1.952 3.096 1.641  1.583  32.825 -3.701 -1.522 3.046 2.796  -2.900 
32.902 4 AA_DA107DC108:DG203DT204_BB A 107 ? B 204 ? A 108 ? B 203 ? 
1 A DC 8 1_555 B DG 3  1_555 A DG 9  1_555 B DC 2 1_555 -0.360 -2.049 3.183 0.994  7.496  25.779 -6.121 1.001  2.483 16.357 -2.170 
26.847 5 AA_DC108DG109:DC202DG203_BB A 108 ? B 203 ? A 109 ? B 202 ? 
1 A DG 9 1_555 B DC 2  1_555 A DC 10 1_555 B DG 1 1_555 -0.016 -1.741 3.298 0.142  -2.514 34.171 -2.550 0.050  3.414 -4.272 -0.242 
34.261 6 AA_DG109DC110:DG201DC202_BB A 109 ? B 202 ? A 110 ? B 201 ? 
# 
_pdbx_entity_nonpoly.entity_id   2 
_pdbx_entity_nonpoly.name        water 
_pdbx_entity_nonpoly.comp_id     HOH 
# 
_pdbx_initial_refinement_model.id               1 
_pdbx_initial_refinement_model.entity_id_list   ? 
_pdbx_initial_refinement_model.type             'experimental model' 
_pdbx_initial_refinement_model.source_name      PDB 
_pdbx_initial_refinement_model.accession_code   3EY2 
_pdbx_initial_refinement_model.details          'PDB ENTRY 3EY2' 
# 
